data_1MMF
#
_entry.id   1MMF
#
_cell.length_a   93.70
_cell.length_b   110.07
_cell.length_c   114.69
_cell.angle_alpha   90.00
_cell.angle_beta   107.64
_cell.angle_gamma   90.00
#
_symmetry.space_group_name_H-M   'P 1 21 1'
#
loop_
_entity.id
_entity.type
_entity.pdbx_description
1 polymer 'glycerol dehydrase alpha subunit'
2 polymer 'glycerol dehydrase beta subunit'
3 polymer 'glycerol dehydrase gamma subunit'
4 non-polymer 'POTASSIUM ION'
5 non-polymer COBALAMIN
6 water water
#
loop_
_entity_poly.entity_id
_entity_poly.type
_entity_poly.pdbx_seq_one_letter_code
_entity_poly.pdbx_strand_id
1 'polypeptide(L)'
;MKRSKRFAVLAQRPVNQDGLIGEWPEEGLIAMDSPFDPVSSVKVDNGLIVELDGKRRDQFDMIDRFIADYAINVERTEQA
MRLEAVEIARMLVDIHVSREEIIAITTAITPAKAVEVMAQMNVVEMMMALQKMRARRTPSNQCHVTNLKDNPVQIAADAA
EAGIRGFSEQETTVGIARYAPFNALALLVGSQCGRPGVLTQCSVEEATELELGMRGLTSYAETVSVYGTEAVFTDGDDTP
WSKAFLASAYASRGLKMRYTSGTGSEALMGYSESKSMLYLESRCIFITKGAGVQGLQNGAVSCIGMTGAVPSGIRAVLAE
NLIASMLDLEVASANDQTFSHSDIRRTARTLMQMLPGTDFIFSGYSAVPNYDNMFAGSNFDAEDFDDYNILQRDLMVDGG
LRPVTEAETIAIRQKAARAIQAVFRELGLPPIADEEVEAATYAHGSNEMPPRNVVEDLSAVEEMMKRNITGLDIVGALSR
SGFEDIASNILNMLRQRVTGDYLQTSAILDRQFEVVSAVNDINDYQGPGTGYRISAERWAEIKNIPGVVQPDTIE
;
A,L
2 'polypeptide(L)'
;VQQTTQIQPSFTLKTREGGVASADERADEVVIGVGPAFDKHQHHTLIDMPHGAILKELIAGVEEEGLHARVVRILRTSDV
SFMAWDAANLSGSGIGIGIQSKGTTVIHQRDLLPLSNLELFSQAPLLTLETYRQIGKNAARYARKESPSPVPVVNDQMVR
PKFMAKAALFHIKETKHVVQDAEPVTLHIDLVRE
;
B,E
3 'polypeptide(L)'
;MSEKTMRVQDYPLATRCPEHILTPTGKPLTDITLEKVLSGEVGPQDVRISRQTLEYQAQIAEQMQRHAVARNFRRAAELI
AIPDERILAIYNALRPFRSSQAELLAIADELEHTWHATVNAAFVRESAEVYQQRHKLRKGS
;
G,M
#
loop_
_chem_comp.id
_chem_comp.type
_chem_comp.name
_chem_comp.formula
B12 non-polymer COBALAMIN 'C62 H89 Co N13 O14 P 2'
K non-polymer 'POTASSIUM ION' 'K 1'
#
# COMPACT_ATOMS: atom_id res chain seq x y z
N MET A 1 -20.13 -18.61 29.25
CA MET A 1 -20.08 -17.95 27.92
C MET A 1 -19.25 -16.66 27.88
N LYS A 2 -19.91 -15.59 27.43
CA LYS A 2 -19.31 -14.27 27.28
C LYS A 2 -18.54 -14.28 25.98
N ARG A 3 -18.42 -13.12 25.34
CA ARG A 3 -17.69 -13.05 24.09
C ARG A 3 -16.33 -12.41 24.27
N SER A 4 -15.47 -12.59 23.28
CA SER A 4 -14.13 -12.00 23.32
C SER A 4 -14.19 -10.54 22.93
N LYS A 5 -13.53 -9.69 23.70
CA LYS A 5 -13.52 -8.28 23.37
C LYS A 5 -12.68 -8.12 22.11
N ARG A 6 -11.67 -8.97 21.97
CA ARG A 6 -10.80 -8.94 20.82
C ARG A 6 -11.60 -9.01 19.53
N PHE A 7 -12.56 -9.93 19.52
CA PHE A 7 -13.41 -10.12 18.36
C PHE A 7 -14.50 -9.06 18.22
N ALA A 8 -14.80 -8.36 19.30
CA ALA A 8 -15.80 -7.30 19.23
C ALA A 8 -15.17 -6.11 18.50
N VAL A 9 -13.95 -5.78 18.89
CA VAL A 9 -13.20 -4.68 18.29
C VAL A 9 -13.02 -4.88 16.78
N LEU A 10 -12.64 -6.10 16.40
CA LEU A 10 -12.45 -6.41 14.98
C LEU A 10 -13.78 -6.30 14.26
N ALA A 11 -14.83 -6.88 14.85
CA ALA A 11 -16.15 -6.82 14.24
C ALA A 11 -16.55 -5.40 13.86
N GLN A 12 -16.09 -4.44 14.65
CA GLN A 12 -16.41 -3.04 14.43
C GLN A 12 -15.49 -2.39 13.38
N ARG A 13 -14.49 -3.14 12.92
CA ARG A 13 -13.55 -2.62 11.91
C ARG A 13 -14.20 -2.25 10.59
N PRO A 14 -13.92 -1.04 10.07
CA PRO A 14 -14.49 -0.56 8.81
C PRO A 14 -14.41 -1.55 7.65
N VAL A 15 -13.25 -2.17 7.46
CA VAL A 15 -13.08 -3.11 6.37
C VAL A 15 -14.20 -4.18 6.34
N ASN A 16 -14.73 -4.51 7.52
CA ASN A 16 -15.78 -5.51 7.62
C ASN A 16 -17.11 -5.03 7.03
N GLN A 17 -17.13 -3.84 6.44
CA GLN A 17 -18.35 -3.29 5.84
C GLN A 17 -18.39 -3.59 4.35
N ASP A 18 -17.20 -3.79 3.77
CA ASP A 18 -17.03 -4.10 2.34
C ASP A 18 -17.78 -5.36 1.90
N GLY A 19 -18.50 -5.28 0.79
CA GLY A 19 -19.22 -6.45 0.34
C GLY A 19 -18.33 -7.49 -0.34
N LEU A 20 -18.04 -8.58 0.37
CA LEU A 20 -17.23 -9.65 -0.18
C LEU A 20 -18.15 -10.84 -0.39
N ILE A 21 -17.82 -11.69 -1.35
CA ILE A 21 -18.64 -12.86 -1.61
C ILE A 21 -17.81 -14.04 -2.12
N GLY A 22 -18.36 -15.24 -1.98
CA GLY A 22 -17.70 -16.43 -2.45
C GLY A 22 -17.86 -16.44 -3.95
N GLU A 23 -17.11 -17.28 -4.67
CA GLU A 23 -17.23 -17.28 -6.12
C GLU A 23 -18.45 -18.03 -6.62
N TRP A 24 -19.07 -17.48 -7.67
CA TRP A 24 -20.25 -18.07 -8.29
C TRP A 24 -20.05 -17.95 -9.81
N PRO A 25 -19.28 -18.88 -10.39
CA PRO A 25 -18.96 -18.91 -11.82
C PRO A 25 -20.16 -18.82 -12.77
N GLU A 26 -21.20 -19.59 -12.47
CA GLU A 26 -22.40 -19.62 -13.30
C GLU A 26 -22.85 -18.22 -13.70
N GLU A 27 -22.74 -17.28 -12.76
CA GLU A 27 -23.15 -15.91 -13.02
C GLU A 27 -21.99 -14.94 -13.20
N GLY A 28 -20.82 -15.48 -13.53
CA GLY A 28 -19.65 -14.66 -13.75
C GLY A 28 -19.04 -14.01 -12.51
N LEU A 29 -19.42 -14.48 -11.33
CA LEU A 29 -18.89 -13.91 -10.09
C LEU A 29 -17.59 -14.57 -9.66
N ILE A 30 -16.57 -14.37 -10.48
CA ILE A 30 -15.25 -14.90 -10.22
C ILE A 30 -14.31 -14.04 -11.05
N ALA A 31 -13.19 -13.66 -10.44
CA ALA A 31 -12.20 -12.80 -11.07
C ALA A 31 -11.46 -13.37 -12.27
N MET A 32 -10.90 -14.57 -12.13
CA MET A 32 -10.12 -15.15 -13.20
C MET A 32 -10.41 -16.62 -13.46
N ASP A 33 -9.84 -17.12 -14.56
CA ASP A 33 -10.00 -18.50 -15.00
C ASP A 33 -11.24 -19.19 -14.45
N SER A 34 -12.39 -18.78 -14.95
CA SER A 34 -13.65 -19.37 -14.56
C SER A 34 -13.67 -20.76 -15.22
N PRO A 35 -14.30 -21.75 -14.57
CA PRO A 35 -14.32 -23.07 -15.20
C PRO A 35 -14.99 -23.08 -16.57
N PHE A 36 -15.66 -21.97 -16.88
CA PHE A 36 -16.37 -21.83 -18.16
C PHE A 36 -15.61 -21.02 -19.20
N ASP A 37 -14.51 -20.39 -18.82
CA ASP A 37 -13.73 -19.62 -19.77
C ASP A 37 -13.20 -20.60 -20.81
N PRO A 38 -13.07 -20.17 -22.07
CA PRO A 38 -12.59 -21.08 -23.11
C PRO A 38 -11.09 -21.28 -23.06
N VAL A 39 -10.61 -22.24 -23.84
CA VAL A 39 -9.18 -22.53 -23.93
C VAL A 39 -8.68 -21.71 -25.13
N SER A 40 -7.51 -21.10 -25.00
CA SER A 40 -7.00 -20.31 -26.10
C SER A 40 -6.67 -21.16 -27.32
N SER A 41 -7.00 -20.64 -28.49
CA SER A 41 -6.74 -21.35 -29.74
C SER A 41 -7.05 -20.42 -30.91
N VAL A 42 -6.56 -20.78 -32.09
CA VAL A 42 -6.78 -19.99 -33.30
C VAL A 42 -6.47 -20.80 -34.54
N LYS A 43 -7.09 -20.44 -35.65
CA LYS A 43 -6.87 -21.12 -36.93
C LYS A 43 -7.15 -20.12 -38.04
N VAL A 44 -6.35 -20.15 -39.10
CA VAL A 44 -6.53 -19.24 -40.22
C VAL A 44 -6.57 -19.97 -41.56
N ASP A 45 -7.52 -19.58 -42.41
CA ASP A 45 -7.68 -20.17 -43.72
C ASP A 45 -7.85 -19.02 -44.72
N ASN A 46 -6.91 -18.91 -45.66
CA ASN A 46 -6.95 -17.86 -46.66
C ASN A 46 -7.03 -16.46 -46.07
N GLY A 47 -6.27 -16.22 -45.00
CA GLY A 47 -6.27 -14.90 -44.38
C GLY A 47 -7.45 -14.53 -43.48
N LEU A 48 -8.19 -15.51 -43.00
CA LEU A 48 -9.32 -15.25 -42.11
C LEU A 48 -9.33 -16.22 -40.93
N ILE A 49 -9.28 -15.68 -39.72
CA ILE A 49 -9.32 -16.51 -38.53
C ILE A 49 -10.63 -17.29 -38.66
N VAL A 50 -10.51 -18.61 -38.75
CA VAL A 50 -11.67 -19.46 -38.90
C VAL A 50 -12.07 -20.14 -37.60
N GLU A 51 -11.21 -20.00 -36.60
CA GLU A 51 -11.47 -20.56 -35.27
C GLU A 51 -10.84 -19.61 -34.26
N LEU A 52 -11.56 -19.31 -33.18
CA LEU A 52 -11.08 -18.39 -32.14
C LEU A 52 -11.43 -18.84 -30.73
N ASP A 53 -10.42 -19.29 -29.98
CA ASP A 53 -10.62 -19.76 -28.62
C ASP A 53 -11.70 -20.83 -28.49
N GLY A 54 -11.53 -21.93 -29.22
CA GLY A 54 -12.46 -23.04 -29.16
C GLY A 54 -13.72 -22.95 -29.97
N LYS A 55 -13.97 -21.79 -30.59
CA LYS A 55 -15.17 -21.60 -31.39
C LYS A 55 -14.87 -21.44 -32.86
N ARG A 56 -15.63 -22.14 -33.69
CA ARG A 56 -15.45 -22.04 -35.14
C ARG A 56 -16.24 -20.83 -35.63
N ARG A 57 -15.75 -20.18 -36.67
CA ARG A 57 -16.39 -19.00 -37.23
C ARG A 57 -17.92 -19.12 -37.25
N ASP A 58 -18.41 -20.34 -37.47
CA ASP A 58 -19.84 -20.66 -37.52
C ASP A 58 -20.56 -20.13 -36.30
N GLN A 59 -19.94 -20.27 -35.14
CA GLN A 59 -20.58 -19.80 -33.93
C GLN A 59 -20.00 -18.52 -33.33
N PHE A 60 -19.43 -17.67 -34.19
CA PHE A 60 -18.90 -16.39 -33.73
C PHE A 60 -20.09 -15.52 -33.32
N ASP A 61 -19.91 -14.66 -32.33
CA ASP A 61 -20.98 -13.75 -31.96
C ASP A 61 -20.42 -12.41 -32.46
N MET A 62 -21.19 -11.33 -32.40
CA MET A 62 -20.67 -10.06 -32.90
C MET A 62 -19.26 -9.75 -32.42
N ILE A 63 -19.03 -9.91 -31.12
CA ILE A 63 -17.74 -9.65 -30.53
C ILE A 63 -16.67 -10.54 -31.15
N ASP A 64 -16.90 -11.84 -31.16
CA ASP A 64 -15.95 -12.78 -31.73
C ASP A 64 -15.57 -12.29 -33.14
N ARG A 65 -16.56 -12.26 -34.02
CA ARG A 65 -16.35 -11.82 -35.38
C ARG A 65 -15.59 -10.52 -35.51
N PHE A 66 -15.85 -9.58 -34.60
CA PHE A 66 -15.17 -8.30 -34.67
C PHE A 66 -13.70 -8.43 -34.29
N ILE A 67 -13.43 -9.17 -33.21
CA ILE A 67 -12.06 -9.36 -32.77
C ILE A 67 -11.27 -10.14 -33.81
N ALA A 68 -11.88 -11.21 -34.31
CA ALA A 68 -11.24 -12.06 -35.32
C ALA A 68 -10.85 -11.34 -36.62
N ASP A 69 -11.65 -10.35 -37.02
CA ASP A 69 -11.42 -9.61 -38.26
C ASP A 69 -10.83 -8.20 -38.09
N TYR A 70 -10.57 -7.79 -36.87
CA TYR A 70 -10.02 -6.46 -36.64
C TYR A 70 -8.91 -6.38 -35.59
N ALA A 71 -8.98 -7.22 -34.57
CA ALA A 71 -8.02 -7.14 -33.47
C ALA A 71 -6.82 -8.08 -33.44
N ILE A 72 -6.78 -9.04 -34.34
CA ILE A 72 -5.66 -9.97 -34.37
C ILE A 72 -4.85 -9.96 -35.67
N ASN A 73 -3.54 -9.86 -35.54
CA ASN A 73 -2.66 -9.89 -36.70
C ASN A 73 -2.71 -11.29 -37.30
N VAL A 74 -3.61 -11.47 -38.27
CA VAL A 74 -3.81 -12.76 -38.92
C VAL A 74 -2.56 -13.49 -39.44
N GLU A 75 -1.57 -12.74 -39.91
CA GLU A 75 -0.35 -13.35 -40.44
C GLU A 75 0.54 -14.05 -39.40
N ARG A 76 0.75 -13.41 -38.24
CA ARG A 76 1.60 -13.99 -37.21
C ARG A 76 0.93 -14.78 -36.10
N THR A 77 -0.40 -14.75 -36.02
CA THR A 77 -1.10 -15.45 -34.94
C THR A 77 -0.76 -16.92 -34.80
N GLU A 78 -0.87 -17.66 -35.91
CA GLU A 78 -0.58 -19.10 -35.93
C GLU A 78 0.68 -19.46 -35.12
N GLN A 79 1.77 -18.79 -35.47
CA GLN A 79 3.07 -19.01 -34.85
C GLN A 79 3.16 -18.46 -33.43
N ALA A 80 2.57 -17.28 -33.20
CA ALA A 80 2.57 -16.65 -31.89
C ALA A 80 1.82 -17.51 -30.88
N MET A 81 0.69 -18.02 -31.31
CA MET A 81 -0.13 -18.86 -30.44
C MET A 81 0.52 -20.20 -30.14
N ARG A 82 1.71 -20.42 -30.71
CA ARG A 82 2.45 -21.67 -30.47
C ARG A 82 3.32 -21.52 -29.22
N LEU A 83 3.45 -20.29 -28.75
CA LEU A 83 4.23 -19.99 -27.54
C LEU A 83 3.38 -20.30 -26.31
N GLU A 84 4.00 -20.85 -25.26
CA GLU A 84 3.25 -21.19 -24.05
C GLU A 84 2.94 -19.90 -23.30
N ALA A 85 1.79 -19.88 -22.64
CA ALA A 85 1.36 -18.71 -21.87
C ALA A 85 2.48 -18.26 -20.93
N VAL A 86 3.03 -19.19 -20.18
CA VAL A 86 4.11 -18.89 -19.23
C VAL A 86 5.30 -18.25 -19.91
N GLU A 87 5.59 -18.67 -21.13
CA GLU A 87 6.74 -18.12 -21.85
C GLU A 87 6.58 -16.63 -22.15
N ILE A 88 5.36 -16.19 -22.38
CA ILE A 88 5.10 -14.77 -22.66
C ILE A 88 5.19 -14.00 -21.37
N ALA A 89 4.73 -14.61 -20.28
CA ALA A 89 4.78 -13.99 -18.96
C ALA A 89 6.26 -13.72 -18.64
N ARG A 90 7.11 -14.70 -18.96
CA ARG A 90 8.56 -14.60 -18.74
C ARG A 90 9.22 -13.47 -19.55
N MET A 91 8.76 -13.26 -20.78
CA MET A 91 9.31 -12.20 -21.62
C MET A 91 8.84 -10.87 -21.06
N LEU A 92 7.61 -10.86 -20.54
CA LEU A 92 7.03 -9.67 -19.94
C LEU A 92 7.88 -9.14 -18.80
N VAL A 93 8.59 -10.05 -18.13
CA VAL A 93 9.42 -9.64 -17.02
C VAL A 93 10.92 -9.71 -17.31
N ASP A 94 11.29 -10.18 -18.49
CA ASP A 94 12.69 -10.32 -18.91
C ASP A 94 13.31 -8.98 -19.36
N ILE A 95 14.27 -8.48 -18.59
CA ILE A 95 14.90 -7.21 -18.93
C ILE A 95 15.69 -7.25 -20.24
N HIS A 96 15.81 -8.44 -20.82
CA HIS A 96 16.53 -8.59 -22.07
C HIS A 96 15.58 -8.53 -23.27
N VAL A 97 14.30 -8.77 -23.03
CA VAL A 97 13.31 -8.72 -24.10
C VAL A 97 12.75 -7.31 -24.11
N SER A 98 12.56 -6.76 -25.30
CA SER A 98 12.05 -5.40 -25.40
C SER A 98 10.55 -5.28 -25.64
N ARG A 99 10.03 -4.12 -25.23
CA ARG A 99 8.63 -3.76 -25.35
C ARG A 99 8.08 -4.09 -26.75
N GLU A 100 8.78 -3.60 -27.77
CA GLU A 100 8.38 -3.82 -29.16
C GLU A 100 8.35 -5.32 -29.52
N GLU A 101 9.26 -6.09 -28.94
CA GLU A 101 9.31 -7.51 -29.23
C GLU A 101 8.03 -8.19 -28.77
N ILE A 102 7.63 -7.94 -27.52
CA ILE A 102 6.41 -8.57 -27.01
C ILE A 102 5.17 -8.03 -27.72
N ILE A 103 5.21 -6.77 -28.11
CA ILE A 103 4.06 -6.20 -28.82
C ILE A 103 3.79 -7.02 -30.07
N ALA A 104 4.85 -7.28 -30.84
CA ALA A 104 4.73 -8.07 -32.08
C ALA A 104 4.05 -9.41 -31.82
N ILE A 105 4.27 -9.95 -30.63
CA ILE A 105 3.67 -11.21 -30.23
C ILE A 105 2.25 -11.10 -29.70
N THR A 106 2.04 -10.24 -28.70
CA THR A 106 0.72 -10.08 -28.10
C THR A 106 -0.37 -9.56 -29.03
N THR A 107 0.01 -8.76 -30.02
CA THR A 107 -0.98 -8.25 -30.95
C THR A 107 -1.37 -9.37 -31.89
N ALA A 108 -0.74 -10.54 -31.71
CA ALA A 108 -1.03 -11.70 -32.55
C ALA A 108 -1.64 -12.84 -31.78
N ILE A 109 -2.01 -12.62 -30.51
CA ILE A 109 -2.63 -13.68 -29.71
C ILE A 109 -4.13 -13.41 -29.54
N THR A 110 -4.77 -14.23 -28.71
CA THR A 110 -6.22 -14.11 -28.51
C THR A 110 -6.62 -13.68 -27.11
N PRO A 111 -7.90 -13.42 -26.90
CA PRO A 111 -8.37 -13.00 -25.58
C PRO A 111 -8.11 -14.04 -24.50
N ALA A 112 -8.23 -15.32 -24.86
CA ALA A 112 -7.98 -16.39 -23.90
C ALA A 112 -6.49 -16.54 -23.63
N LYS A 113 -5.67 -16.32 -24.64
CA LYS A 113 -4.23 -16.43 -24.46
C LYS A 113 -3.77 -15.35 -23.49
N ALA A 114 -4.20 -14.11 -23.74
CA ALA A 114 -3.85 -12.96 -22.90
C ALA A 114 -4.19 -13.24 -21.43
N VAL A 115 -5.38 -13.77 -21.17
CA VAL A 115 -5.78 -14.08 -19.80
C VAL A 115 -4.89 -15.20 -19.28
N GLU A 116 -4.67 -16.22 -20.09
CA GLU A 116 -3.83 -17.34 -19.69
C GLU A 116 -2.42 -16.92 -19.33
N VAL A 117 -1.95 -15.84 -19.96
CA VAL A 117 -0.61 -15.32 -19.67
C VAL A 117 -0.61 -14.71 -18.27
N MET A 118 -1.65 -13.95 -17.94
CA MET A 118 -1.77 -13.31 -16.62
C MET A 118 -1.85 -14.32 -15.48
N ALA A 119 -2.48 -15.45 -15.75
CA ALA A 119 -2.62 -16.48 -14.72
C ALA A 119 -1.27 -16.95 -14.18
N GLN A 120 -0.21 -16.73 -14.95
CA GLN A 120 1.15 -17.14 -14.59
C GLN A 120 1.95 -16.11 -13.82
N MET A 121 1.31 -15.07 -13.33
CA MET A 121 2.05 -14.02 -12.66
C MET A 121 1.54 -13.51 -11.31
N ASN A 122 2.47 -13.16 -10.42
CA ASN A 122 2.13 -12.62 -9.12
C ASN A 122 2.07 -11.11 -9.35
N VAL A 123 1.63 -10.34 -8.36
CA VAL A 123 1.55 -8.91 -8.59
C VAL A 123 2.90 -8.27 -8.82
N VAL A 124 3.93 -8.73 -8.12
CA VAL A 124 5.26 -8.16 -8.30
C VAL A 124 5.72 -8.28 -9.75
N GLU A 125 5.46 -9.43 -10.37
CA GLU A 125 5.83 -9.64 -11.75
C GLU A 125 5.01 -8.70 -12.64
N MET A 126 3.71 -8.62 -12.40
CA MET A 126 2.85 -7.75 -13.18
C MET A 126 3.29 -6.29 -13.06
N MET A 127 3.67 -5.89 -11.85
CA MET A 127 4.14 -4.52 -11.65
C MET A 127 5.42 -4.37 -12.46
N MET A 128 6.32 -5.34 -12.31
CA MET A 128 7.58 -5.33 -13.04
C MET A 128 7.30 -5.15 -14.53
N ALA A 129 6.43 -6.00 -15.06
CA ALA A 129 6.08 -5.96 -16.47
C ALA A 129 5.45 -4.62 -16.86
N LEU A 130 4.53 -4.16 -16.02
CA LEU A 130 3.82 -2.91 -16.27
C LEU A 130 4.72 -1.72 -16.51
N GLN A 131 5.76 -1.57 -15.69
CA GLN A 131 6.64 -0.44 -15.85
C GLN A 131 7.38 -0.47 -17.17
N LYS A 132 7.26 -1.58 -17.90
CA LYS A 132 7.91 -1.70 -19.20
C LYS A 132 6.92 -1.63 -20.36
N MET A 133 5.72 -2.17 -20.18
CA MET A 133 4.74 -2.12 -21.27
C MET A 133 4.02 -0.79 -21.40
N ARG A 134 4.10 0.04 -20.37
CA ARG A 134 3.46 1.34 -20.44
C ARG A 134 3.88 2.06 -21.72
N ALA A 135 2.93 2.68 -22.42
CA ALA A 135 3.25 3.38 -23.66
C ALA A 135 4.11 4.63 -23.44
N ARG A 136 3.57 5.65 -22.79
CA ARG A 136 4.35 6.88 -22.57
C ARG A 136 5.40 6.67 -21.49
N ARG A 137 6.56 7.31 -21.67
CA ARG A 137 7.66 7.17 -20.71
C ARG A 137 7.40 7.86 -19.37
N THR A 138 6.70 8.98 -19.38
CA THR A 138 6.40 9.69 -18.14
C THR A 138 4.96 9.48 -17.69
N PRO A 139 4.76 8.90 -16.50
CA PRO A 139 3.42 8.66 -15.96
C PRO A 139 2.67 9.97 -15.73
N SER A 140 1.35 9.96 -15.96
CA SER A 140 0.55 11.16 -15.77
C SER A 140 -0.60 10.89 -14.81
N ASN A 141 -1.63 11.74 -14.84
CA ASN A 141 -2.75 11.60 -13.93
C ASN A 141 -4.01 12.35 -14.34
N GLN A 142 -5.16 11.76 -14.08
CA GLN A 142 -6.47 12.36 -14.39
C GLN A 142 -7.35 12.45 -13.13
N CYS A 143 -8.06 13.57 -12.97
CA CYS A 143 -8.92 13.76 -11.82
C CYS A 143 -10.36 14.00 -12.20
N HIS A 144 -11.23 13.92 -11.19
CA HIS A 144 -12.67 14.13 -11.32
C HIS A 144 -12.99 15.51 -10.78
N VAL A 145 -13.84 16.27 -11.47
CA VAL A 145 -14.28 17.58 -10.96
C VAL A 145 -15.79 17.57 -11.07
N THR A 146 -16.46 17.50 -9.93
CA THR A 146 -17.93 17.47 -9.89
C THR A 146 -18.39 17.96 -8.53
N ASN A 147 -19.70 18.05 -8.36
CA ASN A 147 -20.28 18.42 -7.07
C ASN A 147 -21.78 18.14 -7.08
N LEU A 148 -22.29 17.87 -5.89
CA LEU A 148 -23.68 17.53 -5.66
C LEU A 148 -24.66 18.44 -6.36
N LYS A 149 -24.33 19.72 -6.47
CA LYS A 149 -25.22 20.69 -7.10
C LYS A 149 -24.90 21.05 -8.54
N ASP A 150 -24.07 20.25 -9.22
CA ASP A 150 -23.69 20.53 -10.60
C ASP A 150 -23.47 22.04 -10.69
N ASN A 151 -22.96 22.61 -9.60
CA ASN A 151 -22.72 24.04 -9.51
C ASN A 151 -21.54 24.47 -10.37
N PRO A 152 -21.79 25.36 -11.34
CA PRO A 152 -20.70 25.81 -12.21
C PRO A 152 -19.60 26.61 -11.54
N VAL A 153 -19.96 27.42 -10.55
CA VAL A 153 -18.96 28.26 -9.88
C VAL A 153 -17.90 27.43 -9.20
N GLN A 154 -18.31 26.36 -8.54
CA GLN A 154 -17.40 25.50 -7.82
C GLN A 154 -16.62 24.59 -8.76
N ILE A 155 -17.21 24.28 -9.91
CA ILE A 155 -16.51 23.42 -10.85
C ILE A 155 -15.32 24.15 -11.42
N ALA A 156 -15.55 25.37 -11.89
CA ALA A 156 -14.45 26.15 -12.46
C ALA A 156 -13.33 26.25 -11.42
N ALA A 157 -13.69 26.64 -10.20
CA ALA A 157 -12.71 26.78 -9.12
C ALA A 157 -11.92 25.48 -8.92
N ASP A 158 -12.63 24.40 -8.66
CA ASP A 158 -11.95 23.12 -8.47
C ASP A 158 -11.03 22.74 -9.63
N ALA A 159 -11.49 22.94 -10.85
CA ALA A 159 -10.69 22.61 -12.03
C ALA A 159 -9.37 23.35 -12.04
N ALA A 160 -9.36 24.55 -11.49
CA ALA A 160 -8.15 25.35 -11.45
C ALA A 160 -7.19 24.75 -10.42
N GLU A 161 -7.71 24.45 -9.24
CA GLU A 161 -6.90 23.87 -8.18
C GLU A 161 -6.36 22.50 -8.57
N ALA A 162 -7.15 21.76 -9.35
CA ALA A 162 -6.74 20.43 -9.78
C ALA A 162 -5.59 20.57 -10.76
N GLY A 163 -5.70 21.55 -11.65
CA GLY A 163 -4.68 21.79 -12.66
C GLY A 163 -3.35 22.21 -12.08
N ILE A 164 -3.38 23.01 -11.02
CA ILE A 164 -2.15 23.49 -10.40
C ILE A 164 -1.53 22.34 -9.59
N ARG A 165 -2.37 21.39 -9.20
CA ARG A 165 -1.88 20.24 -8.46
C ARG A 165 -1.16 19.29 -9.42
N GLY A 166 -1.51 19.31 -10.71
CA GLY A 166 -0.79 18.46 -11.64
C GLY A 166 -1.56 17.63 -12.67
N PHE A 167 -2.85 17.43 -12.44
CA PHE A 167 -3.63 16.63 -13.37
C PHE A 167 -3.55 17.19 -14.77
N SER A 168 -3.44 16.32 -15.76
CA SER A 168 -3.36 16.77 -17.13
C SER A 168 -4.69 16.50 -17.80
N GLU A 169 -5.50 15.67 -17.16
CA GLU A 169 -6.82 15.33 -17.67
C GLU A 169 -7.83 15.53 -16.56
N GLN A 170 -8.94 16.18 -16.90
CA GLN A 170 -10.02 16.44 -15.95
C GLN A 170 -11.36 15.96 -16.49
N GLU A 171 -12.11 15.28 -15.64
CA GLU A 171 -13.41 14.73 -16.01
C GLU A 171 -14.54 15.21 -15.11
N THR A 172 -15.66 15.58 -15.73
CA THR A 172 -16.83 16.01 -14.99
C THR A 172 -18.03 15.17 -15.42
N THR A 173 -19.12 15.28 -14.68
CA THR A 173 -20.32 14.54 -15.01
C THR A 173 -21.43 15.23 -14.24
N VAL A 174 -22.66 14.76 -14.36
CA VAL A 174 -23.76 15.46 -13.71
C VAL A 174 -24.84 14.67 -12.99
N GLY A 175 -25.41 15.31 -11.98
CA GLY A 175 -26.49 14.70 -11.23
C GLY A 175 -27.78 14.85 -12.02
N ILE A 176 -27.95 16.01 -12.67
CA ILE A 176 -29.13 16.27 -13.49
C ILE A 176 -28.64 16.35 -14.93
N ALA A 177 -29.01 15.38 -15.73
CA ALA A 177 -28.56 15.35 -17.12
C ALA A 177 -28.48 16.71 -17.80
N ARG A 178 -29.61 17.41 -17.86
CA ARG A 178 -29.66 18.72 -18.51
C ARG A 178 -28.58 19.73 -18.15
N TYR A 179 -27.78 19.46 -17.12
CA TYR A 179 -26.73 20.40 -16.71
C TYR A 179 -25.41 20.30 -17.47
N ALA A 180 -25.23 19.20 -18.20
CA ALA A 180 -24.00 18.96 -18.94
C ALA A 180 -23.36 20.20 -19.56
N PRO A 181 -24.01 20.82 -20.57
CA PRO A 181 -23.39 22.01 -21.16
C PRO A 181 -22.71 22.95 -20.17
N PHE A 182 -23.42 23.33 -19.11
CA PHE A 182 -22.84 24.19 -18.09
C PHE A 182 -21.57 23.58 -17.49
N ASN A 183 -21.68 22.34 -17.04
CA ASN A 183 -20.54 21.67 -16.44
C ASN A 183 -19.34 21.60 -17.36
N ALA A 184 -19.58 21.24 -18.62
CA ALA A 184 -18.47 21.15 -19.58
C ALA A 184 -17.81 22.51 -19.72
N LEU A 185 -18.64 23.56 -19.67
CA LEU A 185 -18.20 24.92 -19.81
C LEU A 185 -17.29 25.37 -18.67
N ALA A 186 -17.76 25.26 -17.44
CA ALA A 186 -16.95 25.67 -16.28
C ALA A 186 -15.67 24.84 -16.21
N LEU A 187 -15.77 23.55 -16.51
CA LEU A 187 -14.59 22.68 -16.48
C LEU A 187 -13.58 23.20 -17.50
N LEU A 188 -14.07 23.59 -18.68
CA LEU A 188 -13.22 24.12 -19.74
C LEU A 188 -12.56 25.43 -19.29
N VAL A 189 -13.37 26.36 -18.81
CA VAL A 189 -12.86 27.63 -18.32
C VAL A 189 -11.90 27.41 -17.17
N GLY A 190 -12.37 26.69 -16.15
CA GLY A 190 -11.54 26.44 -14.97
C GLY A 190 -10.22 25.74 -15.28
N SER A 191 -10.29 24.68 -16.08
CA SER A 191 -9.10 23.92 -16.45
C SER A 191 -7.97 24.78 -17.02
N GLN A 192 -8.31 25.74 -17.88
CA GLN A 192 -7.28 26.60 -18.45
C GLN A 192 -6.76 27.64 -17.46
N CYS A 193 -7.52 27.89 -16.39
CA CYS A 193 -7.08 28.85 -15.35
C CYS A 193 -5.96 28.30 -14.48
N GLY A 194 -6.06 27.03 -14.13
CA GLY A 194 -5.06 26.40 -13.29
C GLY A 194 -3.77 26.08 -14.01
N ARG A 195 -3.88 25.36 -15.12
CA ARG A 195 -2.70 24.98 -15.87
C ARG A 195 -3.11 24.86 -17.33
N PRO A 196 -2.72 25.85 -18.15
CA PRO A 196 -3.08 25.79 -19.56
C PRO A 196 -2.58 24.49 -20.22
N GLY A 197 -3.46 23.86 -20.99
CA GLY A 197 -3.13 22.62 -21.68
C GLY A 197 -3.90 21.41 -21.16
N VAL A 198 -4.61 21.61 -20.05
CA VAL A 198 -5.40 20.56 -19.40
C VAL A 198 -6.51 20.07 -20.31
N LEU A 199 -6.57 18.75 -20.55
CA LEU A 199 -7.63 18.18 -21.40
C LEU A 199 -8.90 18.00 -20.56
N THR A 200 -10.07 18.13 -21.16
CA THR A 200 -11.31 17.98 -20.39
C THR A 200 -12.43 17.23 -21.08
N GLN A 201 -13.17 16.46 -20.27
CA GLN A 201 -14.29 15.69 -20.77
C GLN A 201 -15.53 15.85 -19.87
N CYS A 202 -16.68 15.46 -20.41
CA CYS A 202 -17.93 15.49 -19.69
C CYS A 202 -18.60 14.15 -20.03
N SER A 203 -18.51 13.22 -19.08
CA SER A 203 -19.05 11.87 -19.25
C SER A 203 -20.56 11.73 -19.11
N VAL A 204 -21.24 11.62 -20.26
CA VAL A 204 -22.68 11.48 -20.31
C VAL A 204 -23.05 10.48 -21.38
N GLU A 205 -24.30 10.50 -21.82
CA GLU A 205 -24.78 9.58 -22.85
C GLU A 205 -24.05 9.78 -24.16
N GLU A 206 -23.50 8.69 -24.68
CA GLU A 206 -22.73 8.64 -25.93
C GLU A 206 -23.08 9.72 -26.98
N ALA A 207 -24.29 9.66 -27.56
CA ALA A 207 -24.68 10.65 -28.57
C ALA A 207 -24.67 12.10 -28.08
N THR A 208 -24.97 12.29 -26.80
CA THR A 208 -24.98 13.63 -26.24
C THR A 208 -23.55 14.15 -26.05
N GLU A 209 -22.64 13.25 -25.71
CA GLU A 209 -21.25 13.67 -25.53
C GLU A 209 -20.56 13.99 -26.85
N LEU A 210 -20.88 13.23 -27.90
CA LEU A 210 -20.27 13.47 -29.21
C LEU A 210 -20.67 14.86 -29.68
N GLU A 211 -21.89 15.26 -29.35
CA GLU A 211 -22.38 16.57 -29.72
C GLU A 211 -21.69 17.64 -28.91
N LEU A 212 -21.53 17.42 -27.61
CA LEU A 212 -20.84 18.42 -26.80
C LEU A 212 -19.46 18.68 -27.40
N GLY A 213 -18.76 17.62 -27.77
CA GLY A 213 -17.44 17.77 -28.34
C GLY A 213 -17.48 18.51 -29.66
N MET A 214 -18.45 18.16 -30.49
CA MET A 214 -18.57 18.82 -31.78
C MET A 214 -18.78 20.32 -31.62
N ARG A 215 -19.32 20.73 -30.47
CA ARG A 215 -19.55 22.15 -30.20
C ARG A 215 -18.37 22.78 -29.47
N GLY A 216 -17.23 22.11 -29.48
CA GLY A 216 -16.04 22.63 -28.83
C GLY A 216 -16.16 22.93 -27.35
N LEU A 217 -16.98 22.16 -26.64
CA LEU A 217 -17.15 22.38 -25.21
C LEU A 217 -16.29 21.42 -24.40
N THR A 218 -15.64 20.50 -25.10
CA THR A 218 -14.78 19.52 -24.47
C THR A 218 -13.61 19.26 -25.41
N SER A 219 -12.49 18.78 -24.90
CA SER A 219 -11.34 18.49 -25.76
C SER A 219 -11.04 17.01 -25.95
N TYR A 220 -11.76 16.14 -25.22
CA TYR A 220 -11.61 14.70 -25.39
C TYR A 220 -12.74 13.93 -24.73
N ALA A 221 -12.85 12.66 -25.08
CA ALA A 221 -13.89 11.81 -24.53
C ALA A 221 -13.26 10.49 -24.17
N GLU A 222 -13.61 9.96 -23.01
CA GLU A 222 -13.03 8.68 -22.60
C GLU A 222 -14.03 7.57 -22.33
N THR A 223 -15.16 7.94 -21.74
CA THR A 223 -16.17 6.96 -21.39
C THR A 223 -17.02 6.49 -22.55
N VAL A 224 -16.36 6.18 -23.66
CA VAL A 224 -17.02 5.66 -24.83
C VAL A 224 -16.93 4.16 -24.57
N SER A 225 -17.92 3.66 -23.84
CA SER A 225 -18.01 2.27 -23.39
C SER A 225 -18.04 1.12 -24.38
N VAL A 226 -17.48 0.01 -23.96
CA VAL A 226 -17.42 -1.23 -24.73
C VAL A 226 -17.64 -2.38 -23.73
N TYR A 227 -18.31 -3.44 -24.15
CA TYR A 227 -18.59 -4.57 -23.25
C TYR A 227 -18.20 -5.96 -23.78
N GLY A 228 -18.04 -6.91 -22.86
CA GLY A 228 -17.64 -8.25 -23.22
C GLY A 228 -18.66 -9.28 -23.68
N THR A 229 -19.95 -8.95 -23.63
CA THR A 229 -20.98 -9.87 -24.11
C THR A 229 -22.01 -9.10 -24.93
N GLU A 230 -22.65 -9.78 -25.88
CA GLU A 230 -23.66 -9.13 -26.71
C GLU A 230 -24.78 -8.55 -25.86
N ALA A 231 -25.36 -9.40 -25.01
CA ALA A 231 -26.47 -9.01 -24.16
C ALA A 231 -26.19 -7.70 -23.43
N VAL A 232 -24.98 -7.57 -22.89
CA VAL A 232 -24.64 -6.36 -22.16
C VAL A 232 -24.42 -5.18 -23.10
N PHE A 233 -23.77 -5.46 -24.22
CA PHE A 233 -23.49 -4.43 -25.20
C PHE A 233 -24.82 -3.78 -25.58
N THR A 234 -25.84 -4.60 -25.78
CA THR A 234 -27.15 -4.10 -26.16
C THR A 234 -27.75 -3.22 -25.06
N ASP A 235 -27.67 -3.68 -23.82
CA ASP A 235 -28.20 -2.90 -22.72
C ASP A 235 -27.37 -1.63 -22.58
N GLY A 236 -26.22 -1.61 -23.24
CA GLY A 236 -25.33 -0.47 -23.23
C GLY A 236 -25.66 0.40 -24.43
N ASP A 237 -26.55 -0.14 -25.25
CA ASP A 237 -27.06 0.51 -26.45
C ASP A 237 -26.02 0.74 -27.52
N ASP A 238 -25.20 -0.26 -27.76
CA ASP A 238 -24.18 -0.15 -28.77
C ASP A 238 -23.80 -1.51 -29.29
N THR A 239 -22.95 -1.52 -30.32
CA THR A 239 -22.46 -2.74 -30.93
C THR A 239 -21.04 -2.41 -31.31
N PRO A 240 -20.19 -3.44 -31.50
CA PRO A 240 -18.81 -3.15 -31.88
C PRO A 240 -18.72 -2.28 -33.13
N TRP A 241 -19.70 -2.40 -34.03
CA TRP A 241 -19.69 -1.59 -35.23
C TRP A 241 -20.10 -0.13 -34.97
N SER A 242 -21.13 0.07 -34.14
CA SER A 242 -21.58 1.43 -33.85
C SER A 242 -20.56 2.13 -32.99
N LYS A 243 -19.92 1.37 -32.10
CA LYS A 243 -18.93 1.96 -31.24
C LYS A 243 -17.65 2.24 -32.02
N ALA A 244 -17.34 1.40 -33.00
CA ALA A 244 -16.15 1.64 -33.82
C ALA A 244 -16.37 2.85 -34.75
N PHE A 245 -17.60 3.00 -35.26
CA PHE A 245 -17.91 4.14 -36.11
C PHE A 245 -17.84 5.41 -35.26
N LEU A 246 -18.35 5.35 -34.04
CA LEU A 246 -18.32 6.50 -33.15
C LEU A 246 -16.87 6.93 -32.95
N ALA A 247 -15.98 5.97 -32.72
CA ALA A 247 -14.57 6.28 -32.54
C ALA A 247 -14.03 7.07 -33.75
N SER A 248 -14.30 6.60 -34.96
CA SER A 248 -13.84 7.31 -36.15
C SER A 248 -14.54 8.68 -36.24
N ALA A 249 -15.74 8.77 -35.70
CA ALA A 249 -16.50 10.02 -35.72
C ALA A 249 -15.73 11.10 -34.95
N TYR A 250 -15.27 10.75 -33.76
CA TYR A 250 -14.51 11.68 -32.94
C TYR A 250 -13.24 12.09 -33.69
N ALA A 251 -12.48 11.11 -34.14
CA ALA A 251 -11.24 11.38 -34.87
C ALA A 251 -11.49 12.23 -36.11
N SER A 252 -12.60 11.96 -36.79
CA SER A 252 -12.96 12.71 -38.00
C SER A 252 -13.16 14.19 -37.70
N ARG A 253 -13.24 14.51 -36.42
CA ARG A 253 -13.40 15.89 -35.99
C ARG A 253 -12.11 16.40 -35.34
N GLY A 254 -11.12 15.52 -35.27
CA GLY A 254 -9.84 15.88 -34.68
C GLY A 254 -9.83 15.80 -33.17
N LEU A 255 -10.78 15.04 -32.62
CA LEU A 255 -10.90 14.89 -31.18
C LEU A 255 -10.26 13.63 -30.63
N LYS A 256 -9.54 13.79 -29.54
CA LYS A 256 -8.89 12.66 -28.88
C LYS A 256 -9.95 11.93 -28.04
N MET A 257 -9.86 10.61 -28.01
CA MET A 257 -10.79 9.85 -27.20
C MET A 257 -10.29 8.45 -27.00
N ARG A 258 -10.86 7.80 -25.98
CA ARG A 258 -10.49 6.43 -25.65
C ARG A 258 -11.77 5.69 -25.27
N TYR A 259 -11.66 4.35 -25.21
CA TYR A 259 -12.79 3.54 -24.82
C TYR A 259 -12.72 3.35 -23.32
N THR A 260 -13.80 2.84 -22.76
CA THR A 260 -13.87 2.53 -21.35
C THR A 260 -14.49 1.15 -21.23
N SER A 261 -13.92 0.32 -20.34
CA SER A 261 -14.45 -1.02 -20.10
C SER A 261 -14.10 -1.31 -18.65
N GLY A 262 -13.78 -2.56 -18.35
CA GLY A 262 -13.41 -2.86 -16.98
C GLY A 262 -14.08 -4.10 -16.47
N THR A 263 -13.35 -4.83 -15.63
CA THR A 263 -13.83 -6.05 -15.02
C THR A 263 -15.09 -5.84 -14.18
N GLY A 264 -16.02 -6.81 -14.26
CA GLY A 264 -17.23 -6.73 -13.48
C GLY A 264 -18.44 -6.05 -14.09
N SER A 265 -18.28 -5.40 -15.23
CA SER A 265 -19.42 -4.71 -15.84
C SER A 265 -20.51 -5.69 -16.25
N GLU A 266 -20.13 -6.71 -17.01
CA GLU A 266 -21.07 -7.70 -17.50
C GLU A 266 -21.86 -8.46 -16.42
N ALA A 267 -21.20 -8.83 -15.34
CA ALA A 267 -21.87 -9.56 -14.26
C ALA A 267 -22.86 -8.68 -13.53
N LEU A 268 -22.49 -7.44 -13.29
CA LEU A 268 -23.38 -6.51 -12.62
C LEU A 268 -24.59 -6.18 -13.47
N MET A 269 -24.47 -6.32 -14.80
CA MET A 269 -25.61 -6.04 -15.67
C MET A 269 -26.40 -7.30 -16.01
N GLY A 270 -25.97 -8.42 -15.42
CA GLY A 270 -26.68 -9.68 -15.59
C GLY A 270 -26.45 -10.62 -16.77
N TYR A 271 -25.40 -10.46 -17.55
CA TYR A 271 -25.17 -11.38 -18.67
C TYR A 271 -23.70 -11.67 -18.88
N SER A 272 -23.15 -12.53 -18.02
CA SER A 272 -21.74 -12.85 -18.11
C SER A 272 -21.49 -14.06 -18.99
N GLU A 273 -22.55 -14.76 -19.36
CA GLU A 273 -22.38 -15.97 -20.15
C GLU A 273 -21.50 -16.93 -19.33
N SER A 274 -21.71 -16.83 -18.02
CA SER A 274 -21.02 -17.57 -16.95
C SER A 274 -19.50 -17.60 -17.14
N LYS A 275 -18.97 -16.47 -17.67
CA LYS A 275 -17.51 -16.26 -17.87
C LYS A 275 -16.91 -15.45 -16.71
N SER A 276 -15.60 -15.57 -16.53
CA SER A 276 -14.90 -14.81 -15.51
C SER A 276 -14.81 -13.36 -15.95
N MET A 277 -14.70 -12.46 -14.98
CA MET A 277 -14.60 -11.03 -15.23
C MET A 277 -13.40 -10.66 -16.12
N LEU A 278 -12.23 -11.21 -15.82
CA LEU A 278 -11.05 -10.90 -16.61
C LEU A 278 -11.15 -11.39 -18.07
N TYR A 279 -11.71 -12.58 -18.27
CA TYR A 279 -11.82 -13.07 -19.64
C TYR A 279 -12.67 -12.10 -20.44
N LEU A 280 -13.83 -11.76 -19.91
CA LEU A 280 -14.72 -10.83 -20.60
C LEU A 280 -14.01 -9.49 -20.81
N GLU A 281 -13.29 -9.03 -19.80
CA GLU A 281 -12.59 -7.77 -19.98
C GLU A 281 -11.55 -7.93 -21.08
N SER A 282 -10.96 -9.11 -21.18
CA SER A 282 -9.96 -9.38 -22.20
C SER A 282 -10.57 -9.09 -23.57
N ARG A 283 -11.77 -9.60 -23.80
CA ARG A 283 -12.44 -9.36 -25.08
C ARG A 283 -12.65 -7.86 -25.30
N CYS A 284 -12.96 -7.15 -24.21
CA CYS A 284 -13.16 -5.71 -24.32
C CYS A 284 -11.92 -5.00 -24.81
N ILE A 285 -10.76 -5.36 -24.26
CA ILE A 285 -9.55 -4.68 -24.66
C ILE A 285 -9.15 -5.00 -26.10
N PHE A 286 -9.59 -6.14 -26.60
CA PHE A 286 -9.28 -6.51 -27.99
C PHE A 286 -10.23 -5.76 -28.94
N ILE A 287 -11.42 -5.42 -28.44
CA ILE A 287 -12.37 -4.67 -29.25
C ILE A 287 -11.75 -3.27 -29.43
N THR A 288 -11.16 -2.80 -28.34
CA THR A 288 -10.52 -1.50 -28.29
C THR A 288 -9.36 -1.44 -29.29
N LYS A 289 -8.58 -2.51 -29.33
CA LYS A 289 -7.46 -2.59 -30.24
C LYS A 289 -8.06 -2.57 -31.63
N GLY A 290 -8.79 -3.63 -31.96
CA GLY A 290 -9.41 -3.75 -33.27
C GLY A 290 -10.13 -2.54 -33.85
N ALA A 291 -10.73 -1.70 -33.00
CA ALA A 291 -11.45 -0.51 -33.46
C ALA A 291 -10.50 0.59 -33.93
N GLY A 292 -9.24 0.51 -33.50
CA GLY A 292 -8.26 1.51 -33.89
C GLY A 292 -8.12 2.57 -32.82
N VAL A 293 -8.88 2.42 -31.73
CA VAL A 293 -8.85 3.34 -30.60
C VAL A 293 -7.48 3.24 -29.96
N GLN A 294 -6.85 4.39 -29.74
CA GLN A 294 -5.51 4.49 -29.17
C GLN A 294 -5.38 4.20 -27.68
N GLY A 295 -6.43 4.46 -26.93
CA GLY A 295 -6.36 4.23 -25.50
C GLY A 295 -7.54 3.50 -24.88
N LEU A 296 -7.32 3.00 -23.67
CA LEU A 296 -8.36 2.27 -22.95
C LEU A 296 -8.39 2.63 -21.48
N GLN A 297 -9.60 2.81 -20.95
CA GLN A 297 -9.74 3.08 -19.52
C GLN A 297 -10.27 1.81 -18.88
N ASN A 298 -9.43 1.10 -18.12
CA ASN A 298 -9.90 -0.12 -17.47
C ASN A 298 -9.25 -0.39 -16.12
N GLY A 299 -9.68 -1.46 -15.48
CA GLY A 299 -9.18 -1.80 -14.16
C GLY A 299 -10.41 -1.72 -13.25
N ALA A 300 -11.48 -2.41 -13.68
CA ALA A 300 -12.77 -2.47 -13.02
C ALA A 300 -13.54 -1.15 -13.13
N VAL A 301 -12.81 -0.05 -12.98
CA VAL A 301 -13.39 1.28 -13.08
C VAL A 301 -14.60 1.39 -12.17
N SER A 302 -15.76 1.71 -12.73
CA SER A 302 -16.99 1.86 -11.94
C SER A 302 -17.47 0.62 -11.22
N CYS A 303 -17.04 -0.55 -11.68
CA CYS A 303 -17.48 -1.79 -11.09
C CYS A 303 -16.50 -2.39 -10.08
N ILE A 304 -15.56 -1.56 -9.61
CA ILE A 304 -14.58 -1.99 -8.64
C ILE A 304 -15.23 -2.72 -7.46
N GLY A 305 -16.51 -2.42 -7.22
CA GLY A 305 -17.20 -3.07 -6.12
C GLY A 305 -17.43 -4.54 -6.43
N MET A 306 -17.46 -4.86 -7.71
CA MET A 306 -17.66 -6.22 -8.16
C MET A 306 -16.37 -7.01 -8.05
N THR A 307 -15.46 -6.74 -8.97
CA THR A 307 -14.19 -7.42 -9.00
C THR A 307 -13.52 -7.43 -7.62
N GLY A 308 -13.81 -6.42 -6.81
CA GLY A 308 -13.19 -6.37 -5.50
C GLY A 308 -13.79 -7.34 -4.51
N ALA A 309 -15.03 -7.72 -4.75
CA ALA A 309 -15.73 -8.63 -3.84
C ALA A 309 -15.15 -10.05 -3.79
N VAL A 310 -14.68 -10.55 -4.93
CA VAL A 310 -14.15 -11.91 -5.01
C VAL A 310 -12.64 -12.07 -4.80
N PRO A 311 -12.19 -13.32 -4.65
CA PRO A 311 -10.76 -13.59 -4.45
C PRO A 311 -9.88 -13.13 -5.61
N SER A 312 -8.65 -12.70 -5.30
CA SER A 312 -7.69 -12.21 -6.30
C SER A 312 -8.30 -11.19 -7.26
N GLY A 313 -9.25 -10.40 -6.76
CA GLY A 313 -9.89 -9.41 -7.60
C GLY A 313 -9.02 -8.21 -7.88
N ILE A 314 -8.21 -7.82 -6.90
CA ILE A 314 -7.37 -6.65 -7.06
C ILE A 314 -6.19 -7.01 -7.95
N ARG A 315 -5.72 -8.24 -7.83
CA ARG A 315 -4.64 -8.73 -8.67
C ARG A 315 -5.25 -8.75 -10.08
N ALA A 316 -6.54 -9.03 -10.16
CA ALA A 316 -7.21 -9.05 -11.46
C ALA A 316 -7.16 -7.67 -12.11
N VAL A 317 -7.51 -6.64 -11.34
CA VAL A 317 -7.52 -5.25 -11.81
C VAL A 317 -6.16 -4.93 -12.43
N LEU A 318 -5.09 -5.25 -11.70
CA LEU A 318 -3.75 -5.00 -12.19
C LEU A 318 -3.55 -5.79 -13.51
N ALA A 319 -3.95 -7.06 -13.51
CA ALA A 319 -3.81 -7.89 -14.71
C ALA A 319 -4.53 -7.33 -15.92
N GLU A 320 -5.70 -6.71 -15.72
CA GLU A 320 -6.40 -6.17 -16.88
C GLU A 320 -5.68 -4.92 -17.36
N ASN A 321 -4.99 -4.25 -16.45
CA ASN A 321 -4.24 -3.06 -16.81
C ASN A 321 -3.09 -3.49 -17.71
N LEU A 322 -2.41 -4.55 -17.30
CA LEU A 322 -1.25 -5.06 -18.05
C LEU A 322 -1.60 -5.62 -19.42
N ILE A 323 -2.70 -6.36 -19.51
CA ILE A 323 -3.11 -6.91 -20.79
C ILE A 323 -3.32 -5.77 -21.79
N ALA A 324 -3.89 -4.67 -21.31
CA ALA A 324 -4.15 -3.51 -22.16
C ALA A 324 -2.83 -2.91 -22.63
N SER A 325 -1.88 -2.80 -21.69
CA SER A 325 -0.58 -2.22 -21.99
C SER A 325 0.24 -3.11 -22.91
N MET A 326 0.40 -4.37 -22.55
CA MET A 326 1.17 -5.28 -23.39
C MET A 326 0.50 -5.41 -24.76
N LEU A 327 -0.73 -4.92 -24.89
CA LEU A 327 -1.42 -4.98 -26.16
C LEU A 327 -1.16 -3.67 -26.88
N ASP A 328 -0.29 -2.85 -26.29
CA ASP A 328 0.13 -1.58 -26.85
C ASP A 328 -0.93 -0.48 -26.91
N LEU A 329 -1.76 -0.40 -25.88
CA LEU A 329 -2.76 0.65 -25.81
C LEU A 329 -2.40 1.63 -24.70
N GLU A 330 -2.88 2.86 -24.82
CA GLU A 330 -2.66 3.85 -23.77
C GLU A 330 -3.53 3.30 -22.66
N VAL A 331 -3.14 3.48 -21.40
CA VAL A 331 -3.94 2.97 -20.32
C VAL A 331 -4.17 3.95 -19.19
N ALA A 332 -5.43 4.33 -19.01
CA ALA A 332 -5.85 5.19 -17.91
C ALA A 332 -6.34 4.12 -16.94
N SER A 333 -5.48 3.79 -15.97
CA SER A 333 -5.74 2.74 -15.00
C SER A 333 -6.62 2.95 -13.76
N ALA A 334 -7.85 3.40 -13.98
CA ALA A 334 -8.82 3.56 -12.91
C ALA A 334 -8.36 4.19 -11.59
N ASN A 335 -8.58 3.48 -10.50
CA ASN A 335 -8.23 3.98 -9.17
C ASN A 335 -9.16 5.17 -8.89
N ASP A 336 -10.22 5.20 -9.66
CA ASP A 336 -11.20 6.28 -9.61
C ASP A 336 -12.48 6.02 -8.83
N GLN A 337 -12.73 4.77 -8.43
CA GLN A 337 -13.96 4.46 -7.73
C GLN A 337 -13.79 3.81 -6.36
N THR A 338 -14.72 4.14 -5.45
CA THR A 338 -14.72 3.61 -4.09
C THR A 338 -15.07 2.13 -4.12
N PHE A 339 -14.47 1.37 -3.21
CA PHE A 339 -14.78 -0.04 -3.11
C PHE A 339 -14.59 -0.50 -1.68
N SER A 340 -13.85 0.25 -0.88
CA SER A 340 -13.62 -0.16 0.50
C SER A 340 -13.72 0.93 1.57
N HIS A 341 -14.09 0.54 2.78
CA HIS A 341 -14.22 1.47 3.90
C HIS A 341 -12.87 1.56 4.61
N SER A 342 -11.91 0.78 4.12
CA SER A 342 -10.60 0.73 4.75
C SER A 342 -9.46 1.44 4.00
N ASP A 343 -8.74 2.25 4.73
CA ASP A 343 -7.63 2.96 4.14
C ASP A 343 -6.56 1.94 3.76
N ILE A 344 -6.36 0.96 4.62
CA ILE A 344 -5.37 -0.08 4.34
C ILE A 344 -5.68 -0.76 3.01
N ARG A 345 -6.93 -1.19 2.85
CA ARG A 345 -7.32 -1.90 1.65
C ARG A 345 -7.30 -1.08 0.36
N ARG A 346 -7.77 0.16 0.41
CA ARG A 346 -7.83 0.96 -0.80
C ARG A 346 -6.46 1.42 -1.28
N THR A 347 -5.50 1.48 -0.35
CA THR A 347 -4.12 1.88 -0.64
C THR A 347 -3.39 0.80 -1.41
N ALA A 348 -3.60 -0.45 -1.02
CA ALA A 348 -2.95 -1.55 -1.69
C ALA A 348 -3.47 -1.68 -3.12
N ARG A 349 -4.74 -1.35 -3.32
CA ARG A 349 -5.35 -1.41 -4.64
C ARG A 349 -4.69 -0.40 -5.59
N THR A 350 -4.45 0.80 -5.09
CA THR A 350 -3.83 1.88 -5.89
C THR A 350 -2.32 1.68 -6.11
N LEU A 351 -1.63 1.27 -5.05
CA LEU A 351 -0.20 1.04 -5.11
C LEU A 351 0.19 0.18 -6.30
N MET A 352 -0.68 -0.76 -6.66
CA MET A 352 -0.42 -1.65 -7.79
C MET A 352 -0.06 -0.89 -9.06
N GLN A 353 -0.77 0.21 -9.31
CA GLN A 353 -0.49 1.01 -10.50
C GLN A 353 0.43 2.20 -10.20
N MET A 354 0.35 2.76 -9.00
CA MET A 354 1.21 3.90 -8.70
C MET A 354 2.68 3.52 -8.77
N LEU A 355 3.06 2.52 -7.99
CA LEU A 355 4.45 2.10 -7.95
C LEU A 355 5.10 1.91 -9.33
N PRO A 356 4.51 1.10 -10.22
CA PRO A 356 5.12 0.91 -11.54
C PRO A 356 4.88 2.07 -12.48
N GLY A 357 3.68 2.64 -12.40
CA GLY A 357 3.32 3.76 -13.25
C GLY A 357 2.64 3.36 -14.55
N THR A 358 1.59 4.10 -14.89
CA THR A 358 0.84 3.86 -16.12
C THR A 358 0.65 5.21 -16.80
N ASP A 359 0.14 5.19 -18.02
CA ASP A 359 -0.12 6.42 -18.75
C ASP A 359 -0.90 7.39 -17.86
N PHE A 360 -1.82 6.85 -17.06
CA PHE A 360 -2.63 7.63 -16.12
C PHE A 360 -2.88 6.80 -14.87
N ILE A 361 -1.98 6.89 -13.91
CA ILE A 361 -2.10 6.14 -12.67
C ILE A 361 -3.56 6.11 -12.22
N PHE A 362 -4.15 7.30 -12.05
CA PHE A 362 -5.56 7.40 -11.67
C PHE A 362 -6.25 7.85 -12.96
N SER A 363 -7.44 7.32 -13.25
CA SER A 363 -8.16 7.79 -14.42
C SER A 363 -9.45 8.35 -13.81
N GLY A 364 -9.25 9.03 -12.68
CA GLY A 364 -10.37 9.65 -12.00
C GLY A 364 -10.12 9.91 -10.52
N TYR A 365 -9.02 10.57 -10.19
CA TYR A 365 -8.72 10.90 -8.80
C TYR A 365 -9.70 12.03 -8.47
N SER A 366 -10.41 11.93 -7.36
CA SER A 366 -11.34 12.99 -7.03
C SER A 366 -10.65 14.26 -6.53
N ALA A 367 -10.76 15.34 -7.29
CA ALA A 367 -10.14 16.60 -6.92
C ALA A 367 -11.04 17.42 -6.01
N VAL A 368 -12.00 16.74 -5.38
CA VAL A 368 -12.97 17.37 -4.51
C VAL A 368 -13.41 16.32 -3.48
N PRO A 369 -13.92 16.73 -2.30
CA PRO A 369 -14.33 15.69 -1.34
C PRO A 369 -15.26 14.68 -1.98
N ASN A 370 -15.17 13.44 -1.54
CA ASN A 370 -16.01 12.41 -2.10
C ASN A 370 -17.51 12.65 -1.95
N TYR A 371 -17.93 13.36 -0.91
CA TYR A 371 -19.36 13.61 -0.74
C TYR A 371 -19.86 14.40 -1.94
N ASP A 372 -18.91 15.01 -2.65
CA ASP A 372 -19.20 15.79 -3.85
C ASP A 372 -18.94 15.02 -5.15
N ASN A 373 -18.29 13.85 -5.03
CA ASN A 373 -17.98 13.04 -6.20
C ASN A 373 -19.22 12.43 -6.85
N MET A 374 -19.58 12.96 -8.01
CA MET A 374 -20.76 12.47 -8.71
C MET A 374 -20.55 11.16 -9.43
N PHE A 375 -19.41 10.52 -9.20
CA PHE A 375 -19.15 9.20 -9.78
C PHE A 375 -19.27 8.21 -8.64
N ALA A 376 -19.99 8.61 -7.59
CA ALA A 376 -20.21 7.79 -6.40
C ALA A 376 -18.98 7.63 -5.53
N GLY A 377 -18.03 8.54 -5.71
CA GLY A 377 -16.80 8.50 -4.92
C GLY A 377 -15.62 7.86 -5.63
N SER A 378 -14.42 8.36 -5.35
CA SER A 378 -13.21 7.82 -5.95
C SER A 378 -12.37 7.11 -4.87
N ASN A 379 -11.40 6.30 -5.31
CA ASN A 379 -10.54 5.55 -4.39
C ASN A 379 -9.74 6.49 -3.48
N PHE A 380 -9.49 7.69 -4.00
CA PHE A 380 -8.74 8.73 -3.29
C PHE A 380 -9.42 10.05 -3.61
N ASP A 381 -9.54 10.92 -2.63
CA ASP A 381 -10.15 12.19 -2.92
C ASP A 381 -9.30 13.35 -2.41
N ALA A 382 -9.80 14.57 -2.55
CA ALA A 382 -9.06 15.75 -2.13
C ALA A 382 -8.51 15.71 -0.71
N GLU A 383 -9.17 15.00 0.20
CA GLU A 383 -8.68 14.98 1.58
C GLU A 383 -7.46 14.08 1.74
N ASP A 384 -7.06 13.43 0.65
CA ASP A 384 -5.89 12.54 0.66
C ASP A 384 -4.64 13.21 0.05
N PHE A 385 -4.82 14.37 -0.56
CA PHE A 385 -3.71 15.08 -1.21
C PHE A 385 -2.41 15.12 -0.42
N ASP A 386 -2.47 15.48 0.86
CA ASP A 386 -1.24 15.56 1.64
C ASP A 386 -0.56 14.20 1.75
N ASP A 387 -1.36 13.15 1.86
CA ASP A 387 -0.81 11.81 1.98
C ASP A 387 -0.12 11.40 0.70
N TYR A 388 -0.83 11.52 -0.42
CA TYR A 388 -0.31 11.15 -1.71
C TYR A 388 1.03 11.81 -1.99
N ASN A 389 1.21 13.04 -1.50
CA ASN A 389 2.47 13.72 -1.71
C ASN A 389 3.53 13.05 -0.86
N ILE A 390 3.19 12.78 0.39
CA ILE A 390 4.15 12.13 1.28
C ILE A 390 4.57 10.73 0.79
N LEU A 391 3.69 10.03 0.08
CA LEU A 391 4.05 8.70 -0.43
C LEU A 391 5.15 8.84 -1.47
N GLN A 392 4.95 9.76 -2.40
CA GLN A 392 5.91 10.02 -3.47
C GLN A 392 7.29 10.30 -2.89
N ARG A 393 7.32 11.07 -1.81
CA ARG A 393 8.56 11.45 -1.12
C ARG A 393 9.13 10.25 -0.37
N ASP A 394 8.25 9.44 0.20
CA ASP A 394 8.61 8.23 0.94
C ASP A 394 9.34 7.18 0.09
N LEU A 395 8.78 6.92 -1.09
CA LEU A 395 9.28 5.89 -1.97
C LEU A 395 10.02 6.32 -3.22
N MET A 396 10.22 7.62 -3.39
CA MET A 396 10.86 8.13 -4.61
C MET A 396 10.10 7.61 -5.83
N VAL A 397 8.79 7.84 -5.83
CA VAL A 397 7.94 7.42 -6.95
C VAL A 397 7.06 8.58 -7.36
N ASP A 398 7.34 9.13 -8.53
CA ASP A 398 6.57 10.23 -9.10
C ASP A 398 5.12 9.78 -9.28
N GLY A 399 4.19 10.33 -8.50
CA GLY A 399 2.80 9.96 -8.60
C GLY A 399 2.01 10.86 -9.54
N GLY A 400 2.68 11.84 -10.13
CA GLY A 400 2.00 12.74 -11.04
C GLY A 400 1.30 13.94 -10.41
N LEU A 401 1.66 14.26 -9.18
CA LEU A 401 1.08 15.40 -8.50
C LEU A 401 2.12 16.10 -7.64
N ARG A 402 1.95 17.41 -7.47
CA ARG A 402 2.87 18.24 -6.69
C ARG A 402 2.11 18.97 -5.58
N PRO A 403 2.85 19.42 -4.56
CA PRO A 403 2.19 20.15 -3.46
C PRO A 403 1.92 21.59 -3.88
N VAL A 404 0.99 22.24 -3.18
CA VAL A 404 0.63 23.61 -3.49
C VAL A 404 0.34 24.40 -2.22
N THR A 405 0.69 25.68 -2.24
CA THR A 405 0.46 26.56 -1.11
C THR A 405 -0.98 27.05 -1.09
N GLU A 406 -1.49 27.31 0.10
CA GLU A 406 -2.85 27.79 0.27
C GLU A 406 -3.03 29.06 -0.56
N ALA A 407 -2.02 29.92 -0.53
CA ALA A 407 -2.06 31.17 -1.28
C ALA A 407 -2.16 30.95 -2.79
N GLU A 408 -1.33 30.07 -3.35
CA GLU A 408 -1.37 29.82 -4.79
C GLU A 408 -2.75 29.35 -5.23
N THR A 409 -3.32 28.45 -4.44
CA THR A 409 -4.63 27.88 -4.74
C THR A 409 -5.78 28.88 -4.56
N ILE A 410 -5.79 29.61 -3.45
CA ILE A 410 -6.83 30.60 -3.18
C ILE A 410 -6.91 31.57 -4.34
N ALA A 411 -5.75 32.01 -4.80
CA ALA A 411 -5.67 32.95 -5.90
C ALA A 411 -6.14 32.31 -7.20
N ILE A 412 -5.70 31.08 -7.47
CA ILE A 412 -6.08 30.39 -8.69
C ILE A 412 -7.57 30.11 -8.70
N ARG A 413 -8.12 29.79 -7.55
CA ARG A 413 -9.54 29.49 -7.46
C ARG A 413 -10.37 30.75 -7.62
N GLN A 414 -9.79 31.90 -7.26
CA GLN A 414 -10.51 33.17 -7.40
C GLN A 414 -10.51 33.59 -8.85
N LYS A 415 -9.36 33.52 -9.50
CA LYS A 415 -9.26 33.89 -10.90
C LYS A 415 -10.26 33.10 -11.74
N ALA A 416 -10.34 31.80 -11.50
CA ALA A 416 -11.25 30.94 -12.25
C ALA A 416 -12.70 31.18 -11.85
N ALA A 417 -12.91 31.51 -10.58
CA ALA A 417 -14.26 31.76 -10.09
C ALA A 417 -14.81 33.04 -10.73
N ARG A 418 -13.93 34.02 -10.94
CA ARG A 418 -14.31 35.28 -11.56
C ARG A 418 -14.44 35.10 -13.05
N ALA A 419 -13.49 34.36 -13.62
CA ALA A 419 -13.47 34.12 -15.05
C ALA A 419 -14.80 33.54 -15.49
N ILE A 420 -15.26 32.51 -14.81
CA ILE A 420 -16.52 31.90 -15.19
C ILE A 420 -17.67 32.88 -14.97
N GLN A 421 -17.56 33.68 -13.93
CA GLN A 421 -18.58 34.67 -13.59
C GLN A 421 -18.74 35.63 -14.76
N ALA A 422 -17.61 36.07 -15.29
CA ALA A 422 -17.62 36.99 -16.42
C ALA A 422 -18.28 36.31 -17.62
N VAL A 423 -17.93 35.05 -17.87
CA VAL A 423 -18.48 34.31 -18.99
C VAL A 423 -19.99 34.28 -18.95
N PHE A 424 -20.55 34.09 -17.76
CA PHE A 424 -22.00 34.05 -17.61
C PHE A 424 -22.63 35.41 -17.92
N ARG A 425 -21.91 36.49 -17.61
CA ARG A 425 -22.41 37.83 -17.89
C ARG A 425 -22.55 37.93 -19.40
N GLU A 426 -21.40 37.99 -20.05
CA GLU A 426 -21.31 38.11 -21.50
C GLU A 426 -22.25 37.20 -22.27
N LEU A 427 -22.44 35.96 -21.83
CA LEU A 427 -23.33 35.06 -22.55
C LEU A 427 -24.78 35.24 -22.13
N GLY A 428 -25.02 36.07 -21.13
CA GLY A 428 -26.38 36.29 -20.66
C GLY A 428 -27.01 35.09 -19.98
N LEU A 429 -26.24 34.42 -19.12
CA LEU A 429 -26.72 33.25 -18.40
C LEU A 429 -27.04 33.71 -16.98
N PRO A 430 -27.80 32.90 -16.22
CA PRO A 430 -28.15 33.26 -14.84
C PRO A 430 -26.91 33.80 -14.12
N PRO A 431 -26.96 35.07 -13.71
CA PRO A 431 -25.85 35.71 -13.02
C PRO A 431 -25.18 34.90 -11.91
N ILE A 432 -23.89 35.10 -11.73
CA ILE A 432 -23.11 34.44 -10.71
C ILE A 432 -22.73 35.54 -9.72
N ALA A 433 -23.51 35.67 -8.65
CA ALA A 433 -23.25 36.71 -7.65
C ALA A 433 -21.84 36.65 -7.06
N ASP A 434 -21.32 37.80 -6.66
CA ASP A 434 -19.99 37.90 -6.08
C ASP A 434 -19.87 37.02 -4.84
N GLU A 435 -20.97 36.81 -4.14
CA GLU A 435 -20.96 35.98 -2.93
C GLU A 435 -20.65 34.54 -3.32
N GLU A 436 -20.91 34.20 -4.58
CA GLU A 436 -20.65 32.87 -5.09
C GLU A 436 -19.17 32.75 -5.41
N VAL A 437 -18.65 33.72 -6.16
CA VAL A 437 -17.23 33.71 -6.50
C VAL A 437 -16.46 33.69 -5.19
N GLU A 438 -17.03 34.33 -4.18
CA GLU A 438 -16.42 34.40 -2.86
C GLU A 438 -16.40 33.01 -2.22
N ALA A 439 -17.56 32.40 -2.08
CA ALA A 439 -17.68 31.08 -1.48
C ALA A 439 -16.76 30.04 -2.12
N ALA A 440 -16.82 29.95 -3.45
CA ALA A 440 -16.03 28.98 -4.21
C ALA A 440 -14.52 29.13 -4.10
N THR A 441 -14.03 30.28 -3.66
CA THR A 441 -12.60 30.48 -3.54
C THR A 441 -12.01 29.90 -2.25
N TYR A 442 -12.76 29.94 -1.15
CA TYR A 442 -12.28 29.41 0.13
C TYR A 442 -13.07 28.17 0.55
N ALA A 443 -13.83 27.62 -0.39
CA ALA A 443 -14.65 26.45 -0.12
C ALA A 443 -13.88 25.16 -0.30
N HIS A 444 -14.36 24.12 0.37
CA HIS A 444 -13.79 22.79 0.29
C HIS A 444 -14.69 22.01 -0.64
N GLY A 445 -16.00 22.03 -0.34
CA GLY A 445 -16.98 21.33 -1.14
C GLY A 445 -18.28 22.12 -1.28
N SER A 446 -19.27 21.54 -1.96
CA SER A 446 -20.54 22.24 -2.16
C SER A 446 -21.29 22.64 -0.88
N ASN A 447 -20.75 22.30 0.28
CA ASN A 447 -21.37 22.64 1.56
C ASN A 447 -21.21 24.15 1.83
N GLU A 448 -20.19 24.74 1.22
CA GLU A 448 -19.90 26.16 1.37
C GLU A 448 -20.43 26.98 0.17
N MET A 449 -21.19 26.33 -0.70
CA MET A 449 -21.74 27.01 -1.88
C MET A 449 -23.22 27.37 -1.74
N PRO A 450 -23.53 28.67 -1.78
CA PRO A 450 -24.94 29.05 -1.66
C PRO A 450 -25.70 28.47 -2.86
N PRO A 451 -26.98 28.12 -2.66
CA PRO A 451 -27.84 27.54 -3.70
C PRO A 451 -27.98 28.39 -4.97
N ARG A 452 -28.57 27.79 -5.99
CA ARG A 452 -28.81 28.46 -7.27
C ARG A 452 -30.20 28.03 -7.75
N ASN A 453 -30.77 28.83 -8.64
CA ASN A 453 -32.09 28.53 -9.17
C ASN A 453 -31.90 27.50 -10.28
N VAL A 454 -32.04 26.23 -9.91
CA VAL A 454 -31.88 25.14 -10.88
C VAL A 454 -32.74 25.46 -12.08
N VAL A 455 -34.05 25.48 -11.84
CA VAL A 455 -35.02 25.75 -12.90
C VAL A 455 -34.51 26.82 -13.86
N GLU A 456 -34.04 27.92 -13.28
CA GLU A 456 -33.50 29.05 -14.03
C GLU A 456 -32.33 28.58 -14.90
N ASP A 457 -31.39 27.87 -14.27
CA ASP A 457 -30.20 27.37 -14.96
C ASP A 457 -30.55 26.44 -16.09
N LEU A 458 -31.29 25.39 -15.77
CA LEU A 458 -31.68 24.42 -16.77
C LEU A 458 -32.33 25.11 -17.96
N SER A 459 -33.22 26.03 -17.67
CA SER A 459 -33.95 26.79 -18.67
C SER A 459 -32.94 27.51 -19.55
N ALA A 460 -31.99 28.19 -18.93
CA ALA A 460 -30.96 28.93 -19.66
C ALA A 460 -30.14 27.97 -20.53
N VAL A 461 -29.73 26.85 -19.94
CA VAL A 461 -28.94 25.86 -20.67
C VAL A 461 -29.61 25.54 -22.00
N GLU A 462 -30.90 25.24 -21.92
CA GLU A 462 -31.69 24.91 -23.10
C GLU A 462 -31.57 26.05 -24.09
N GLU A 463 -31.70 27.28 -23.58
CA GLU A 463 -31.60 28.45 -24.43
C GLU A 463 -30.24 28.54 -25.11
N MET A 464 -29.19 28.25 -24.36
CA MET A 464 -27.83 28.28 -24.89
C MET A 464 -27.62 27.27 -26.02
N MET A 465 -28.12 26.05 -25.82
CA MET A 465 -27.99 25.00 -26.80
C MET A 465 -28.82 25.26 -28.06
N LYS A 466 -29.72 26.24 -27.96
CA LYS A 466 -30.55 26.63 -29.10
C LYS A 466 -29.75 27.69 -29.85
N ARG A 467 -29.21 28.63 -29.07
CA ARG A 467 -28.41 29.72 -29.60
C ARG A 467 -27.20 29.13 -30.31
N ASN A 468 -26.97 27.84 -30.10
CA ASN A 468 -25.86 27.15 -30.70
C ASN A 468 -24.53 27.73 -30.24
N ILE A 469 -24.28 27.68 -28.94
CA ILE A 469 -23.04 28.19 -28.39
C ILE A 469 -21.88 27.24 -28.67
N THR A 470 -20.71 27.82 -28.95
CA THR A 470 -19.51 27.07 -29.27
C THR A 470 -18.37 27.49 -28.36
N GLY A 471 -17.30 26.73 -28.37
CA GLY A 471 -16.15 27.07 -27.58
C GLY A 471 -15.67 28.43 -28.02
N LEU A 472 -15.75 28.72 -29.33
CA LEU A 472 -15.33 30.01 -29.84
C LEU A 472 -16.13 31.13 -29.17
N ASP A 473 -17.41 30.90 -28.91
CA ASP A 473 -18.20 31.93 -28.24
C ASP A 473 -17.63 32.15 -26.85
N ILE A 474 -17.07 31.09 -26.26
CA ILE A 474 -16.49 31.19 -24.91
C ILE A 474 -15.18 31.97 -24.99
N VAL A 475 -14.39 31.69 -26.02
CA VAL A 475 -13.14 32.40 -26.22
C VAL A 475 -13.47 33.89 -26.12
N GLY A 476 -14.34 34.35 -27.02
CA GLY A 476 -14.75 35.75 -27.04
C GLY A 476 -15.22 36.33 -25.71
N ALA A 477 -16.21 35.70 -25.10
CA ALA A 477 -16.74 36.17 -23.82
C ALA A 477 -15.59 36.46 -22.87
N LEU A 478 -14.52 35.68 -22.98
CA LEU A 478 -13.35 35.87 -22.13
C LEU A 478 -12.52 37.09 -22.50
N SER A 479 -12.37 37.35 -23.80
CA SER A 479 -11.59 38.49 -24.27
C SER A 479 -12.27 39.80 -23.89
N ARG A 480 -13.58 39.85 -24.13
CA ARG A 480 -14.37 41.03 -23.82
C ARG A 480 -14.51 41.22 -22.30
N SER A 481 -14.17 40.19 -21.54
CA SER A 481 -14.26 40.22 -20.08
C SER A 481 -12.92 40.52 -19.40
N GLY A 482 -11.87 40.68 -20.20
CA GLY A 482 -10.57 40.98 -19.65
C GLY A 482 -9.63 39.80 -19.51
N PHE A 483 -10.16 38.59 -19.59
CA PHE A 483 -9.34 37.40 -19.46
C PHE A 483 -8.84 36.93 -20.83
N GLU A 484 -8.03 37.75 -21.48
CA GLU A 484 -7.48 37.40 -22.79
C GLU A 484 -6.73 36.09 -22.64
N ASP A 485 -5.97 36.00 -21.55
CA ASP A 485 -5.18 34.81 -21.25
C ASP A 485 -5.93 33.48 -21.38
N ILE A 486 -6.98 33.30 -20.60
CA ILE A 486 -7.74 32.04 -20.67
C ILE A 486 -8.35 31.83 -22.05
N ALA A 487 -8.77 32.93 -22.67
CA ALA A 487 -9.39 32.89 -23.98
C ALA A 487 -8.45 32.28 -25.00
N SER A 488 -7.19 32.71 -24.97
CA SER A 488 -6.23 32.19 -25.92
C SER A 488 -5.88 30.75 -25.57
N ASN A 489 -5.95 30.41 -24.29
CA ASN A 489 -5.68 29.03 -23.88
C ASN A 489 -6.77 28.09 -24.41
N ILE A 490 -8.04 28.48 -24.25
CA ILE A 490 -9.13 27.65 -24.74
C ILE A 490 -8.98 27.52 -26.26
N LEU A 491 -8.61 28.62 -26.91
CA LEU A 491 -8.43 28.59 -28.35
C LEU A 491 -7.34 27.59 -28.76
N ASN A 492 -6.26 27.54 -27.98
CA ASN A 492 -5.19 26.62 -28.30
C ASN A 492 -5.64 25.17 -28.14
N MET A 493 -6.59 24.93 -27.21
CA MET A 493 -7.12 23.60 -26.98
C MET A 493 -7.87 23.19 -28.23
N LEU A 494 -8.78 24.04 -28.68
CA LEU A 494 -9.55 23.79 -29.89
C LEU A 494 -8.61 23.58 -31.08
N ARG A 495 -7.50 24.32 -31.11
CA ARG A 495 -6.54 24.21 -32.21
C ARG A 495 -6.03 22.79 -32.37
N GLN A 496 -5.92 22.06 -31.27
CA GLN A 496 -5.43 20.70 -31.29
C GLN A 496 -6.12 19.89 -32.36
N ARG A 497 -7.39 20.18 -32.58
CA ARG A 497 -8.15 19.44 -33.56
C ARG A 497 -7.63 19.62 -34.98
N VAL A 498 -6.88 20.68 -35.20
CA VAL A 498 -6.34 20.97 -36.52
C VAL A 498 -5.07 20.17 -36.84
N THR A 499 -4.14 20.11 -35.88
CA THR A 499 -2.89 19.38 -36.08
C THR A 499 -3.09 17.89 -35.96
N GLY A 500 -3.97 17.49 -35.07
CA GLY A 500 -4.23 16.08 -34.88
C GLY A 500 -3.09 15.36 -34.20
N ASP A 501 -2.21 16.11 -33.52
CA ASP A 501 -1.09 15.47 -32.82
C ASP A 501 -1.53 14.78 -31.54
N TYR A 502 -2.50 15.33 -30.82
CA TYR A 502 -2.94 14.71 -29.58
C TYR A 502 -3.90 13.54 -29.79
N LEU A 503 -3.84 12.94 -30.99
CA LEU A 503 -4.64 11.77 -31.31
C LEU A 503 -3.76 10.54 -31.17
N GLN A 504 -2.43 10.72 -31.15
CA GLN A 504 -1.54 9.59 -31.01
C GLN A 504 -1.65 8.99 -29.62
N THR A 505 -1.26 7.72 -29.51
CA THR A 505 -1.29 6.97 -28.25
C THR A 505 -0.77 7.74 -27.03
N SER A 506 -1.52 7.71 -25.94
CA SER A 506 -1.09 8.37 -24.71
C SER A 506 -0.81 9.87 -24.83
N ALA A 507 -1.47 10.56 -25.74
CA ALA A 507 -1.21 11.98 -25.92
C ALA A 507 -1.75 12.96 -24.86
N ILE A 508 -0.92 13.92 -24.48
CA ILE A 508 -1.31 14.95 -23.52
C ILE A 508 -0.65 16.27 -23.92
N LEU A 509 -0.91 17.34 -23.16
CA LEU A 509 -0.32 18.64 -23.49
C LEU A 509 0.49 19.28 -22.37
N ASP A 510 1.40 20.19 -22.73
CA ASP A 510 2.19 20.89 -21.73
C ASP A 510 1.71 22.32 -21.61
N ARG A 511 2.49 23.14 -20.91
CA ARG A 511 2.13 24.54 -20.72
C ARG A 511 2.09 25.32 -22.04
N GLN A 512 2.91 24.92 -23.01
CA GLN A 512 2.95 25.62 -24.31
C GLN A 512 2.02 24.96 -25.32
N PHE A 513 1.11 24.12 -24.84
CA PHE A 513 0.17 23.43 -25.72
C PHE A 513 0.88 22.54 -26.73
N GLU A 514 1.99 21.96 -26.31
CA GLU A 514 2.77 21.03 -27.14
C GLU A 514 2.41 19.62 -26.70
N VAL A 515 2.23 18.74 -27.68
CA VAL A 515 1.88 17.35 -27.44
C VAL A 515 3.04 16.57 -26.83
N VAL A 516 2.69 15.61 -25.97
CA VAL A 516 3.64 14.74 -25.31
C VAL A 516 2.94 13.40 -25.31
N SER A 517 3.34 12.51 -26.22
CA SER A 517 2.72 11.21 -26.30
C SER A 517 3.72 10.08 -26.53
N ALA A 518 3.21 8.87 -26.57
CA ALA A 518 4.03 7.69 -26.77
C ALA A 518 4.83 7.75 -28.07
N VAL A 519 4.65 8.82 -28.84
CA VAL A 519 5.37 8.95 -30.10
C VAL A 519 6.66 9.73 -29.95
N ASN A 520 6.59 10.87 -29.29
CA ASN A 520 7.75 11.71 -29.09
C ASN A 520 8.28 11.63 -27.67
N ASP A 521 7.81 10.63 -26.93
CA ASP A 521 8.21 10.40 -25.55
C ASP A 521 8.06 8.90 -25.29
N ILE A 522 8.72 8.09 -26.12
CA ILE A 522 8.65 6.64 -26.04
C ILE A 522 9.20 6.08 -24.74
N ASN A 523 8.47 5.13 -24.16
CA ASN A 523 8.94 4.49 -22.95
C ASN A 523 9.99 3.50 -23.46
N ASP A 524 11.08 3.35 -22.72
CA ASP A 524 12.14 2.44 -23.16
C ASP A 524 12.76 1.66 -22.01
N TYR A 525 11.95 1.30 -21.02
CA TYR A 525 12.46 0.56 -19.87
C TYR A 525 13.07 -0.79 -20.23
N GLN A 526 14.28 -1.03 -19.73
CA GLN A 526 15.00 -2.27 -19.99
C GLN A 526 15.79 -2.73 -18.77
N GLY A 527 15.26 -2.46 -17.58
CA GLY A 527 15.93 -2.86 -16.36
C GLY A 527 16.72 -1.71 -15.79
N PRO A 528 17.25 -1.83 -14.56
CA PRO A 528 18.02 -0.73 -13.99
C PRO A 528 18.99 -0.13 -15.01
N GLY A 529 19.18 1.18 -14.93
CA GLY A 529 20.05 1.86 -15.85
C GLY A 529 19.30 2.43 -17.04
N THR A 530 18.01 2.13 -17.16
CA THR A 530 17.23 2.64 -18.28
C THR A 530 15.82 3.03 -17.89
N GLY A 531 15.05 3.43 -18.89
CA GLY A 531 13.68 3.83 -18.65
C GLY A 531 13.58 5.12 -17.87
N TYR A 532 12.37 5.49 -17.49
CA TYR A 532 12.11 6.71 -16.76
C TYR A 532 12.80 6.70 -15.40
N ARG A 533 13.19 7.90 -14.96
CA ARG A 533 13.81 8.12 -13.66
C ARG A 533 13.45 9.57 -13.39
N ILE A 534 12.85 9.84 -12.25
CA ILE A 534 12.46 11.20 -11.94
C ILE A 534 13.61 12.16 -12.15
N SER A 535 13.36 13.26 -12.81
CA SER A 535 14.40 14.26 -13.03
C SER A 535 14.74 15.00 -11.72
N ALA A 536 15.95 15.55 -11.65
CA ALA A 536 16.41 16.29 -10.48
C ALA A 536 15.39 17.36 -10.05
N GLU A 537 14.86 18.08 -11.03
CA GLU A 537 13.89 19.13 -10.76
C GLU A 537 12.64 18.53 -10.14
N ARG A 538 12.14 17.46 -10.74
CA ARG A 538 10.95 16.79 -10.27
C ARG A 538 11.11 16.20 -8.88
N TRP A 539 12.30 15.71 -8.57
CA TRP A 539 12.56 15.11 -7.26
C TRP A 539 12.54 16.19 -6.19
N ALA A 540 13.15 17.32 -6.51
CA ALA A 540 13.21 18.46 -5.60
C ALA A 540 11.80 18.93 -5.26
N GLU A 541 10.92 18.91 -6.25
CA GLU A 541 9.55 19.34 -6.06
C GLU A 541 8.78 18.36 -5.16
N ILE A 542 9.00 17.06 -5.40
CA ILE A 542 8.36 16.01 -4.63
C ILE A 542 8.77 16.07 -3.16
N LYS A 543 10.07 16.22 -2.93
CA LYS A 543 10.64 16.27 -1.58
C LYS A 543 10.24 17.50 -0.80
N ASN A 544 10.37 18.65 -1.44
CA ASN A 544 10.08 19.91 -0.78
C ASN A 544 8.61 20.19 -0.58
N ILE A 545 8.06 19.54 0.43
CA ILE A 545 6.67 19.70 0.79
C ILE A 545 6.53 20.77 1.86
N PRO A 546 5.48 21.60 1.77
CA PRO A 546 5.28 22.66 2.76
C PRO A 546 5.18 22.08 4.16
N GLY A 547 5.90 22.67 5.10
CA GLY A 547 5.84 22.17 6.46
C GLY A 547 7.00 21.29 6.88
N VAL A 548 7.74 20.76 5.92
CA VAL A 548 8.91 19.94 6.25
C VAL A 548 9.87 20.89 6.93
N VAL A 549 10.22 20.59 8.17
CA VAL A 549 11.11 21.44 8.93
C VAL A 549 12.57 21.16 8.65
N GLN A 550 13.37 22.22 8.53
CA GLN A 550 14.79 22.09 8.29
C GLN A 550 15.42 21.71 9.63
N PRO A 551 16.19 20.61 9.67
CA PRO A 551 16.85 20.12 10.87
C PRO A 551 18.10 20.93 11.17
N ASP A 552 18.03 21.81 12.14
CA ASP A 552 19.14 22.64 12.58
C ASP A 552 18.56 23.63 13.59
N PHE B 11 -53.98 -0.99 5.43
CA PHE B 11 -54.22 -1.19 3.96
C PHE B 11 -52.92 -1.47 3.18
N THR B 12 -52.83 -2.67 2.59
CA THR B 12 -51.63 -3.05 1.83
C THR B 12 -51.88 -3.07 0.31
N LEU B 13 -51.08 -2.30 -0.41
CA LEU B 13 -51.20 -2.23 -1.87
C LEU B 13 -50.45 -3.38 -2.52
N LYS B 14 -51.20 -4.24 -3.22
CA LYS B 14 -50.59 -5.36 -3.91
C LYS B 14 -50.80 -5.16 -5.40
N THR B 15 -50.12 -5.96 -6.20
CA THR B 15 -50.19 -5.86 -7.64
C THR B 15 -51.03 -6.94 -8.29
N ARG B 16 -51.75 -6.56 -9.36
CA ARG B 16 -52.62 -7.47 -10.11
C ARG B 16 -52.30 -7.50 -11.61
N GLU B 17 -52.18 -8.69 -12.18
CA GLU B 17 -51.88 -8.85 -13.59
C GLU B 17 -53.06 -8.46 -14.49
N GLY B 18 -52.79 -8.15 -15.76
CA GLY B 18 -53.84 -7.75 -16.67
C GLY B 18 -53.65 -7.89 -18.18
N GLY B 19 -53.05 -9.00 -18.60
CA GLY B 19 -52.86 -9.24 -20.02
C GLY B 19 -51.81 -8.44 -20.77
N VAL B 20 -52.26 -7.49 -21.60
CA VAL B 20 -51.35 -6.67 -22.41
C VAL B 20 -51.63 -5.17 -22.34
N ALA B 21 -50.61 -4.39 -21.99
CA ALA B 21 -50.76 -2.95 -21.89
C ALA B 21 -50.51 -2.37 -23.28
N SER B 22 -51.33 -1.39 -23.65
CA SER B 22 -51.21 -0.76 -24.96
C SER B 22 -50.82 0.71 -24.82
N ALA B 23 -50.09 1.20 -25.82
CA ALA B 23 -49.69 2.60 -25.82
C ALA B 23 -51.00 3.34 -25.79
N ASP B 24 -51.01 4.53 -25.23
CA ASP B 24 -52.23 5.29 -25.15
C ASP B 24 -51.95 6.72 -25.59
N GLU B 25 -53.00 7.54 -25.57
CA GLU B 25 -52.90 8.93 -25.92
C GLU B 25 -53.76 9.75 -24.97
N ARG B 26 -53.97 9.21 -23.76
CA ARG B 26 -54.74 9.87 -22.73
C ARG B 26 -53.82 10.89 -22.06
N ALA B 27 -53.85 12.11 -22.56
CA ALA B 27 -52.99 13.19 -22.05
C ALA B 27 -52.71 13.25 -20.53
N ASP B 28 -53.73 13.01 -19.71
CA ASP B 28 -53.57 13.08 -18.26
C ASP B 28 -53.11 11.81 -17.55
N GLU B 29 -52.08 11.17 -18.08
CA GLU B 29 -51.56 9.94 -17.46
C GLU B 29 -50.04 9.89 -17.43
N VAL B 30 -49.51 9.15 -16.46
CA VAL B 30 -48.08 8.94 -16.32
C VAL B 30 -47.95 7.44 -16.09
N VAL B 31 -47.28 6.75 -17.00
CA VAL B 31 -47.10 5.32 -16.85
C VAL B 31 -45.89 5.03 -15.97
N ILE B 32 -46.04 4.03 -15.11
CA ILE B 32 -44.96 3.62 -14.24
C ILE B 32 -44.74 2.14 -14.57
N GLY B 33 -43.60 1.86 -15.19
CA GLY B 33 -43.27 0.50 -15.55
C GLY B 33 -42.33 -0.08 -14.54
N VAL B 34 -42.66 -1.26 -14.04
CA VAL B 34 -41.83 -1.91 -13.05
C VAL B 34 -41.12 -3.13 -13.64
N GLY B 35 -39.98 -3.48 -13.04
CA GLY B 35 -39.21 -4.60 -13.52
C GLY B 35 -39.95 -5.92 -13.52
N PRO B 36 -39.49 -6.87 -14.36
CA PRO B 36 -40.11 -8.19 -14.47
C PRO B 36 -40.51 -8.78 -13.14
N ALA B 37 -39.63 -8.68 -12.14
CA ALA B 37 -39.90 -9.26 -10.83
C ALA B 37 -40.55 -8.34 -9.80
N PHE B 38 -40.59 -7.04 -10.08
CA PHE B 38 -41.17 -6.11 -9.13
C PHE B 38 -42.52 -6.56 -8.57
N ASP B 39 -42.59 -6.63 -7.24
CA ASP B 39 -43.82 -7.03 -6.55
C ASP B 39 -44.43 -8.29 -7.16
N LYS B 40 -43.65 -9.37 -7.18
CA LYS B 40 -44.13 -10.63 -7.73
C LYS B 40 -43.14 -11.73 -7.41
N HIS B 41 -41.94 -11.63 -7.99
CA HIS B 41 -40.90 -12.61 -7.75
C HIS B 41 -39.97 -12.08 -6.68
N GLN B 42 -40.05 -10.77 -6.44
CA GLN B 42 -39.25 -10.10 -5.40
C GLN B 42 -40.26 -9.20 -4.69
N HIS B 43 -39.94 -8.73 -3.49
CA HIS B 43 -40.91 -7.89 -2.81
C HIS B 43 -40.30 -6.71 -2.06
N HIS B 44 -38.99 -6.79 -1.82
CA HIS B 44 -38.26 -5.74 -1.12
C HIS B 44 -37.07 -5.24 -1.96
N THR B 45 -36.59 -4.05 -1.63
CA THR B 45 -35.43 -3.46 -2.31
C THR B 45 -34.14 -3.86 -1.57
N LEU B 46 -33.01 -3.31 -2.00
CA LEU B 46 -31.73 -3.62 -1.40
C LEU B 46 -31.69 -3.29 0.08
N ILE B 47 -32.52 -2.33 0.48
CA ILE B 47 -32.55 -1.92 1.87
C ILE B 47 -33.85 -2.38 2.52
N ASP B 48 -34.40 -3.47 1.99
CA ASP B 48 -35.65 -4.08 2.47
C ASP B 48 -36.80 -3.10 2.66
N MET B 49 -37.27 -2.55 1.54
CA MET B 49 -38.39 -1.63 1.57
C MET B 49 -39.41 -2.30 0.69
N PRO B 50 -40.63 -2.51 1.21
CA PRO B 50 -41.72 -3.17 0.47
C PRO B 50 -42.09 -2.46 -0.83
N HIS B 51 -42.19 -3.23 -1.90
CA HIS B 51 -42.54 -2.69 -3.19
C HIS B 51 -43.88 -1.99 -3.18
N GLY B 52 -44.79 -2.46 -2.33
CA GLY B 52 -46.11 -1.88 -2.24
C GLY B 52 -46.12 -0.45 -1.74
N ALA B 53 -45.42 -0.22 -0.63
CA ALA B 53 -45.38 1.11 -0.04
C ALA B 53 -44.71 2.12 -0.97
N ILE B 54 -43.82 1.61 -1.82
CA ILE B 54 -43.10 2.45 -2.78
C ILE B 54 -44.08 2.76 -3.89
N LEU B 55 -44.61 1.69 -4.48
CA LEU B 55 -45.57 1.80 -5.56
C LEU B 55 -46.74 2.69 -5.13
N LYS B 56 -47.03 2.69 -3.83
CA LYS B 56 -48.10 3.51 -3.29
C LYS B 56 -47.69 4.96 -3.36
N GLU B 57 -46.48 5.24 -2.89
CA GLU B 57 -45.92 6.60 -2.89
C GLU B 57 -45.82 7.23 -4.29
N LEU B 58 -45.38 6.44 -5.28
CA LEU B 58 -45.26 6.95 -6.63
C LEU B 58 -46.63 7.42 -7.11
N ILE B 59 -47.58 6.49 -7.12
CA ILE B 59 -48.93 6.78 -7.55
C ILE B 59 -49.52 8.00 -6.82
N ALA B 60 -49.36 8.05 -5.51
CA ALA B 60 -49.88 9.18 -4.72
C ALA B 60 -49.25 10.49 -5.15
N GLY B 61 -48.00 10.42 -5.61
CA GLY B 61 -47.31 11.63 -6.04
C GLY B 61 -47.94 12.16 -7.32
N VAL B 62 -48.28 11.24 -8.22
CA VAL B 62 -48.90 11.61 -9.48
C VAL B 62 -50.28 12.22 -9.24
N GLU B 63 -51.17 11.44 -8.62
CA GLU B 63 -52.52 11.92 -8.35
C GLU B 63 -52.51 13.29 -7.69
N GLU B 64 -51.62 13.45 -6.71
CA GLU B 64 -51.49 14.70 -5.97
C GLU B 64 -51.37 15.90 -6.92
N GLU B 65 -51.03 15.64 -8.17
CA GLU B 65 -50.89 16.70 -9.15
C GLU B 65 -52.04 16.66 -10.16
N GLY B 66 -53.03 15.82 -9.87
CA GLY B 66 -54.20 15.73 -10.73
C GLY B 66 -54.19 14.69 -11.84
N LEU B 67 -53.01 14.20 -12.20
CA LEU B 67 -52.97 13.21 -13.27
C LEU B 67 -53.29 11.82 -12.79
N HIS B 68 -53.47 10.91 -13.75
CA HIS B 68 -53.76 9.53 -13.44
C HIS B 68 -52.46 8.78 -13.62
N ALA B 69 -52.28 7.70 -12.88
CA ALA B 69 -51.06 6.93 -12.99
C ALA B 69 -51.36 5.48 -13.25
N ARG B 70 -50.94 4.98 -14.41
CA ARG B 70 -51.19 3.58 -14.70
C ARG B 70 -49.95 2.72 -14.62
N VAL B 71 -50.03 1.70 -13.77
CA VAL B 71 -48.95 0.77 -13.54
C VAL B 71 -48.92 -0.33 -14.58
N VAL B 72 -47.72 -0.64 -15.04
CA VAL B 72 -47.52 -1.67 -16.03
C VAL B 72 -46.26 -2.42 -15.63
N ARG B 73 -46.00 -3.55 -16.28
CA ARG B 73 -44.81 -4.31 -15.98
C ARG B 73 -44.02 -4.53 -17.26
N ILE B 74 -42.79 -4.04 -17.29
CA ILE B 74 -41.97 -4.25 -18.48
C ILE B 74 -41.31 -5.61 -18.34
N LEU B 75 -41.55 -6.48 -19.31
CA LEU B 75 -40.99 -7.82 -19.28
C LEU B 75 -39.82 -7.98 -20.25
N ARG B 76 -39.80 -7.11 -21.25
CA ARG B 76 -38.77 -7.19 -22.28
C ARG B 76 -37.35 -6.85 -21.83
N THR B 77 -37.22 -6.18 -20.70
CA THR B 77 -35.90 -5.79 -20.20
C THR B 77 -35.85 -5.53 -18.70
N SER B 78 -34.65 -5.66 -18.14
CA SER B 78 -34.40 -5.43 -16.72
C SER B 78 -33.55 -4.16 -16.50
N ASP B 79 -33.27 -3.45 -17.59
CA ASP B 79 -32.46 -2.23 -17.54
C ASP B 79 -33.43 -1.08 -17.26
N VAL B 80 -33.35 -0.48 -16.07
CA VAL B 80 -34.29 0.58 -15.73
C VAL B 80 -34.40 1.68 -16.77
N SER B 81 -33.31 1.95 -17.47
CA SER B 81 -33.32 2.97 -18.48
C SER B 81 -34.35 2.64 -19.57
N PHE B 82 -34.24 1.43 -20.11
CA PHE B 82 -35.16 0.99 -21.14
C PHE B 82 -36.55 0.83 -20.56
N MET B 83 -36.58 0.37 -19.32
CA MET B 83 -37.84 0.16 -18.60
C MET B 83 -38.61 1.47 -18.56
N ALA B 84 -37.92 2.52 -18.13
CA ALA B 84 -38.52 3.85 -18.03
C ALA B 84 -38.85 4.40 -19.41
N TRP B 85 -38.03 4.05 -20.40
CA TRP B 85 -38.23 4.52 -21.77
C TRP B 85 -39.49 3.89 -22.34
N ASP B 86 -39.76 2.64 -21.97
CA ASP B 86 -40.95 1.95 -22.43
C ASP B 86 -42.15 2.63 -21.80
N ALA B 87 -42.04 2.94 -20.52
CA ALA B 87 -43.11 3.61 -19.81
C ALA B 87 -43.49 4.87 -20.55
N ALA B 88 -42.49 5.71 -20.83
CA ALA B 88 -42.73 6.96 -21.54
C ALA B 88 -43.33 6.79 -22.93
N ASN B 89 -42.80 5.86 -23.73
CA ASN B 89 -43.32 5.62 -25.09
C ASN B 89 -44.56 4.75 -24.99
N LEU B 90 -45.31 4.95 -23.93
CA LEU B 90 -46.52 4.17 -23.70
C LEU B 90 -47.46 5.10 -22.98
N SER B 91 -46.89 6.19 -22.47
CA SER B 91 -47.64 7.20 -21.73
C SER B 91 -48.20 8.29 -22.64
N GLY B 92 -49.52 8.41 -22.63
CA GLY B 92 -50.17 9.40 -23.46
C GLY B 92 -49.65 10.80 -23.16
N SER B 93 -48.90 10.96 -22.08
CA SER B 93 -48.36 12.27 -21.77
C SER B 93 -46.88 12.31 -22.17
N GLY B 94 -46.36 11.16 -22.61
CA GLY B 94 -44.98 11.07 -23.02
C GLY B 94 -43.99 11.03 -21.86
N ILE B 95 -44.51 11.06 -20.64
CA ILE B 95 -43.67 11.03 -19.45
C ILE B 95 -43.92 9.75 -18.65
N GLY B 96 -42.88 8.95 -18.49
CA GLY B 96 -43.03 7.70 -17.76
C GLY B 96 -42.00 7.54 -16.66
N ILE B 97 -42.09 6.44 -15.92
CA ILE B 97 -41.15 6.16 -14.85
C ILE B 97 -40.83 4.68 -14.85
N GLY B 98 -39.55 4.36 -14.60
CA GLY B 98 -39.14 2.98 -14.58
C GLY B 98 -38.57 2.70 -13.20
N ILE B 99 -38.69 1.47 -12.74
CA ILE B 99 -38.17 1.11 -11.42
C ILE B 99 -37.83 -0.34 -11.39
N GLN B 100 -36.67 -0.65 -10.84
CA GLN B 100 -36.22 -2.02 -10.73
C GLN B 100 -36.64 -2.50 -9.35
N SER B 101 -36.60 -3.80 -9.12
CA SER B 101 -36.98 -4.34 -7.83
C SER B 101 -36.04 -3.87 -6.74
N LYS B 102 -34.75 -3.77 -7.06
CA LYS B 102 -33.79 -3.33 -6.06
C LYS B 102 -33.94 -1.87 -5.70
N GLY B 103 -34.76 -1.14 -6.45
CA GLY B 103 -35.01 0.27 -6.14
C GLY B 103 -34.64 1.36 -7.12
N THR B 104 -33.69 1.08 -8.01
CA THR B 104 -33.21 2.05 -9.00
C THR B 104 -34.39 2.63 -9.78
N THR B 105 -34.48 3.95 -9.82
CA THR B 105 -35.59 4.57 -10.50
C THR B 105 -35.20 5.72 -11.42
N VAL B 106 -35.99 5.90 -12.48
CA VAL B 106 -35.75 6.97 -13.43
C VAL B 106 -37.01 7.52 -14.09
N ILE B 107 -37.02 8.84 -14.30
CA ILE B 107 -38.12 9.51 -14.96
C ILE B 107 -37.64 9.79 -16.37
N HIS B 108 -38.31 9.20 -17.34
CA HIS B 108 -37.93 9.37 -18.73
C HIS B 108 -38.97 10.15 -19.53
N GLN B 109 -38.59 10.46 -20.76
CA GLN B 109 -39.44 11.15 -21.71
C GLN B 109 -39.33 10.44 -23.06
N ARG B 110 -40.50 10.15 -23.63
CA ARG B 110 -40.61 9.39 -24.86
C ARG B 110 -39.70 9.84 -25.89
N ASP B 111 -39.31 11.01 -25.91
CA ASP B 111 -38.45 11.16 -26.96
C ASP B 111 -37.05 11.47 -26.58
N LEU B 112 -36.56 11.12 -25.44
CA LEU B 112 -35.12 11.30 -25.28
C LEU B 112 -34.49 10.00 -25.76
N LEU B 113 -33.18 9.89 -25.85
CA LEU B 113 -32.58 8.59 -26.18
C LEU B 113 -32.79 7.67 -24.98
N PRO B 114 -32.65 6.34 -25.17
CA PRO B 114 -32.82 5.38 -24.08
C PRO B 114 -31.93 5.61 -22.84
N LEU B 115 -30.62 5.71 -23.06
CA LEU B 115 -29.69 5.89 -21.94
C LEU B 115 -29.60 7.30 -21.41
N SER B 116 -30.55 8.14 -21.78
CA SER B 116 -30.58 9.51 -21.25
C SER B 116 -31.85 9.56 -20.39
N ASN B 117 -32.17 10.72 -19.85
CA ASN B 117 -33.38 10.83 -19.01
C ASN B 117 -33.65 12.27 -18.61
N LEU B 118 -34.67 12.43 -17.77
CA LEU B 118 -35.04 13.74 -17.23
C LEU B 118 -34.47 13.79 -15.83
N GLU B 119 -34.67 12.70 -15.10
CA GLU B 119 -34.19 12.55 -13.75
C GLU B 119 -33.70 11.12 -13.51
N LEU B 120 -32.77 10.97 -12.57
CA LEU B 120 -32.20 9.65 -12.27
C LEU B 120 -31.93 9.47 -10.78
N PHE B 121 -32.14 8.26 -10.27
CA PHE B 121 -31.89 7.97 -8.87
C PHE B 121 -31.03 6.71 -8.88
N SER B 122 -29.77 6.91 -9.23
CA SER B 122 -28.77 5.85 -9.38
C SER B 122 -28.24 5.15 -8.13
N GLN B 123 -28.59 5.66 -6.95
CA GLN B 123 -28.14 5.04 -5.72
C GLN B 123 -29.33 4.60 -4.87
N ALA B 124 -29.93 3.52 -5.34
CA ALA B 124 -31.09 2.93 -4.70
C ALA B 124 -31.16 2.98 -3.18
N PRO B 125 -30.16 2.42 -2.48
CA PRO B 125 -30.18 2.41 -1.01
C PRO B 125 -30.41 3.73 -0.28
N LEU B 126 -30.38 4.86 -1.01
CA LEU B 126 -30.58 6.16 -0.38
C LEU B 126 -31.98 6.74 -0.62
N LEU B 127 -32.83 6.01 -1.32
CA LEU B 127 -34.18 6.51 -1.58
C LEU B 127 -35.15 6.23 -0.44
N THR B 128 -35.93 7.25 -0.11
CA THR B 128 -36.93 7.19 0.96
C THR B 128 -38.32 7.29 0.35
N LEU B 129 -39.33 6.84 1.09
CA LEU B 129 -40.71 6.91 0.62
C LEU B 129 -41.06 8.35 0.25
N GLU B 130 -40.51 9.29 1.02
CA GLU B 130 -40.74 10.70 0.74
C GLU B 130 -40.30 10.96 -0.71
N THR B 131 -39.03 10.65 -1.01
CA THR B 131 -38.46 10.84 -2.35
C THR B 131 -39.29 10.15 -3.43
N TYR B 132 -39.74 8.94 -3.17
CA TYR B 132 -40.56 8.23 -4.13
C TYR B 132 -41.85 9.01 -4.39
N ARG B 133 -42.28 9.76 -3.38
CA ARG B 133 -43.46 10.59 -3.50
C ARG B 133 -43.15 11.81 -4.36
N GLN B 134 -42.04 12.47 -4.07
CA GLN B 134 -41.67 13.64 -4.85
C GLN B 134 -41.38 13.23 -6.28
N ILE B 135 -40.93 11.99 -6.47
CA ILE B 135 -40.64 11.48 -7.80
C ILE B 135 -41.94 11.45 -8.60
N GLY B 136 -43.02 11.08 -7.91
CA GLY B 136 -44.34 11.01 -8.53
C GLY B 136 -44.88 12.38 -8.89
N LYS B 137 -44.64 13.37 -8.04
CA LYS B 137 -45.12 14.72 -8.31
C LYS B 137 -44.40 15.30 -9.51
N ASN B 138 -43.07 15.31 -9.45
CA ASN B 138 -42.28 15.84 -10.55
C ASN B 138 -42.65 15.17 -11.87
N ALA B 139 -42.79 13.86 -11.86
CA ALA B 139 -43.14 13.14 -13.09
C ALA B 139 -44.45 13.67 -13.70
N ALA B 140 -45.41 13.99 -12.84
CA ALA B 140 -46.71 14.50 -13.29
C ALA B 140 -46.55 15.93 -13.77
N ARG B 141 -45.75 16.70 -13.06
CA ARG B 141 -45.52 18.09 -13.45
C ARG B 141 -44.86 18.14 -14.83
N TYR B 142 -44.12 17.09 -15.19
CA TYR B 142 -43.49 17.06 -16.50
C TYR B 142 -44.60 16.76 -17.53
N ALA B 143 -45.47 15.81 -17.18
CA ALA B 143 -46.57 15.42 -18.05
C ALA B 143 -47.48 16.60 -18.40
N ARG B 144 -47.47 17.61 -17.52
CA ARG B 144 -48.26 18.83 -17.73
C ARG B 144 -47.37 19.90 -18.35
N LYS B 145 -46.31 19.46 -19.03
CA LYS B 145 -45.35 20.31 -19.72
C LYS B 145 -44.75 21.40 -18.82
N GLU B 146 -44.60 21.12 -17.54
CA GLU B 146 -44.02 22.08 -16.62
C GLU B 146 -42.51 21.90 -16.48
N SER B 147 -41.90 22.75 -15.65
CA SER B 147 -40.47 22.70 -15.42
C SER B 147 -40.18 22.63 -13.92
N PRO B 148 -40.53 21.51 -13.28
CA PRO B 148 -40.32 21.33 -11.85
C PRO B 148 -38.83 21.23 -11.48
N SER B 149 -38.45 21.89 -10.39
CA SER B 149 -37.08 21.83 -9.93
C SER B 149 -36.84 20.36 -9.60
N PRO B 150 -35.91 19.71 -10.32
CA PRO B 150 -35.61 18.29 -10.10
C PRO B 150 -35.43 17.92 -8.62
N VAL B 151 -35.70 16.65 -8.30
CA VAL B 151 -35.55 16.16 -6.95
C VAL B 151 -34.07 16.27 -6.63
N PRO B 152 -33.71 16.97 -5.54
CA PRO B 152 -32.29 17.11 -5.18
C PRO B 152 -31.56 15.78 -5.12
N VAL B 153 -30.55 15.65 -5.97
CA VAL B 153 -29.74 14.44 -6.05
C VAL B 153 -28.98 14.21 -4.75
N VAL B 154 -28.86 12.95 -4.36
CA VAL B 154 -28.16 12.57 -3.14
C VAL B 154 -27.04 11.60 -3.51
N ASN B 155 -25.96 11.59 -2.72
CA ASN B 155 -24.82 10.73 -3.00
C ASN B 155 -24.03 10.35 -1.77
N ASP B 156 -23.66 9.07 -1.65
CA ASP B 156 -22.86 8.57 -0.54
C ASP B 156 -21.75 7.66 -1.09
N GLN B 157 -20.50 8.10 -0.94
CA GLN B 157 -19.36 7.36 -1.48
C GLN B 157 -19.16 5.91 -1.03
N MET B 158 -19.87 5.49 0.02
CA MET B 158 -19.72 4.13 0.53
C MET B 158 -20.85 3.18 0.19
N VAL B 159 -21.83 3.66 -0.57
CA VAL B 159 -22.95 2.82 -0.97
C VAL B 159 -22.47 1.71 -1.86
N ARG B 160 -21.63 2.05 -2.85
CA ARG B 160 -21.11 1.03 -3.75
C ARG B 160 -20.34 -0.02 -2.95
N PRO B 161 -19.41 0.41 -2.09
CA PRO B 161 -18.66 -0.57 -1.30
C PRO B 161 -19.60 -1.45 -0.47
N LYS B 162 -20.68 -0.88 0.03
CA LYS B 162 -21.67 -1.63 0.83
C LYS B 162 -22.63 -2.47 0.01
N PHE B 163 -23.21 -1.88 -1.03
CA PHE B 163 -24.20 -2.60 -1.83
C PHE B 163 -23.91 -3.08 -3.24
N MET B 164 -22.91 -2.53 -3.93
CA MET B 164 -22.70 -2.99 -5.31
C MET B 164 -22.81 -4.49 -5.52
N ALA B 165 -22.09 -5.27 -4.73
CA ALA B 165 -22.16 -6.73 -4.86
C ALA B 165 -23.63 -7.18 -4.73
N LYS B 166 -24.31 -6.73 -3.68
CA LYS B 166 -25.72 -7.08 -3.45
C LYS B 166 -26.59 -6.65 -4.63
N ALA B 167 -26.44 -5.41 -5.06
CA ALA B 167 -27.22 -4.90 -6.18
C ALA B 167 -27.12 -5.88 -7.33
N ALA B 168 -25.91 -6.40 -7.57
CA ALA B 168 -25.72 -7.33 -8.66
C ALA B 168 -26.61 -8.55 -8.51
N LEU B 169 -26.58 -9.17 -7.34
CA LEU B 169 -27.40 -10.35 -7.11
C LEU B 169 -28.90 -10.08 -7.37
N PHE B 170 -29.43 -9.00 -6.81
CA PHE B 170 -30.85 -8.66 -7.02
C PHE B 170 -31.14 -8.55 -8.51
N HIS B 171 -30.23 -7.94 -9.23
CA HIS B 171 -30.40 -7.79 -10.67
C HIS B 171 -30.34 -9.16 -11.34
N ILE B 172 -29.58 -10.08 -10.76
CA ILE B 172 -29.48 -11.43 -11.32
C ILE B 172 -30.82 -12.14 -11.22
N LYS B 173 -31.49 -11.92 -10.09
CA LYS B 173 -32.79 -12.53 -9.83
C LYS B 173 -33.89 -11.93 -10.69
N GLU B 174 -33.90 -10.61 -10.80
CA GLU B 174 -34.93 -9.98 -11.61
C GLU B 174 -34.68 -10.15 -13.10
N THR B 175 -33.42 -10.26 -13.51
CA THR B 175 -33.10 -10.45 -14.92
C THR B 175 -33.44 -11.87 -15.38
N LYS B 176 -33.69 -12.77 -14.44
CA LYS B 176 -34.04 -14.13 -14.79
C LYS B 176 -35.49 -14.18 -15.27
N HIS B 177 -36.27 -13.16 -14.89
CA HIS B 177 -37.67 -13.07 -15.27
C HIS B 177 -37.95 -12.23 -16.51
N VAL B 178 -36.90 -11.95 -17.28
CA VAL B 178 -37.03 -11.17 -18.50
C VAL B 178 -37.47 -12.13 -19.61
N VAL B 179 -38.44 -11.69 -20.41
CA VAL B 179 -38.98 -12.47 -21.51
C VAL B 179 -38.69 -11.80 -22.85
N GLN B 180 -37.83 -12.43 -23.64
CA GLN B 180 -37.43 -11.91 -24.94
C GLN B 180 -38.58 -11.43 -25.83
N ASP B 181 -38.61 -10.15 -26.12
CA ASP B 181 -39.63 -9.55 -26.98
C ASP B 181 -41.05 -9.45 -26.43
N ALA B 182 -41.25 -9.88 -25.19
CA ALA B 182 -42.59 -9.85 -24.59
C ALA B 182 -43.15 -8.45 -24.41
N GLU B 183 -44.45 -8.32 -24.67
CA GLU B 183 -45.16 -7.04 -24.53
C GLU B 183 -45.32 -6.72 -23.05
N PRO B 184 -45.39 -5.43 -22.70
CA PRO B 184 -45.55 -5.05 -21.29
C PRO B 184 -46.96 -5.37 -20.78
N VAL B 185 -47.05 -5.91 -19.57
CA VAL B 185 -48.36 -6.26 -19.03
C VAL B 185 -48.94 -5.20 -18.12
N THR B 186 -50.24 -5.00 -18.24
CA THR B 186 -50.94 -4.02 -17.41
C THR B 186 -51.04 -4.55 -15.99
N LEU B 187 -50.91 -3.67 -15.02
CA LEU B 187 -51.01 -4.08 -13.64
C LEU B 187 -52.14 -3.34 -12.95
N HIS B 188 -53.03 -4.10 -12.30
CA HIS B 188 -54.14 -3.50 -11.58
C HIS B 188 -53.72 -3.27 -10.14
N ILE B 189 -54.20 -2.18 -9.57
CA ILE B 189 -53.89 -1.78 -8.19
C ILE B 189 -54.89 -2.25 -7.13
N ASP B 190 -54.65 -3.41 -6.52
CA ASP B 190 -55.55 -3.90 -5.46
C ASP B 190 -55.09 -3.50 -4.07
N LEU B 191 -55.93 -2.77 -3.35
CA LEU B 191 -55.61 -2.34 -1.99
C LEU B 191 -56.10 -3.36 -0.95
N ASP C 10 8.91 13.98 -39.75
CA ASP C 10 9.15 14.12 -38.29
C ASP C 10 7.85 14.53 -37.59
N TYR C 11 7.77 14.21 -36.30
CA TYR C 11 6.62 14.47 -35.46
C TYR C 11 7.09 15.32 -34.27
N PRO C 12 6.24 16.19 -33.70
CA PRO C 12 4.84 16.50 -34.03
C PRO C 12 4.73 17.30 -35.31
N LEU C 13 3.59 17.17 -36.00
CA LEU C 13 3.35 17.88 -37.23
C LEU C 13 3.21 19.38 -36.97
N ALA C 14 2.68 19.73 -35.82
CA ALA C 14 2.52 21.15 -35.47
C ALA C 14 3.84 21.88 -35.65
N THR C 15 4.74 21.67 -34.69
CA THR C 15 6.05 22.31 -34.69
C THR C 15 6.79 22.28 -36.04
N ARG C 16 6.81 21.12 -36.69
CA ARG C 16 7.50 20.98 -37.97
C ARG C 16 6.71 21.38 -39.23
N CYS C 17 6.88 22.63 -39.65
CA CYS C 17 6.22 23.13 -40.85
C CYS C 17 4.70 23.11 -40.75
N PRO C 18 4.12 24.00 -39.91
CA PRO C 18 2.68 24.14 -39.66
C PRO C 18 2.05 25.14 -40.62
N GLU C 19 2.88 25.68 -41.51
CA GLU C 19 2.41 26.65 -42.48
C GLU C 19 1.62 25.90 -43.56
N HIS C 20 1.78 24.58 -43.59
CA HIS C 20 1.09 23.74 -44.55
C HIS C 20 0.02 22.86 -43.90
N ILE C 21 -0.30 23.13 -42.64
CA ILE C 21 -1.35 22.40 -41.93
C ILE C 21 -2.61 23.21 -42.19
N LEU C 22 -3.59 22.59 -42.85
CA LEU C 22 -4.82 23.30 -43.20
C LEU C 22 -6.10 22.70 -42.61
N THR C 23 -7.06 23.58 -42.33
CA THR C 23 -8.35 23.15 -41.83
C THR C 23 -9.08 22.66 -43.09
N PRO C 24 -10.19 21.94 -42.93
CA PRO C 24 -10.89 21.47 -44.13
C PRO C 24 -11.35 22.63 -45.01
N THR C 25 -11.56 23.79 -44.40
CA THR C 25 -12.01 24.96 -45.14
C THR C 25 -10.92 25.57 -46.03
N GLY C 26 -9.67 25.23 -45.76
CA GLY C 26 -8.56 25.74 -46.54
C GLY C 26 -7.70 26.75 -45.79
N LYS C 27 -8.21 27.24 -44.67
CA LYS C 27 -7.48 28.21 -43.86
C LYS C 27 -6.28 27.55 -43.20
N PRO C 28 -5.12 28.23 -43.18
CA PRO C 28 -3.93 27.66 -42.56
C PRO C 28 -4.02 27.65 -41.04
N LEU C 29 -3.32 26.72 -40.40
CA LEU C 29 -3.33 26.65 -38.94
C LEU C 29 -2.90 27.99 -38.38
N THR C 30 -1.99 28.64 -39.09
CA THR C 30 -1.46 29.93 -38.67
C THR C 30 -2.49 31.05 -38.69
N ASP C 31 -3.68 30.78 -39.21
CA ASP C 31 -4.75 31.77 -39.28
C ASP C 31 -5.65 31.70 -38.05
N ILE C 32 -5.67 30.54 -37.41
CA ILE C 32 -6.52 30.36 -36.23
C ILE C 32 -6.01 31.19 -35.06
N THR C 33 -6.09 32.51 -35.22
CA THR C 33 -5.62 33.47 -34.22
C THR C 33 -6.77 33.95 -33.35
N LEU C 34 -6.44 34.43 -32.16
CA LEU C 34 -7.46 34.92 -31.25
C LEU C 34 -8.18 36.13 -31.86
N GLU C 35 -7.43 36.93 -32.60
CA GLU C 35 -7.99 38.13 -33.22
C GLU C 35 -8.93 37.83 -34.38
N LYS C 36 -8.57 36.84 -35.19
CA LYS C 36 -9.40 36.47 -36.34
C LYS C 36 -10.70 35.79 -35.90
N VAL C 37 -10.70 35.20 -34.71
CA VAL C 37 -11.89 34.57 -34.18
C VAL C 37 -12.78 35.69 -33.68
N LEU C 38 -12.13 36.72 -33.14
CA LEU C 38 -12.83 37.88 -32.63
C LEU C 38 -13.36 38.71 -33.80
N SER C 39 -12.53 38.85 -34.84
CA SER C 39 -12.91 39.62 -36.03
C SER C 39 -13.96 38.86 -36.83
N GLY C 40 -14.44 37.76 -36.27
CA GLY C 40 -15.45 36.96 -36.94
C GLY C 40 -14.97 36.16 -38.12
N GLU C 41 -13.75 36.43 -38.57
CA GLU C 41 -13.21 35.72 -39.73
C GLU C 41 -13.22 34.21 -39.55
N VAL C 42 -12.47 33.69 -38.58
CA VAL C 42 -12.43 32.25 -38.33
C VAL C 42 -13.71 31.83 -37.61
N GLY C 43 -14.30 30.73 -38.06
CA GLY C 43 -15.53 30.26 -37.47
C GLY C 43 -15.51 28.79 -37.05
N PRO C 44 -16.58 28.34 -36.37
CA PRO C 44 -16.75 26.97 -35.89
C PRO C 44 -16.47 25.88 -36.92
N GLN C 45 -16.75 26.15 -38.18
CA GLN C 45 -16.54 25.16 -39.23
C GLN C 45 -15.06 25.02 -39.58
N ASP C 46 -14.26 25.97 -39.10
CA ASP C 46 -12.83 25.96 -39.39
C ASP C 46 -11.97 25.14 -38.43
N VAL C 47 -12.20 25.26 -37.12
CA VAL C 47 -11.42 24.51 -36.14
C VAL C 47 -11.71 23.02 -36.26
N ARG C 48 -11.18 22.42 -37.31
CA ARG C 48 -11.37 21.00 -37.57
C ARG C 48 -10.17 20.41 -38.29
N ILE C 49 -10.20 19.09 -38.47
CA ILE C 49 -9.11 18.36 -39.10
C ILE C 49 -9.34 18.01 -40.57
N SER C 50 -8.31 18.19 -41.40
CA SER C 50 -8.39 17.89 -42.82
C SER C 50 -7.97 16.44 -43.03
N ARG C 51 -8.48 15.81 -44.07
CA ARG C 51 -8.13 14.43 -44.35
C ARG C 51 -6.64 14.30 -44.68
N GLN C 52 -5.99 15.41 -44.94
CA GLN C 52 -4.56 15.39 -45.24
C GLN C 52 -3.84 15.17 -43.91
N THR C 53 -4.31 15.88 -42.89
CA THR C 53 -3.75 15.79 -41.56
C THR C 53 -3.96 14.40 -40.99
N LEU C 54 -5.15 13.85 -41.18
CA LEU C 54 -5.42 12.51 -40.66
C LEU C 54 -4.56 11.48 -41.39
N GLU C 55 -4.29 11.71 -42.66
CA GLU C 55 -3.46 10.78 -43.43
C GLU C 55 -2.03 10.81 -42.93
N TYR C 56 -1.63 11.95 -42.38
CA TYR C 56 -0.29 12.11 -41.86
C TYR C 56 -0.17 11.28 -40.58
N GLN C 57 -1.07 11.49 -39.62
CA GLN C 57 -1.02 10.75 -38.36
C GLN C 57 -1.15 9.26 -38.68
N ALA C 58 -1.93 8.96 -39.71
CA ALA C 58 -2.13 7.57 -40.13
C ALA C 58 -0.78 6.91 -40.35
N GLN C 59 0.09 7.64 -41.04
CA GLN C 59 1.43 7.19 -41.35
C GLN C 59 2.29 7.12 -40.11
N ILE C 60 2.26 8.18 -39.31
CA ILE C 60 3.04 8.19 -38.08
C ILE C 60 2.71 6.93 -37.26
N ALA C 61 1.42 6.62 -37.11
CA ALA C 61 1.00 5.45 -36.34
C ALA C 61 1.46 4.12 -36.93
N GLU C 62 1.26 3.92 -38.22
CA GLU C 62 1.67 2.64 -38.81
C GLU C 62 3.18 2.43 -38.74
N GLN C 63 3.93 3.53 -38.64
CA GLN C 63 5.37 3.47 -38.53
C GLN C 63 5.73 3.16 -37.07
N MET C 64 4.70 3.11 -36.23
CA MET C 64 4.88 2.79 -34.83
C MET C 64 4.26 1.42 -34.59
N GLN C 65 3.97 0.73 -35.68
CA GLN C 65 3.39 -0.60 -35.64
C GLN C 65 1.97 -0.60 -35.15
N ARG C 66 1.39 0.59 -35.04
CA ARG C 66 0.01 0.74 -34.59
C ARG C 66 -0.89 0.94 -35.80
N HIS C 67 -0.90 -0.06 -36.68
CA HIS C 67 -1.69 -0.04 -37.90
C HIS C 67 -3.19 0.10 -37.62
N ALA C 68 -3.68 -0.65 -36.64
CA ALA C 68 -5.09 -0.61 -36.28
C ALA C 68 -5.55 0.83 -36.09
N VAL C 69 -4.77 1.64 -35.39
CA VAL C 69 -5.20 3.02 -35.21
C VAL C 69 -5.09 3.80 -36.52
N ALA C 70 -4.11 3.45 -37.35
CA ALA C 70 -3.95 4.15 -38.63
C ALA C 70 -5.18 3.90 -39.49
N ARG C 71 -5.71 2.68 -39.41
CA ARG C 71 -6.90 2.34 -40.18
C ARG C 71 -8.07 3.22 -39.74
N ASN C 72 -8.20 3.42 -38.43
CA ASN C 72 -9.27 4.25 -37.88
C ASN C 72 -9.15 5.67 -38.41
N PHE C 73 -7.95 6.21 -38.35
CA PHE C 73 -7.71 7.56 -38.84
C PHE C 73 -8.14 7.71 -40.29
N ARG C 74 -7.80 6.72 -41.11
CA ARG C 74 -8.17 6.76 -42.52
C ARG C 74 -9.66 6.59 -42.69
N ARG C 75 -10.27 5.90 -41.73
CA ARG C 75 -11.70 5.67 -41.75
C ARG C 75 -12.37 6.99 -41.39
N ALA C 76 -11.75 7.69 -40.45
CA ALA C 76 -12.25 8.97 -40.00
C ALA C 76 -12.13 10.04 -41.08
N ALA C 77 -11.08 9.93 -41.90
CA ALA C 77 -10.83 10.89 -42.96
C ALA C 77 -12.00 10.97 -43.94
N GLU C 78 -12.58 9.82 -44.25
CA GLU C 78 -13.69 9.75 -45.19
C GLU C 78 -14.94 10.42 -44.67
N LEU C 79 -14.97 10.73 -43.37
CA LEU C 79 -16.13 11.32 -42.70
C LEU C 79 -16.08 12.82 -42.45
N ILE C 80 -14.97 13.45 -42.80
CA ILE C 80 -14.82 14.88 -42.56
C ILE C 80 -15.85 15.80 -43.25
N ALA C 81 -16.23 15.44 -44.47
CA ALA C 81 -17.18 16.22 -45.26
C ALA C 81 -18.62 16.10 -44.77
N ILE C 82 -18.98 14.91 -44.30
CA ILE C 82 -20.33 14.65 -43.82
C ILE C 82 -20.72 15.60 -42.68
N PRO C 83 -21.90 16.20 -42.76
CA PRO C 83 -22.40 17.14 -41.75
C PRO C 83 -22.46 16.52 -40.34
N ASP C 84 -22.28 17.33 -39.32
CA ASP C 84 -22.30 16.85 -37.95
C ASP C 84 -23.60 16.11 -37.60
N GLU C 85 -24.74 16.68 -38.01
CA GLU C 85 -26.05 16.08 -37.76
C GLU C 85 -26.25 14.77 -38.50
N ARG C 86 -25.52 14.59 -39.59
CA ARG C 86 -25.64 13.36 -40.36
C ARG C 86 -24.77 12.28 -39.72
N ILE C 87 -23.68 12.70 -39.06
CA ILE C 87 -22.81 11.75 -38.40
C ILE C 87 -23.60 11.15 -37.23
N LEU C 88 -24.26 12.02 -36.47
CA LEU C 88 -25.07 11.60 -35.32
C LEU C 88 -26.18 10.67 -35.79
N ALA C 89 -26.74 10.94 -36.95
CA ALA C 89 -27.81 10.11 -37.46
C ALA C 89 -27.29 8.72 -37.83
N ILE C 90 -26.15 8.67 -38.51
CA ILE C 90 -25.60 7.37 -38.93
C ILE C 90 -25.16 6.59 -37.71
N TYR C 91 -24.60 7.28 -36.70
CA TYR C 91 -24.20 6.58 -35.49
C TYR C 91 -25.45 6.03 -34.81
N ASN C 92 -26.46 6.87 -34.60
CA ASN C 92 -27.67 6.39 -33.97
C ASN C 92 -28.27 5.23 -34.75
N ALA C 93 -28.19 5.28 -36.07
CA ALA C 93 -28.76 4.21 -36.90
C ALA C 93 -28.02 2.88 -36.81
N LEU C 94 -26.76 2.93 -36.41
CA LEU C 94 -25.94 1.74 -36.25
C LEU C 94 -26.21 1.09 -34.90
N ARG C 95 -26.83 1.84 -33.99
CA ARG C 95 -27.14 1.34 -32.65
C ARG C 95 -28.12 0.19 -32.75
N PRO C 96 -28.21 -0.64 -31.70
CA PRO C 96 -29.12 -1.80 -31.68
C PRO C 96 -30.59 -1.52 -32.00
N PHE C 97 -31.13 -2.33 -32.90
CA PHE C 97 -32.54 -2.24 -33.27
C PHE C 97 -33.06 -1.00 -33.99
N ARG C 98 -32.22 0.00 -34.21
CA ARG C 98 -32.69 1.20 -34.89
C ARG C 98 -33.01 1.00 -36.37
N SER C 99 -32.22 0.17 -37.06
CA SER C 99 -32.39 0.00 -38.50
C SER C 99 -32.76 -1.37 -39.05
N SER C 100 -33.25 -1.36 -40.30
CA SER C 100 -33.58 -2.58 -41.02
C SER C 100 -32.39 -2.80 -41.97
N GLN C 101 -32.26 -4.00 -42.51
CA GLN C 101 -31.14 -4.28 -43.41
C GLN C 101 -31.09 -3.35 -44.63
N ALA C 102 -32.25 -3.02 -45.19
CA ALA C 102 -32.30 -2.16 -46.35
C ALA C 102 -31.88 -0.73 -46.04
N GLU C 103 -32.20 -0.28 -44.82
CA GLU C 103 -31.85 1.08 -44.41
C GLU C 103 -30.35 1.26 -44.15
N LEU C 104 -29.70 0.23 -43.63
CA LEU C 104 -28.25 0.32 -43.40
C LEU C 104 -27.59 0.25 -44.76
N LEU C 105 -28.11 -0.62 -45.63
CA LEU C 105 -27.57 -0.76 -46.97
C LEU C 105 -27.75 0.48 -47.84
N ALA C 106 -28.74 1.31 -47.50
CA ALA C 106 -28.99 2.55 -48.26
C ALA C 106 -27.97 3.59 -47.80
N ILE C 107 -27.62 3.52 -46.51
CA ILE C 107 -26.64 4.41 -45.92
C ILE C 107 -25.28 4.06 -46.53
N ALA C 108 -25.06 2.77 -46.75
CA ALA C 108 -23.82 2.30 -47.35
C ALA C 108 -23.75 2.88 -48.75
N ASP C 109 -24.90 2.96 -49.43
CA ASP C 109 -24.98 3.50 -50.79
C ASP C 109 -24.68 5.00 -50.79
N GLU C 110 -25.21 5.72 -49.80
CA GLU C 110 -24.98 7.15 -49.70
C GLU C 110 -23.48 7.38 -49.45
N LEU C 111 -22.95 6.70 -48.44
CA LEU C 111 -21.55 6.80 -48.05
C LEU C 111 -20.59 6.57 -49.23
N GLU C 112 -20.85 5.53 -50.00
CA GLU C 112 -19.98 5.23 -51.11
C GLU C 112 -20.03 6.19 -52.28
N HIS C 113 -21.23 6.48 -52.76
CA HIS C 113 -21.40 7.35 -53.92
C HIS C 113 -21.59 8.84 -53.69
N THR C 114 -22.07 9.23 -52.53
CA THR C 114 -22.27 10.65 -52.27
C THR C 114 -21.10 11.25 -51.50
N TRP C 115 -20.48 10.42 -50.66
CA TRP C 115 -19.35 10.87 -49.83
C TRP C 115 -18.03 10.21 -50.21
N HIS C 116 -18.12 9.21 -51.07
CA HIS C 116 -16.95 8.49 -51.54
C HIS C 116 -16.18 7.89 -50.37
N ALA C 117 -16.86 7.69 -49.25
CA ALA C 117 -16.24 7.10 -48.09
C ALA C 117 -16.24 5.59 -48.32
N THR C 118 -15.46 5.16 -49.30
CA THR C 118 -15.34 3.77 -49.68
C THR C 118 -15.20 2.76 -48.53
N VAL C 119 -14.28 3.02 -47.59
CA VAL C 119 -14.08 2.09 -46.50
C VAL C 119 -15.21 2.11 -45.48
N ASN C 120 -15.87 3.26 -45.32
CA ASN C 120 -17.00 3.36 -44.38
C ASN C 120 -18.23 2.66 -44.94
N ALA C 121 -18.34 2.63 -46.27
CA ALA C 121 -19.48 1.98 -46.91
C ALA C 121 -19.42 0.46 -46.73
N ALA C 122 -18.23 -0.10 -46.82
CA ALA C 122 -18.09 -1.55 -46.63
C ALA C 122 -18.29 -1.87 -45.15
N PHE C 123 -17.83 -0.97 -44.28
CA PHE C 123 -18.00 -1.14 -42.84
C PHE C 123 -19.49 -1.31 -42.53
N VAL C 124 -20.31 -0.41 -43.07
CA VAL C 124 -21.74 -0.48 -42.84
C VAL C 124 -22.39 -1.73 -43.45
N ARG C 125 -21.94 -2.13 -44.63
CA ARG C 125 -22.51 -3.31 -45.28
C ARG C 125 -22.15 -4.54 -44.50
N GLU C 126 -21.09 -4.44 -43.73
CA GLU C 126 -20.65 -5.56 -42.89
C GLU C 126 -21.53 -5.59 -41.65
N SER C 127 -21.85 -4.42 -41.09
CA SER C 127 -22.70 -4.37 -39.91
C SER C 127 -24.06 -4.94 -40.32
N ALA C 128 -24.55 -4.53 -41.48
CA ALA C 128 -25.83 -5.02 -41.98
C ALA C 128 -25.87 -6.54 -41.93
N GLU C 129 -24.84 -7.18 -42.46
CA GLU C 129 -24.75 -8.63 -42.47
C GLU C 129 -24.70 -9.20 -41.06
N VAL C 130 -23.90 -8.58 -40.20
CA VAL C 130 -23.76 -9.05 -38.82
C VAL C 130 -25.03 -8.87 -38.00
N TYR C 131 -25.70 -7.73 -38.17
CA TYR C 131 -26.94 -7.50 -37.43
C TYR C 131 -27.98 -8.51 -37.90
N GLN C 132 -27.87 -8.92 -39.17
CA GLN C 132 -28.82 -9.87 -39.71
C GLN C 132 -28.61 -11.22 -39.05
N GLN C 133 -27.38 -11.70 -39.06
CA GLN C 133 -27.07 -13.00 -38.44
C GLN C 133 -27.37 -13.00 -36.94
N ARG C 134 -26.91 -11.96 -36.25
CA ARG C 134 -27.11 -11.89 -34.80
C ARG C 134 -28.37 -11.20 -34.31
N HIS C 135 -29.34 -11.04 -35.20
CA HIS C 135 -30.63 -10.44 -34.86
C HIS C 135 -30.55 -9.10 -34.12
N LYS C 136 -29.96 -8.11 -34.75
CA LYS C 136 -29.85 -6.79 -34.14
C LYS C 136 -30.55 -5.71 -34.96
N LEU C 137 -31.18 -6.13 -36.06
CA LEU C 137 -31.92 -5.21 -36.93
C LEU C 137 -33.20 -4.80 -36.23
N ARG C 138 -33.76 -3.64 -36.60
CA ARG C 138 -34.98 -3.15 -35.96
C ARG C 138 -36.02 -4.23 -35.80
N LYS C 139 -36.63 -4.24 -34.61
CA LYS C 139 -37.67 -5.18 -34.23
C LYS C 139 -38.13 -6.15 -35.30
N GLY C 140 -38.97 -5.68 -36.22
CA GLY C 140 -39.46 -6.54 -37.28
C GLY C 140 -39.48 -5.91 -38.66
N SER C 141 -40.47 -5.07 -38.92
CA SER C 141 -40.65 -4.39 -40.20
C SER C 141 -40.64 -2.86 -40.11
N MET D 1 -9.40 38.63 3.46
CA MET D 1 -9.13 37.32 2.81
C MET D 1 -9.85 36.08 3.32
N LYS D 2 -9.56 35.63 4.54
CA LYS D 2 -10.16 34.41 5.07
C LYS D 2 -9.34 33.23 4.50
N ARG D 3 -9.51 32.05 5.07
CA ARG D 3 -8.74 30.92 4.58
C ARG D 3 -9.56 29.79 3.96
N SER D 4 -8.88 29.03 3.11
CA SER D 4 -9.48 27.92 2.40
C SER D 4 -9.87 26.81 3.33
N LYS D 5 -11.12 26.37 3.25
CA LYS D 5 -11.56 25.29 4.11
C LYS D 5 -10.80 24.03 3.67
N ARG D 6 -10.57 23.92 2.36
CA ARG D 6 -9.85 22.79 1.78
C ARG D 6 -8.56 22.55 2.54
N PHE D 7 -7.82 23.63 2.76
CA PHE D 7 -6.55 23.56 3.48
C PHE D 7 -6.71 23.37 4.98
N ALA D 8 -7.88 23.65 5.51
CA ALA D 8 -8.07 23.46 6.94
C ALA D 8 -8.33 21.97 7.16
N VAL D 9 -9.08 21.34 6.25
CA VAL D 9 -9.35 19.91 6.37
C VAL D 9 -8.00 19.19 6.30
N LEU D 10 -7.24 19.47 5.25
CA LEU D 10 -5.95 18.85 5.06
C LEU D 10 -5.06 19.02 6.28
N ALA D 11 -4.96 20.24 6.79
CA ALA D 11 -4.14 20.49 7.96
C ALA D 11 -4.47 19.51 9.09
N GLN D 12 -5.75 19.15 9.23
CA GLN D 12 -6.18 18.24 10.29
C GLN D 12 -5.88 16.77 9.98
N ARG D 13 -5.35 16.50 8.79
CA ARG D 13 -5.05 15.13 8.42
C ARG D 13 -3.98 14.49 9.30
N PRO D 14 -4.25 13.28 9.76
CA PRO D 14 -3.34 12.53 10.63
C PRO D 14 -1.89 12.47 10.16
N VAL D 15 -1.69 12.23 8.86
CA VAL D 15 -0.33 12.13 8.31
C VAL D 15 0.51 13.36 8.55
N ASN D 16 -0.15 14.51 8.68
CA ASN D 16 0.59 15.73 8.92
C ASN D 16 1.09 15.84 10.35
N GLN D 17 0.98 14.76 11.10
CA GLN D 17 1.47 14.73 12.48
C GLN D 17 2.78 13.93 12.56
N ASP D 18 3.18 13.31 11.46
CA ASP D 18 4.42 12.55 11.44
C ASP D 18 5.59 13.52 11.33
N GLY D 19 6.69 13.22 12.00
CA GLY D 19 7.83 14.11 11.93
C GLY D 19 8.70 13.95 10.69
N LEU D 20 8.59 14.90 9.76
CA LEU D 20 9.39 14.86 8.54
C LEU D 20 10.42 15.99 8.64
N ILE D 21 11.57 15.80 7.99
CA ILE D 21 12.60 16.81 8.02
C ILE D 21 13.39 16.86 6.72
N GLY D 22 14.01 18.01 6.47
CA GLY D 22 14.81 18.14 5.27
C GLY D 22 16.10 17.42 5.57
N GLU D 23 16.91 17.13 4.56
CA GLU D 23 18.15 16.43 4.81
C GLU D 23 19.21 17.32 5.48
N TRP D 24 20.06 16.70 6.28
CA TRP D 24 21.17 17.35 6.98
C TRP D 24 22.28 16.32 7.02
N PRO D 25 22.96 16.08 5.89
CA PRO D 25 24.04 15.09 5.82
C PRO D 25 25.18 15.21 6.83
N GLU D 26 25.49 16.42 7.25
CA GLU D 26 26.55 16.63 8.21
C GLU D 26 26.33 15.76 9.45
N GLU D 27 25.07 15.59 9.83
CA GLU D 27 24.69 14.80 11.01
C GLU D 27 24.05 13.47 10.66
N GLY D 28 24.26 13.03 9.42
CA GLY D 28 23.71 11.77 8.98
C GLY D 28 22.22 11.73 8.69
N LEU D 29 21.56 12.88 8.66
CA LEU D 29 20.12 12.87 8.38
C LEU D 29 19.84 12.87 6.89
N ILE D 30 20.10 11.74 6.27
CA ILE D 30 19.84 11.56 4.85
C ILE D 30 19.79 10.05 4.67
N ALA D 31 18.83 9.58 3.88
CA ALA D 31 18.65 8.14 3.66
C ALA D 31 19.77 7.45 2.90
N MET D 32 20.10 7.96 1.73
CA MET D 32 21.12 7.34 0.89
C MET D 32 22.07 8.35 0.26
N ASP D 33 23.08 7.80 -0.43
CA ASP D 33 24.09 8.57 -1.14
C ASP D 33 24.44 9.90 -0.47
N SER D 34 24.89 9.88 0.77
CA SER D 34 25.26 11.15 1.42
C SER D 34 26.47 11.72 0.68
N PRO D 35 26.61 13.06 0.67
CA PRO D 35 27.76 13.62 -0.03
C PRO D 35 29.06 13.11 0.59
N PHE D 36 28.98 12.65 1.83
CA PHE D 36 30.15 12.16 2.56
C PHE D 36 30.41 10.64 2.48
N ASP D 37 29.48 9.89 1.93
CA ASP D 37 29.68 8.46 1.81
C ASP D 37 30.87 8.20 0.89
N PRO D 38 31.70 7.20 1.22
CA PRO D 38 32.88 6.88 0.41
C PRO D 38 32.54 6.20 -0.91
N VAL D 39 33.48 6.25 -1.86
CA VAL D 39 33.25 5.60 -3.13
C VAL D 39 33.80 4.18 -3.07
N SER D 40 33.06 3.24 -3.62
CA SER D 40 33.45 1.82 -3.61
C SER D 40 34.85 1.56 -4.15
N SER D 41 35.59 0.73 -3.44
CA SER D 41 36.94 0.35 -3.86
C SER D 41 37.49 -0.76 -2.96
N VAL D 42 38.51 -1.45 -3.46
CA VAL D 42 39.13 -2.54 -2.73
C VAL D 42 40.47 -2.93 -3.36
N LYS D 43 41.39 -3.37 -2.52
CA LYS D 43 42.71 -3.82 -2.98
C LYS D 43 43.21 -4.93 -2.05
N VAL D 44 43.92 -5.89 -2.63
CA VAL D 44 44.45 -7.01 -1.87
C VAL D 44 45.94 -7.30 -2.09
N ASP D 45 46.68 -7.45 -0.98
CA ASP D 45 48.11 -7.78 -1.00
C ASP D 45 48.28 -9.08 -0.21
N ASN D 46 48.86 -10.09 -0.84
CA ASN D 46 49.07 -11.38 -0.21
C ASN D 46 47.92 -11.87 0.65
N GLY D 47 46.71 -11.79 0.07
CA GLY D 47 45.52 -12.26 0.77
C GLY D 47 44.93 -11.41 1.87
N LEU D 48 45.23 -10.12 1.87
CA LEU D 48 44.68 -9.22 2.88
C LEU D 48 44.17 -7.97 2.20
N ILE D 49 42.93 -7.61 2.50
CA ILE D 49 42.38 -6.39 1.92
C ILE D 49 43.21 -5.25 2.51
N VAL D 50 43.90 -4.52 1.65
CA VAL D 50 44.75 -3.40 2.06
C VAL D 50 44.02 -2.06 1.99
N GLU D 51 43.05 -1.98 1.08
CA GLU D 51 42.24 -0.78 0.92
C GLU D 51 40.76 -1.15 0.81
N LEU D 52 39.92 -0.43 1.55
CA LEU D 52 38.47 -0.68 1.56
C LEU D 52 37.67 0.62 1.45
N ASP D 53 36.96 0.78 0.33
CA ASP D 53 36.16 1.96 0.09
C ASP D 53 36.89 3.29 0.34
N GLY D 54 38.00 3.49 -0.37
CA GLY D 54 38.76 4.71 -0.24
C GLY D 54 39.73 4.83 0.93
N LYS D 55 39.72 3.86 1.84
CA LYS D 55 40.61 3.92 3.00
C LYS D 55 41.66 2.82 2.97
N ARG D 56 42.88 3.17 3.32
CA ARG D 56 43.95 2.21 3.35
C ARG D 56 43.91 1.59 4.72
N ARG D 57 44.35 0.33 4.80
CA ARG D 57 44.30 -0.40 6.06
C ARG D 57 44.79 0.40 7.25
N ASP D 58 45.72 1.30 6.99
CA ASP D 58 46.32 2.14 8.03
C ASP D 58 45.35 3.15 8.62
N GLN D 59 44.19 3.29 8.00
CA GLN D 59 43.17 4.21 8.47
C GLN D 59 41.92 3.43 8.86
N PHE D 60 42.03 2.11 8.94
CA PHE D 60 40.91 1.26 9.30
C PHE D 60 40.41 1.50 10.73
N ASP D 61 39.09 1.47 10.93
CA ASP D 61 38.56 1.59 12.29
C ASP D 61 38.19 0.16 12.63
N MET D 62 37.75 -0.12 13.85
CA MET D 62 37.39 -1.50 14.20
C MET D 62 36.46 -2.17 13.19
N ILE D 63 35.47 -1.43 12.73
CA ILE D 63 34.48 -1.93 11.77
C ILE D 63 35.14 -2.26 10.43
N ASP D 64 35.91 -1.32 9.90
CA ASP D 64 36.61 -1.53 8.63
C ASP D 64 37.43 -2.82 8.73
N ARG D 65 38.33 -2.85 9.70
CA ARG D 65 39.18 -4.00 9.89
C ARG D 65 38.38 -5.30 9.96
N PHE D 66 37.35 -5.30 10.78
CA PHE D 66 36.55 -6.49 10.94
C PHE D 66 35.92 -6.94 9.64
N ILE D 67 35.33 -6.00 8.90
CA ILE D 67 34.72 -6.35 7.64
C ILE D 67 35.79 -6.88 6.68
N ALA D 68 36.86 -6.11 6.53
CA ALA D 68 37.97 -6.45 5.67
C ALA D 68 38.52 -7.86 5.86
N ASP D 69 38.62 -8.30 7.11
CA ASP D 69 39.17 -9.62 7.38
C ASP D 69 38.17 -10.74 7.65
N TYR D 70 36.87 -10.40 7.73
CA TYR D 70 35.88 -11.43 7.99
C TYR D 70 34.67 -11.45 7.05
N ALA D 71 34.29 -10.29 6.51
CA ALA D 71 33.08 -10.21 5.68
C ALA D 71 33.21 -10.14 4.17
N ILE D 72 34.43 -10.25 3.65
CA ILE D 72 34.62 -10.20 2.21
C ILE D 72 35.47 -11.34 1.71
N ASN D 73 35.04 -11.97 0.63
CA ASN D 73 35.78 -13.07 0.05
C ASN D 73 36.98 -12.48 -0.69
N VAL D 74 38.10 -12.40 0.02
CA VAL D 74 39.34 -11.83 -0.50
C VAL D 74 39.81 -12.34 -1.86
N GLU D 75 39.53 -13.59 -2.19
CA GLU D 75 39.94 -14.16 -3.46
C GLU D 75 39.27 -13.53 -4.66
N ARG D 76 37.94 -13.47 -4.66
CA ARG D 76 37.19 -12.94 -5.79
C ARG D 76 36.79 -11.47 -5.76
N THR D 77 37.10 -10.76 -4.68
CA THR D 77 36.71 -9.37 -4.60
C THR D 77 37.26 -8.51 -5.73
N GLU D 78 38.57 -8.57 -5.93
CA GLU D 78 39.26 -7.82 -6.99
C GLU D 78 38.46 -7.76 -8.29
N GLN D 79 38.14 -8.94 -8.80
CA GLN D 79 37.39 -9.06 -10.05
C GLN D 79 35.92 -8.67 -9.93
N ALA D 80 35.27 -9.07 -8.84
CA ALA D 80 33.86 -8.74 -8.61
C ALA D 80 33.67 -7.22 -8.54
N MET D 81 34.61 -6.52 -7.91
CA MET D 81 34.51 -5.08 -7.80
C MET D 81 34.69 -4.38 -9.14
N ARG D 82 35.11 -5.12 -10.16
CA ARG D 82 35.29 -4.54 -11.50
C ARG D 82 33.96 -4.40 -12.23
N LEU D 83 32.92 -5.07 -11.70
CA LEU D 83 31.57 -5.01 -12.25
C LEU D 83 30.96 -3.66 -11.86
N GLU D 84 30.19 -3.06 -12.76
CA GLU D 84 29.55 -1.78 -12.47
C GLU D 84 28.38 -2.01 -11.52
N ALA D 85 28.15 -1.05 -10.64
CA ALA D 85 27.03 -1.16 -9.69
C ALA D 85 25.74 -1.46 -10.46
N VAL D 86 25.50 -0.73 -11.55
CA VAL D 86 24.29 -0.91 -12.33
C VAL D 86 24.17 -2.33 -12.88
N GLU D 87 25.30 -2.92 -13.28
CA GLU D 87 25.31 -4.27 -13.82
C GLU D 87 24.87 -5.33 -12.81
N ILE D 88 25.10 -5.07 -11.53
CA ILE D 88 24.72 -6.03 -10.51
C ILE D 88 23.22 -5.90 -10.30
N ALA D 89 22.73 -4.66 -10.25
CA ALA D 89 21.31 -4.38 -10.06
C ALA D 89 20.51 -5.05 -11.17
N ARG D 90 21.08 -5.12 -12.36
CA ARG D 90 20.41 -5.76 -13.48
C ARG D 90 20.37 -7.27 -13.30
N MET D 91 21.40 -7.84 -12.68
CA MET D 91 21.44 -9.29 -12.44
C MET D 91 20.37 -9.60 -11.42
N LEU D 92 20.27 -8.71 -10.43
CA LEU D 92 19.31 -8.83 -9.35
C LEU D 92 17.90 -9.00 -9.87
N VAL D 93 17.61 -8.39 -11.01
CA VAL D 93 16.27 -8.48 -11.56
C VAL D 93 16.17 -9.40 -12.78
N ASP D 94 17.32 -9.88 -13.25
CA ASP D 94 17.40 -10.77 -14.40
C ASP D 94 16.89 -12.19 -14.08
N ILE D 95 15.79 -12.60 -14.72
CA ILE D 95 15.24 -13.93 -14.49
C ILE D 95 16.14 -15.04 -15.02
N HIS D 96 17.18 -14.67 -15.76
CA HIS D 96 18.10 -15.65 -16.30
C HIS D 96 19.25 -15.89 -15.32
N VAL D 97 19.59 -14.88 -14.51
CA VAL D 97 20.65 -15.00 -13.53
C VAL D 97 20.11 -15.63 -12.24
N SER D 98 20.83 -16.59 -11.69
CA SER D 98 20.39 -17.28 -10.49
C SER D 98 20.86 -16.66 -9.18
N ARG D 99 20.12 -16.98 -8.12
CA ARG D 99 20.40 -16.51 -6.77
C ARG D 99 21.85 -16.83 -6.35
N GLU D 100 22.29 -18.07 -6.55
CA GLU D 100 23.65 -18.42 -6.18
C GLU D 100 24.68 -17.64 -6.98
N GLU D 101 24.38 -17.35 -8.25
CA GLU D 101 25.30 -16.60 -9.09
C GLU D 101 25.59 -15.24 -8.48
N ILE D 102 24.54 -14.49 -8.16
CA ILE D 102 24.71 -13.16 -7.59
C ILE D 102 25.34 -13.22 -6.21
N ILE D 103 25.08 -14.30 -5.48
CA ILE D 103 25.67 -14.47 -4.16
C ILE D 103 27.20 -14.55 -4.26
N ALA D 104 27.70 -15.33 -5.21
CA ALA D 104 29.15 -15.48 -5.40
C ALA D 104 29.80 -14.13 -5.69
N ILE D 105 29.00 -13.20 -6.21
CA ILE D 105 29.49 -11.87 -6.50
C ILE D 105 29.37 -10.96 -5.29
N THR D 106 28.15 -10.74 -4.83
CA THR D 106 27.88 -9.88 -3.69
C THR D 106 28.69 -10.16 -2.43
N THR D 107 28.98 -11.44 -2.18
CA THR D 107 29.76 -11.78 -1.00
C THR D 107 31.23 -11.42 -1.22
N ALA D 108 31.51 -10.79 -2.37
CA ALA D 108 32.86 -10.38 -2.69
C ALA D 108 32.96 -8.88 -2.95
N ILE D 109 31.89 -8.14 -2.68
CA ILE D 109 31.93 -6.70 -2.87
C ILE D 109 32.02 -6.02 -1.53
N THR D 110 32.01 -4.69 -1.52
CA THR D 110 32.14 -3.92 -0.28
C THR D 110 30.87 -3.16 0.14
N PRO D 111 30.85 -2.61 1.36
CA PRO D 111 29.71 -1.85 1.87
C PRO D 111 29.27 -0.73 0.95
N ALA D 112 30.23 -0.03 0.35
CA ALA D 112 29.92 1.07 -0.56
C ALA D 112 29.43 0.57 -1.92
N LYS D 113 29.87 -0.60 -2.33
CA LYS D 113 29.46 -1.16 -3.61
C LYS D 113 28.00 -1.59 -3.48
N ALA D 114 27.68 -2.25 -2.37
CA ALA D 114 26.32 -2.71 -2.12
C ALA D 114 25.35 -1.52 -2.11
N VAL D 115 25.72 -0.42 -1.48
CA VAL D 115 24.83 0.74 -1.45
C VAL D 115 24.72 1.38 -2.83
N GLU D 116 25.83 1.39 -3.57
CA GLU D 116 25.80 1.97 -4.91
C GLU D 116 24.93 1.14 -5.83
N VAL D 117 24.82 -0.17 -5.59
CA VAL D 117 23.96 -1.00 -6.43
C VAL D 117 22.51 -0.61 -6.17
N MET D 118 22.15 -0.43 -4.91
CA MET D 118 20.79 -0.04 -4.56
C MET D 118 20.39 1.27 -5.22
N ALA D 119 21.33 2.20 -5.28
CA ALA D 119 21.04 3.51 -5.88
C ALA D 119 20.51 3.42 -7.30
N GLN D 120 20.73 2.29 -7.96
CA GLN D 120 20.30 2.12 -9.34
C GLN D 120 18.90 1.52 -9.51
N MET D 121 18.18 1.31 -8.41
CA MET D 121 16.88 0.67 -8.53
C MET D 121 15.71 1.39 -7.90
N ASN D 122 14.53 1.21 -8.51
CA ASN D 122 13.30 1.78 -7.99
C ASN D 122 12.70 0.68 -7.13
N VAL D 123 11.60 0.98 -6.46
CA VAL D 123 11.00 -0.01 -5.58
C VAL D 123 10.53 -1.29 -6.28
N VAL D 124 9.98 -1.15 -7.46
CA VAL D 124 9.50 -2.31 -8.18
C VAL D 124 10.65 -3.27 -8.47
N GLU D 125 11.81 -2.73 -8.82
CA GLU D 125 12.98 -3.57 -9.13
C GLU D 125 13.48 -4.24 -7.86
N MET D 126 13.47 -3.50 -6.76
CA MET D 126 13.92 -4.03 -5.48
C MET D 126 13.00 -5.14 -5.03
N MET D 127 11.69 -4.98 -5.25
CA MET D 127 10.72 -6.00 -4.87
C MET D 127 10.88 -7.21 -5.78
N MET D 128 11.11 -6.96 -7.06
CA MET D 128 11.30 -8.02 -8.02
C MET D 128 12.53 -8.82 -7.58
N ALA D 129 13.60 -8.13 -7.24
CA ALA D 129 14.84 -8.77 -6.79
C ALA D 129 14.66 -9.56 -5.49
N LEU D 130 14.02 -8.91 -4.52
CA LEU D 130 13.77 -9.49 -3.19
C LEU D 130 13.07 -10.84 -3.25
N GLN D 131 12.10 -10.99 -4.14
CA GLN D 131 11.39 -12.25 -4.21
C GLN D 131 12.35 -13.37 -4.68
N LYS D 132 13.53 -12.98 -5.15
CA LYS D 132 14.49 -13.97 -5.60
C LYS D 132 15.64 -14.17 -4.65
N MET D 133 16.05 -13.13 -3.95
CA MET D 133 17.18 -13.26 -3.04
C MET D 133 16.77 -13.81 -1.66
N ARG D 134 15.47 -13.82 -1.38
CA ARG D 134 15.03 -14.36 -0.08
C ARG D 134 15.61 -15.75 0.08
N ALA D 135 16.19 -16.03 1.25
CA ALA D 135 16.80 -17.34 1.50
C ALA D 135 15.79 -18.47 1.53
N ARG D 136 14.85 -18.46 2.46
CA ARG D 136 13.87 -19.55 2.52
C ARG D 136 12.85 -19.36 1.42
N ARG D 137 12.26 -20.46 0.97
CA ARG D 137 11.29 -20.41 -0.12
C ARG D 137 9.95 -19.88 0.37
N THR D 138 9.46 -20.41 1.47
CA THR D 138 8.17 -19.96 2.00
C THR D 138 8.33 -18.82 3.00
N PRO D 139 7.66 -17.69 2.78
CA PRO D 139 7.77 -16.56 3.71
C PRO D 139 7.10 -16.90 5.03
N SER D 140 7.62 -16.31 6.11
CA SER D 140 7.08 -16.55 7.44
C SER D 140 6.68 -15.24 8.15
N ASN D 141 6.51 -15.29 9.46
CA ASN D 141 6.11 -14.10 10.20
C ASN D 141 6.39 -14.17 11.70
N GLN D 142 6.84 -13.04 12.26
CA GLN D 142 7.12 -12.91 13.70
C GLN D 142 6.19 -11.85 14.35
N CYS D 143 5.87 -12.04 15.62
CA CYS D 143 4.99 -11.11 16.31
C CYS D 143 5.52 -10.72 17.66
N HIS D 144 4.92 -9.67 18.23
CA HIS D 144 5.29 -9.19 19.56
C HIS D 144 4.21 -9.67 20.51
N VAL D 145 4.62 -10.01 21.73
CA VAL D 145 3.66 -10.39 22.78
C VAL D 145 4.11 -9.72 24.07
N THR D 146 3.44 -8.63 24.41
CA THR D 146 3.76 -7.87 25.61
C THR D 146 2.51 -7.15 26.13
N ASN D 147 2.68 -6.38 27.20
CA ASN D 147 1.59 -5.61 27.75
C ASN D 147 2.13 -4.64 28.78
N LEU D 148 1.43 -3.53 28.93
CA LEU D 148 1.81 -2.47 29.85
C LEU D 148 2.21 -2.97 31.22
N LYS D 149 1.50 -3.98 31.70
CA LYS D 149 1.77 -4.50 33.04
C LYS D 149 2.76 -5.65 33.12
N ASP D 150 3.39 -6.00 32.00
CA ASP D 150 4.34 -7.11 32.02
C ASP D 150 3.61 -8.24 32.71
N ASN D 151 2.30 -8.29 32.48
CA ASN D 151 1.39 -9.28 33.07
C ASN D 151 1.54 -10.66 32.45
N PRO D 152 2.02 -11.64 33.23
CA PRO D 152 2.23 -13.00 32.76
C PRO D 152 0.98 -13.76 32.30
N VAL D 153 -0.15 -13.46 32.91
CA VAL D 153 -1.36 -14.18 32.53
C VAL D 153 -1.78 -13.81 31.12
N GLN D 154 -1.71 -12.53 30.81
CA GLN D 154 -2.07 -12.07 29.47
C GLN D 154 -1.02 -12.48 28.43
N ILE D 155 0.25 -12.49 28.82
CA ILE D 155 1.30 -12.89 27.88
C ILE D 155 0.99 -14.27 27.34
N ALA D 156 0.86 -15.23 28.25
CA ALA D 156 0.57 -16.59 27.87
C ALA D 156 -0.61 -16.66 26.93
N ALA D 157 -1.73 -16.06 27.33
CA ALA D 157 -2.93 -16.07 26.51
C ALA D 157 -2.69 -15.50 25.12
N ASP D 158 -2.09 -14.32 25.06
CA ASP D 158 -1.79 -13.67 23.79
C ASP D 158 -0.88 -14.53 22.91
N ALA D 159 0.13 -15.15 23.52
CA ALA D 159 1.07 -15.97 22.79
C ALA D 159 0.30 -17.08 22.08
N ALA D 160 -0.61 -17.72 22.79
CA ALA D 160 -1.42 -18.80 22.23
C ALA D 160 -2.17 -18.34 20.99
N GLU D 161 -2.90 -17.23 21.12
CA GLU D 161 -3.67 -16.72 20.00
C GLU D 161 -2.77 -16.38 18.82
N ALA D 162 -1.62 -15.80 19.13
CA ALA D 162 -0.65 -15.43 18.10
C ALA D 162 -0.28 -16.69 17.32
N GLY D 163 0.02 -17.75 18.07
CA GLY D 163 0.39 -19.01 17.48
C GLY D 163 -0.62 -19.55 16.50
N ILE D 164 -1.89 -19.64 16.89
CA ILE D 164 -2.89 -20.18 15.95
C ILE D 164 -3.11 -19.23 14.79
N ARG D 165 -2.72 -17.98 14.96
CA ARG D 165 -2.87 -17.04 13.86
C ARG D 165 -1.80 -17.31 12.82
N GLY D 166 -0.71 -17.95 13.23
CA GLY D 166 0.32 -18.32 12.28
C GLY D 166 1.75 -17.90 12.52
N PHE D 167 1.99 -17.08 13.54
CA PHE D 167 3.35 -16.64 13.80
C PHE D 167 4.25 -17.80 14.16
N SER D 168 5.47 -17.80 13.61
CA SER D 168 6.40 -18.89 13.89
C SER D 168 7.42 -18.43 14.92
N GLU D 169 7.56 -17.12 15.05
CA GLU D 169 8.48 -16.53 16.00
C GLU D 169 7.68 -15.54 16.84
N GLN D 170 7.95 -15.50 18.13
CA GLN D 170 7.28 -14.60 19.06
C GLN D 170 8.30 -13.87 19.92
N GLU D 171 8.11 -12.55 20.10
CA GLU D 171 9.05 -11.74 20.87
C GLU D 171 8.39 -10.90 21.99
N THR D 172 8.94 -10.98 23.20
CA THR D 172 8.42 -10.16 24.27
C THR D 172 9.54 -9.30 24.85
N THR D 173 9.18 -8.36 25.70
CA THR D 173 10.15 -7.49 26.34
C THR D 173 9.44 -6.94 27.57
N VAL D 174 10.06 -6.05 28.34
CA VAL D 174 9.37 -5.56 29.53
C VAL D 174 9.49 -4.09 29.87
N GLY D 175 8.54 -3.64 30.70
CA GLY D 175 8.52 -2.26 31.12
C GLY D 175 9.42 -2.14 32.34
N ILE D 176 9.41 -3.19 33.15
CA ILE D 176 10.25 -3.23 34.33
C ILE D 176 11.28 -4.34 34.09
N ALA D 177 12.53 -3.94 33.95
CA ALA D 177 13.61 -4.90 33.69
C ALA D 177 13.42 -6.20 34.47
N ARG D 178 13.45 -6.11 35.79
CA ARG D 178 13.32 -7.26 36.66
C ARG D 178 12.24 -8.29 36.30
N TYR D 179 11.31 -7.96 35.40
CA TYR D 179 10.24 -8.89 35.02
C TYR D 179 10.60 -9.97 34.00
N ALA D 180 11.67 -9.74 33.24
CA ALA D 180 12.11 -10.66 32.19
C ALA D 180 11.85 -12.15 32.43
N PRO D 181 12.41 -12.72 33.50
CA PRO D 181 12.20 -14.13 33.79
C PRO D 181 10.74 -14.58 33.62
N PHE D 182 9.81 -13.86 34.23
CA PHE D 182 8.40 -14.22 34.11
C PHE D 182 7.90 -14.07 32.68
N ASN D 183 8.24 -12.95 32.06
CA ASN D 183 7.81 -12.73 30.68
C ASN D 183 8.27 -13.81 29.73
N ALA D 184 9.52 -14.25 29.87
CA ALA D 184 10.04 -15.30 28.99
C ALA D 184 9.32 -16.61 29.27
N LEU D 185 8.93 -16.80 30.54
CA LEU D 185 8.22 -18.00 30.95
C LEU D 185 6.86 -18.08 30.29
N ALA D 186 6.00 -17.10 30.62
CA ALA D 186 4.66 -17.05 30.06
C ALA D 186 4.70 -17.17 28.54
N LEU D 187 5.62 -16.47 27.92
CA LEU D 187 5.75 -16.53 26.48
C LEU D 187 6.07 -17.97 26.03
N LEU D 188 6.95 -18.64 26.77
CA LEU D 188 7.33 -20.00 26.44
C LEU D 188 6.15 -20.97 26.61
N VAL D 189 5.44 -20.86 27.73
CA VAL D 189 4.31 -21.73 27.97
C VAL D 189 3.19 -21.40 27.01
N GLY D 190 2.85 -20.12 26.90
CA GLY D 190 1.78 -19.69 26.01
C GLY D 190 1.99 -20.00 24.54
N SER D 191 3.25 -19.90 24.08
CA SER D 191 3.61 -20.18 22.69
C SER D 191 3.34 -21.63 22.31
N GLN D 192 3.66 -22.56 23.20
CA GLN D 192 3.46 -23.99 22.95
C GLN D 192 2.00 -24.41 23.07
N CYS D 193 1.15 -23.52 23.58
CA CYS D 193 -0.27 -23.81 23.72
C CYS D 193 -0.99 -23.50 22.41
N GLY D 194 -0.56 -22.42 21.76
CA GLY D 194 -1.18 -22.04 20.50
C GLY D 194 -0.81 -23.02 19.41
N ARG D 195 0.46 -23.00 19.03
CA ARG D 195 0.93 -23.88 17.98
C ARG D 195 2.31 -24.37 18.39
N PRO D 196 2.43 -25.66 18.68
CA PRO D 196 3.71 -26.24 19.08
C PRO D 196 4.79 -26.04 18.00
N GLY D 197 5.96 -25.56 18.43
CA GLY D 197 7.06 -25.32 17.52
C GLY D 197 7.40 -23.84 17.38
N VAL D 198 6.63 -22.98 18.04
CA VAL D 198 6.83 -21.53 17.98
C VAL D 198 8.09 -21.12 18.74
N LEU D 199 9.00 -20.43 18.07
CA LEU D 199 10.24 -19.94 18.66
C LEU D 199 9.97 -18.70 19.52
N THR D 200 10.68 -18.57 20.63
CA THR D 200 10.46 -17.40 21.52
C THR D 200 11.71 -16.73 22.06
N GLN D 201 11.65 -15.40 22.10
CA GLN D 201 12.75 -14.59 22.59
C GLN D 201 12.27 -13.53 23.58
N CYS D 202 13.20 -13.05 24.39
CA CYS D 202 12.92 -12.01 25.36
C CYS D 202 14.00 -10.96 25.16
N SER D 203 13.65 -9.87 24.49
CA SER D 203 14.60 -8.81 24.18
C SER D 203 14.98 -7.87 25.32
N VAL D 204 16.16 -8.10 25.87
CA VAL D 204 16.66 -7.26 26.95
C VAL D 204 18.15 -7.01 26.79
N GLU D 205 18.80 -6.60 27.87
CA GLU D 205 20.22 -6.33 27.85
C GLU D 205 21.01 -7.60 27.49
N GLU D 206 21.93 -7.45 26.54
CA GLU D 206 22.77 -8.53 26.03
C GLU D 206 23.15 -9.65 27.00
N ALA D 207 23.93 -9.33 28.02
CA ALA D 207 24.35 -10.36 28.96
C ALA D 207 23.14 -11.05 29.62
N THR D 208 22.18 -10.27 30.06
CA THR D 208 20.99 -10.80 30.69
C THR D 208 20.22 -11.79 29.81
N GLU D 209 20.18 -11.51 28.52
CA GLU D 209 19.47 -12.35 27.58
C GLU D 209 20.20 -13.66 27.26
N LEU D 210 21.53 -13.63 27.24
CA LEU D 210 22.30 -14.84 26.99
C LEU D 210 22.05 -15.74 28.18
N GLU D 211 21.93 -15.13 29.35
CA GLU D 211 21.70 -15.88 30.56
C GLU D 211 20.33 -16.54 30.47
N LEU D 212 19.30 -15.76 30.17
CA LEU D 212 17.96 -16.32 30.05
C LEU D 212 17.97 -17.54 29.14
N GLY D 213 18.61 -17.42 28.00
CA GLY D 213 18.66 -18.55 27.07
C GLY D 213 19.43 -19.74 27.62
N MET D 214 20.51 -19.48 28.35
CA MET D 214 21.28 -20.57 28.90
C MET D 214 20.48 -21.31 29.97
N ARG D 215 19.42 -20.70 30.47
CA ARG D 215 18.61 -21.34 31.50
C ARG D 215 17.38 -22.02 30.88
N GLY D 216 17.35 -22.05 29.55
CA GLY D 216 16.25 -22.67 28.83
C GLY D 216 14.91 -21.96 28.90
N LEU D 217 14.93 -20.66 29.14
CA LEU D 217 13.69 -19.91 29.21
C LEU D 217 13.29 -19.33 27.86
N THR D 218 14.19 -19.40 26.88
CA THR D 218 13.94 -18.87 25.56
C THR D 218 14.47 -19.88 24.57
N SER D 219 14.08 -19.80 23.30
CA SER D 219 14.58 -20.74 22.30
C SER D 219 15.42 -20.07 21.21
N TYR D 220 15.49 -18.73 21.24
CA TYR D 220 16.33 -17.97 20.30
C TYR D 220 16.48 -16.50 20.69
N ALA D 221 17.46 -15.83 20.09
CA ALA D 221 17.70 -14.42 20.37
C ALA D 221 17.88 -13.68 19.06
N GLU D 222 17.31 -12.48 19.00
CA GLU D 222 17.37 -11.67 17.79
C GLU D 222 18.00 -10.30 17.95
N THR D 223 17.63 -9.61 19.03
CA THR D 223 18.13 -8.26 19.27
C THR D 223 19.56 -8.19 19.76
N VAL D 224 20.44 -8.96 19.14
CA VAL D 224 21.85 -8.96 19.49
C VAL D 224 22.40 -7.90 18.54
N SER D 225 22.26 -6.64 18.97
CA SER D 225 22.64 -5.49 18.16
C SER D 225 24.07 -5.33 17.63
N VAL D 226 24.15 -4.62 16.52
CA VAL D 226 25.38 -4.28 15.80
C VAL D 226 25.17 -2.86 15.28
N TYR D 227 26.22 -2.04 15.25
CA TYR D 227 26.07 -0.67 14.76
C TYR D 227 27.14 -0.28 13.75
N GLY D 228 26.82 0.74 12.96
CA GLY D 228 27.73 1.20 11.90
C GLY D 228 28.90 2.11 12.21
N THR D 229 29.01 2.62 13.42
CA THR D 229 30.16 3.45 13.76
C THR D 229 30.69 3.11 15.14
N GLU D 230 32.01 3.24 15.32
CA GLU D 230 32.62 2.94 16.60
C GLU D 230 31.96 3.66 17.78
N ALA D 231 31.75 4.97 17.65
CA ALA D 231 31.14 5.76 18.72
C ALA D 231 29.80 5.21 19.18
N VAL D 232 28.99 4.76 18.24
CA VAL D 232 27.68 4.23 18.60
C VAL D 232 27.79 2.81 19.17
N PHE D 233 28.65 2.00 18.56
CA PHE D 233 28.88 0.63 19.03
C PHE D 233 29.29 0.68 20.50
N THR D 234 30.05 1.71 20.87
CA THR D 234 30.52 1.86 22.24
C THR D 234 29.40 2.25 23.20
N ASP D 235 28.47 3.07 22.73
CA ASP D 235 27.34 3.43 23.57
C ASP D 235 26.34 2.27 23.54
N GLY D 236 26.61 1.30 22.66
CA GLY D 236 25.78 0.12 22.56
C GLY D 236 26.41 -0.92 23.48
N ASP D 237 27.58 -0.54 24.00
CA ASP D 237 28.37 -1.34 24.91
C ASP D 237 28.91 -2.61 24.27
N ASP D 238 29.36 -2.49 23.03
CA ASP D 238 29.91 -3.65 22.36
C ASP D 238 30.96 -3.32 21.32
N THR D 239 31.50 -4.37 20.73
CA THR D 239 32.55 -4.26 19.73
C THR D 239 32.30 -5.37 18.75
N PRO D 240 32.84 -5.25 17.53
CA PRO D 240 32.63 -6.32 16.56
C PRO D 240 33.15 -7.64 17.10
N TRP D 241 34.19 -7.59 17.93
CA TRP D 241 34.74 -8.81 18.50
C TRP D 241 33.94 -9.37 19.67
N SER D 242 33.37 -8.49 20.47
CA SER D 242 32.56 -8.92 21.60
C SER D 242 31.25 -9.49 21.08
N LYS D 243 30.68 -8.84 20.06
CA LYS D 243 29.44 -9.31 19.48
C LYS D 243 29.65 -10.58 18.66
N ALA D 244 30.84 -10.75 18.11
CA ALA D 244 31.13 -11.95 17.33
C ALA D 244 31.23 -13.09 18.33
N PHE D 245 31.96 -12.88 19.42
CA PHE D 245 32.10 -13.90 20.45
C PHE D 245 30.71 -14.29 20.95
N LEU D 246 29.91 -13.30 21.37
CA LEU D 246 28.57 -13.55 21.86
C LEU D 246 27.77 -14.43 20.90
N ALA D 247 27.93 -14.20 19.61
CA ALA D 247 27.21 -14.99 18.64
C ALA D 247 27.66 -16.46 18.75
N SER D 248 28.97 -16.70 18.78
CA SER D 248 29.49 -18.06 18.92
C SER D 248 29.10 -18.65 20.27
N ALA D 249 28.82 -17.79 21.24
CA ALA D 249 28.42 -18.25 22.57
C ALA D 249 27.05 -18.91 22.49
N TYR D 250 26.10 -18.24 21.83
CA TYR D 250 24.76 -18.79 21.69
C TYR D 250 24.82 -20.12 20.94
N ALA D 251 25.50 -20.12 19.81
CA ALA D 251 25.66 -21.33 19.00
C ALA D 251 26.31 -22.43 19.84
N SER D 252 27.26 -22.04 20.69
CA SER D 252 27.99 -22.98 21.54
C SER D 252 27.04 -23.67 22.49
N ARG D 253 25.83 -23.14 22.59
CA ARG D 253 24.84 -23.75 23.47
C ARG D 253 23.73 -24.37 22.64
N GLY D 254 23.84 -24.24 21.32
CA GLY D 254 22.85 -24.79 20.43
C GLY D 254 21.71 -23.84 20.14
N LEU D 255 21.86 -22.59 20.58
CA LEU D 255 20.82 -21.58 20.38
C LEU D 255 20.80 -20.81 19.07
N LYS D 256 19.62 -20.76 18.46
CA LYS D 256 19.40 -20.00 17.24
C LYS D 256 19.46 -18.53 17.60
N MET D 257 20.08 -17.72 16.74
CA MET D 257 20.18 -16.29 16.99
C MET D 257 20.53 -15.50 15.74
N ARG D 258 20.17 -14.22 15.75
CA ARG D 258 20.45 -13.34 14.63
C ARG D 258 20.83 -12.01 15.22
N TYR D 259 21.42 -11.15 14.40
CA TYR D 259 21.82 -9.81 14.82
C TYR D 259 20.64 -8.86 14.58
N THR D 260 20.78 -7.63 15.05
CA THR D 260 19.77 -6.61 14.82
C THR D 260 20.49 -5.30 14.54
N SER D 261 20.07 -4.62 13.49
CA SER D 261 20.65 -3.33 13.13
C SER D 261 19.52 -2.53 12.48
N GLY D 262 19.86 -1.71 11.50
CA GLY D 262 18.81 -0.95 10.84
C GLY D 262 19.09 0.52 10.70
N THR D 263 18.71 1.06 9.54
CA THR D 263 18.88 2.47 9.22
C THR D 263 18.43 3.42 10.32
N GLY D 264 19.19 4.48 10.52
CA GLY D 264 18.81 5.48 11.50
C GLY D 264 19.35 5.35 12.91
N SER D 265 19.84 4.18 13.29
CA SER D 265 20.35 4.05 14.66
C SER D 265 21.50 5.00 14.99
N GLU D 266 22.53 5.03 14.14
CA GLU D 266 23.70 5.87 14.36
C GLU D 266 23.38 7.36 14.50
N ALA D 267 22.47 7.85 13.67
CA ALA D 267 22.08 9.26 13.68
C ALA D 267 21.31 9.61 14.94
N LEU D 268 20.41 8.73 15.35
CA LEU D 268 19.61 8.98 16.55
C LEU D 268 20.49 8.98 17.80
N MET D 269 21.57 8.21 17.76
CA MET D 269 22.47 8.13 18.91
C MET D 269 23.62 9.13 18.85
N GLY D 270 23.55 10.01 17.86
CA GLY D 270 24.55 11.06 17.72
C GLY D 270 25.94 10.86 17.12
N TYR D 271 26.21 9.85 16.32
CA TYR D 271 27.55 9.74 15.75
C TYR D 271 27.53 9.06 14.40
N SER D 272 27.09 9.79 13.38
CA SER D 272 26.97 9.23 12.04
C SER D 272 28.25 9.41 11.20
N GLU D 273 29.31 10.02 11.75
CA GLU D 273 30.54 10.22 10.94
C GLU D 273 30.13 10.75 9.64
N SER D 274 28.87 10.89 9.72
CA SER D 274 28.08 11.56 8.79
C SER D 274 28.17 11.05 7.42
N LYS D 275 27.69 9.90 7.48
CA LYS D 275 27.41 9.10 6.42
C LYS D 275 25.92 9.06 6.35
N SER D 276 25.45 8.51 5.29
CA SER D 276 24.05 8.30 5.12
C SER D 276 23.66 7.07 5.91
N MET D 277 22.38 7.00 6.27
CA MET D 277 21.82 5.89 7.02
C MET D 277 22.06 4.56 6.31
N LEU D 278 21.76 4.50 5.02
CA LEU D 278 21.94 3.25 4.28
C LEU D 278 23.38 2.74 4.26
N TYR D 279 24.35 3.62 4.09
CA TYR D 279 25.75 3.20 4.06
C TYR D 279 26.18 2.61 5.37
N LEU D 280 25.80 3.26 6.46
CA LEU D 280 26.18 2.76 7.78
C LEU D 280 25.46 1.43 8.00
N GLU D 281 24.24 1.33 7.49
CA GLU D 281 23.50 0.09 7.64
C GLU D 281 24.21 -1.00 6.84
N SER D 282 24.72 -0.62 5.67
CA SER D 282 25.45 -1.57 4.83
C SER D 282 26.61 -2.16 5.64
N ARG D 283 27.35 -1.30 6.35
CA ARG D 283 28.45 -1.79 7.18
C ARG D 283 27.90 -2.82 8.17
N CYS D 284 26.77 -2.48 8.81
CA CYS D 284 26.14 -3.36 9.78
C CYS D 284 25.84 -4.75 9.23
N ILE D 285 25.33 -4.84 8.02
CA ILE D 285 25.03 -6.15 7.50
C ILE D 285 26.30 -6.93 7.10
N PHE D 286 27.39 -6.23 6.81
CA PHE D 286 28.63 -6.96 6.50
C PHE D 286 29.25 -7.48 7.80
N ILE D 287 29.03 -6.77 8.90
CA ILE D 287 29.53 -7.18 10.20
C ILE D 287 28.84 -8.51 10.55
N THR D 288 27.54 -8.56 10.23
CA THR D 288 26.75 -9.74 10.51
C THR D 288 27.25 -10.90 9.67
N LYS D 289 27.43 -10.65 8.39
CA LYS D 289 27.93 -11.67 7.48
C LYS D 289 29.27 -12.17 8.04
N GLY D 290 30.22 -11.26 8.23
CA GLY D 290 31.53 -11.61 8.73
C GLY D 290 31.59 -12.31 10.07
N ALA D 291 30.59 -12.08 10.92
CA ALA D 291 30.58 -12.69 12.23
C ALA D 291 30.17 -14.18 12.14
N GLY D 292 29.51 -14.54 11.03
CA GLY D 292 29.11 -15.92 10.88
C GLY D 292 27.67 -16.12 11.26
N VAL D 293 27.03 -15.03 11.70
CA VAL D 293 25.63 -15.02 12.08
C VAL D 293 24.77 -15.24 10.84
N GLN D 294 23.91 -16.25 10.91
CA GLN D 294 23.06 -16.62 9.78
C GLN D 294 22.02 -15.61 9.33
N GLY D 295 21.43 -14.87 10.28
CA GLY D 295 20.40 -13.93 9.89
C GLY D 295 20.53 -12.53 10.44
N LEU D 296 19.76 -11.61 9.86
CA LEU D 296 19.77 -10.21 10.29
C LEU D 296 18.38 -9.61 10.38
N GLN D 297 18.15 -8.80 11.41
CA GLN D 297 16.86 -8.12 11.51
C GLN D 297 17.15 -6.67 11.17
N ASN D 298 16.70 -6.21 10.01
CA ASN D 298 16.93 -4.83 9.64
C ASN D 298 15.77 -4.22 8.86
N GLY D 299 15.92 -2.94 8.51
CA GLY D 299 14.87 -2.23 7.82
C GLY D 299 14.42 -1.16 8.77
N ALA D 300 15.39 -0.42 9.30
CA ALA D 300 15.16 0.68 10.24
C ALA D 300 14.80 0.14 11.62
N VAL D 301 13.91 -0.83 11.64
CA VAL D 301 13.44 -1.44 12.88
C VAL D 301 12.96 -0.38 13.85
N SER D 302 13.57 -0.31 15.03
CA SER D 302 13.17 0.66 16.04
C SER D 302 13.40 2.13 15.69
N CYS D 303 14.18 2.38 14.64
CA CYS D 303 14.48 3.75 14.23
C CYS D 303 13.75 4.13 12.95
N ILE D 304 12.64 3.45 12.70
CA ILE D 304 11.81 3.72 11.54
C ILE D 304 11.44 5.20 11.53
N GLY D 305 11.26 5.77 12.72
CA GLY D 305 10.93 7.18 12.82
C GLY D 305 12.02 8.12 12.30
N MET D 306 13.24 7.61 12.15
CA MET D 306 14.34 8.40 11.63
C MET D 306 14.29 8.29 10.12
N THR D 307 14.66 7.10 9.64
CA THR D 307 14.71 6.84 8.22
C THR D 307 13.41 7.22 7.50
N GLY D 308 12.31 7.27 8.24
CA GLY D 308 11.05 7.62 7.63
C GLY D 308 10.80 9.12 7.57
N ALA D 309 11.65 9.88 8.24
CA ALA D 309 11.52 11.33 8.27
C ALA D 309 12.07 12.01 7.03
N VAL D 310 13.08 11.41 6.40
CA VAL D 310 13.70 12.00 5.23
C VAL D 310 13.26 11.40 3.90
N PRO D 311 13.56 12.10 2.80
CA PRO D 311 13.20 11.64 1.45
C PRO D 311 13.71 10.23 1.18
N SER D 312 13.00 9.51 0.30
CA SER D 312 13.35 8.15 -0.08
C SER D 312 13.71 7.25 1.09
N GLY D 313 13.17 7.55 2.27
CA GLY D 313 13.49 6.74 3.43
C GLY D 313 12.85 5.37 3.48
N ILE D 314 11.67 5.23 2.88
CA ILE D 314 10.98 3.96 2.87
C ILE D 314 11.60 3.09 1.79
N ARG D 315 12.00 3.73 0.69
CA ARG D 315 12.66 3.03 -0.39
C ARG D 315 13.97 2.51 0.22
N ALA D 316 14.54 3.30 1.12
CA ALA D 316 15.79 2.91 1.76
C ALA D 316 15.61 1.64 2.60
N VAL D 317 14.55 1.60 3.40
CA VAL D 317 14.24 0.44 4.25
C VAL D 317 14.14 -0.82 3.40
N LEU D 318 13.56 -0.66 2.23
CA LEU D 318 13.41 -1.77 1.31
C LEU D 318 14.80 -2.19 0.83
N ALA D 319 15.60 -1.20 0.43
CA ALA D 319 16.95 -1.43 -0.06
C ALA D 319 17.85 -2.10 0.97
N GLU D 320 17.69 -1.74 2.24
CA GLU D 320 18.53 -2.33 3.27
C GLU D 320 18.17 -3.79 3.47
N ASN D 321 16.91 -4.12 3.19
CA ASN D 321 16.42 -5.50 3.31
C ASN D 321 17.04 -6.33 2.18
N LEU D 322 17.05 -5.74 0.99
CA LEU D 322 17.60 -6.40 -0.18
C LEU D 322 19.09 -6.70 -0.09
N ILE D 323 19.86 -5.72 0.37
CA ILE D 323 21.29 -5.92 0.53
C ILE D 323 21.53 -7.10 1.46
N ALA D 324 20.81 -7.16 2.57
CA ALA D 324 20.97 -8.28 3.52
C ALA D 324 20.66 -9.60 2.81
N SER D 325 19.63 -9.58 1.99
CA SER D 325 19.18 -10.76 1.24
C SER D 325 20.15 -11.19 0.16
N MET D 326 20.55 -10.25 -0.70
CA MET D 326 21.49 -10.56 -1.76
C MET D 326 22.84 -10.94 -1.17
N LEU D 327 23.02 -10.66 0.12
CA LEU D 327 24.27 -11.01 0.81
C LEU D 327 24.12 -12.40 1.41
N ASP D 328 22.99 -13.01 1.10
CA ASP D 328 22.64 -14.37 1.52
C ASP D 328 22.32 -14.59 2.99
N LEU D 329 21.88 -13.55 3.68
CA LEU D 329 21.53 -13.65 5.09
C LEU D 329 20.02 -13.86 5.23
N GLU D 330 19.60 -14.50 6.32
CA GLU D 330 18.18 -14.67 6.63
C GLU D 330 17.75 -13.24 7.00
N VAL D 331 16.58 -12.81 6.55
CA VAL D 331 16.12 -11.46 6.85
C VAL D 331 14.74 -11.30 7.49
N ALA D 332 14.73 -10.85 8.74
CA ALA D 332 13.48 -10.57 9.45
C ALA D 332 13.29 -9.09 9.14
N SER D 333 12.50 -8.81 8.10
CA SER D 333 12.28 -7.44 7.62
C SER D 333 11.44 -6.39 8.38
N ALA D 334 11.68 -6.28 9.68
CA ALA D 334 11.01 -5.26 10.49
C ALA D 334 9.50 -5.13 10.32
N ASN D 335 9.02 -3.92 10.02
CA ASN D 335 7.59 -3.64 9.86
C ASN D 335 6.98 -3.72 11.24
N ASP D 336 7.87 -3.68 12.21
CA ASP D 336 7.54 -3.85 13.61
C ASP D 336 7.42 -2.59 14.47
N GLN D 337 7.70 -1.43 13.91
CA GLN D 337 7.63 -0.22 14.70
C GLN D 337 6.74 0.89 14.08
N THR D 338 6.08 1.68 14.92
CA THR D 338 5.22 2.75 14.42
C THR D 338 6.05 3.92 13.92
N PHE D 339 5.59 4.56 12.86
CA PHE D 339 6.29 5.71 12.32
C PHE D 339 5.30 6.71 11.71
N SER D 340 4.06 6.30 11.48
CA SER D 340 3.07 7.20 10.90
C SER D 340 1.69 7.20 11.56
N HIS D 341 1.01 8.33 11.51
CA HIS D 341 -0.33 8.44 12.08
C HIS D 341 -1.33 8.02 10.99
N SER D 342 -0.82 7.82 9.78
CA SER D 342 -1.66 7.47 8.64
C SER D 342 -1.66 6.00 8.18
N ASP D 343 -2.86 5.47 7.96
CA ASP D 343 -3.02 4.11 7.48
C ASP D 343 -2.47 4.01 6.07
N ILE D 344 -2.70 5.06 5.29
CA ILE D 344 -2.22 5.12 3.92
C ILE D 344 -0.71 4.95 3.89
N ARG D 345 -0.03 5.76 4.70
CA ARG D 345 1.42 5.74 4.75
C ARG D 345 2.03 4.44 5.27
N ARG D 346 1.54 3.95 6.40
CA ARG D 346 2.10 2.72 6.97
C ARG D 346 1.89 1.46 6.10
N THR D 347 0.80 1.47 5.33
CA THR D 347 0.45 0.36 4.45
C THR D 347 1.46 0.23 3.32
N ALA D 348 1.89 1.37 2.77
CA ALA D 348 2.85 1.36 1.68
C ALA D 348 4.23 0.94 2.20
N ARG D 349 4.49 1.22 3.46
CA ARG D 349 5.76 0.87 4.08
C ARG D 349 5.90 -0.64 4.16
N THR D 350 4.83 -1.30 4.60
CA THR D 350 4.80 -2.76 4.75
C THR D 350 4.70 -3.53 3.43
N LEU D 351 3.83 -3.07 2.55
CA LEU D 351 3.62 -3.73 1.28
C LEU D 351 4.93 -4.01 0.52
N MET D 352 5.94 -3.19 0.74
CA MET D 352 7.23 -3.35 0.07
C MET D 352 7.82 -4.72 0.38
N GLN D 353 7.67 -5.17 1.62
CA GLN D 353 8.18 -6.48 2.00
C GLN D 353 7.11 -7.58 1.83
N MET D 354 5.87 -7.27 2.19
CA MET D 354 4.79 -8.24 2.08
C MET D 354 4.63 -8.81 0.68
N LEU D 355 4.47 -7.94 -0.30
CA LEU D 355 4.27 -8.37 -1.67
C LEU D 355 5.32 -9.32 -2.22
N PRO D 356 6.61 -9.00 -2.03
CA PRO D 356 7.68 -9.88 -2.53
C PRO D 356 7.83 -11.09 -1.63
N GLY D 357 7.83 -10.82 -0.32
CA GLY D 357 8.01 -11.89 0.66
C GLY D 357 9.46 -11.99 1.14
N THR D 358 9.63 -12.01 2.46
CA THR D 358 10.95 -12.11 3.08
C THR D 358 10.89 -13.28 4.05
N ASP D 359 12.04 -13.68 4.59
CA ASP D 359 12.09 -14.78 5.54
C ASP D 359 11.08 -14.53 6.66
N PHE D 360 10.92 -13.27 7.03
CA PHE D 360 9.95 -12.87 8.04
C PHE D 360 9.42 -11.49 7.66
N ILE D 361 8.36 -11.45 6.86
CA ILE D 361 7.75 -10.18 6.44
C ILE D 361 7.76 -9.18 7.59
N PHE D 362 7.17 -9.58 8.72
CA PHE D 362 7.17 -8.73 9.91
C PHE D 362 8.16 -9.37 10.87
N SER D 363 8.99 -8.56 11.53
CA SER D 363 9.92 -9.11 12.50
C SER D 363 9.47 -8.58 13.83
N GLY D 364 8.15 -8.39 13.94
CA GLY D 364 7.55 -7.89 15.15
C GLY D 364 6.14 -7.33 14.97
N TYR D 365 5.26 -8.10 14.33
CA TYR D 365 3.86 -7.70 14.14
C TYR D 365 3.29 -7.73 15.57
N SER D 366 2.58 -6.71 16.00
CA SER D 366 2.05 -6.75 17.37
C SER D 366 0.77 -7.58 17.49
N ALA D 367 0.85 -8.65 18.26
CA ALA D 367 -0.28 -9.55 18.47
C ALA D 367 -1.22 -9.02 19.52
N VAL D 368 -0.98 -7.80 19.98
CA VAL D 368 -1.82 -7.17 20.98
C VAL D 368 -2.04 -5.73 20.58
N PRO D 369 -2.99 -5.04 21.22
CA PRO D 369 -3.29 -3.64 20.90
C PRO D 369 -2.00 -2.86 21.05
N ASN D 370 -1.78 -1.88 20.17
CA ASN D 370 -0.55 -1.12 20.29
C ASN D 370 -0.40 -0.44 21.66
N TYR D 371 -1.50 -0.05 22.30
CA TYR D 371 -1.37 0.62 23.59
C TYR D 371 -0.65 -0.28 24.55
N ASP D 372 -0.65 -1.58 24.25
CA ASP D 372 -0.01 -2.60 25.08
C ASP D 372 1.36 -3.03 24.50
N ASN D 373 1.71 -2.49 23.34
CA ASN D 373 2.97 -2.84 22.70
C ASN D 373 4.14 -2.12 23.33
N MET D 374 4.92 -2.86 24.12
CA MET D 374 6.06 -2.33 24.83
C MET D 374 7.27 -2.00 23.98
N PHE D 375 7.12 -2.08 22.67
CA PHE D 375 8.21 -1.70 21.77
C PHE D 375 7.82 -0.34 21.21
N ALA D 376 6.92 0.34 21.91
CA ALA D 376 6.41 1.66 21.56
C ALA D 376 5.45 1.59 20.38
N GLY D 377 4.92 0.39 20.12
CA GLY D 377 3.99 0.21 19.02
C GLY D 377 4.60 -0.41 17.77
N SER D 378 3.79 -1.19 17.06
CA SER D 378 4.25 -1.81 15.83
C SER D 378 3.51 -1.20 14.64
N ASN D 379 4.04 -1.38 13.44
CA ASN D 379 3.45 -0.81 12.25
C ASN D 379 2.04 -1.31 12.01
N PHE D 380 1.76 -2.51 12.50
CA PHE D 380 0.47 -3.18 12.39
C PHE D 380 0.21 -3.88 13.71
N ASP D 381 -1.03 -3.82 14.19
CA ASP D 381 -1.28 -4.48 15.45
C ASP D 381 -2.51 -5.37 15.38
N ALA D 382 -2.88 -5.96 16.50
CA ALA D 382 -4.01 -6.88 16.56
C ALA D 382 -5.30 -6.37 15.97
N GLU D 383 -5.51 -5.06 15.99
CA GLU D 383 -6.76 -4.55 15.45
C GLU D 383 -6.77 -4.54 13.93
N ASP D 384 -5.64 -4.91 13.34
CA ASP D 384 -5.53 -4.94 11.89
C ASP D 384 -5.73 -6.33 11.31
N PHE D 385 -5.61 -7.36 12.13
CA PHE D 385 -5.77 -8.73 11.66
C PHE D 385 -6.80 -8.96 10.55
N ASP D 386 -8.01 -8.47 10.75
CA ASP D 386 -9.04 -8.67 9.74
C ASP D 386 -8.64 -8.07 8.41
N ASP D 387 -7.97 -6.93 8.45
CA ASP D 387 -7.51 -6.23 7.26
C ASP D 387 -6.39 -6.96 6.55
N TYR D 388 -5.44 -7.45 7.34
CA TYR D 388 -4.31 -8.18 6.80
C TYR D 388 -4.81 -9.41 6.05
N ASN D 389 -5.77 -10.13 6.63
CA ASN D 389 -6.27 -11.32 5.96
C ASN D 389 -6.98 -10.99 4.66
N ILE D 390 -7.69 -9.88 4.64
CA ILE D 390 -8.38 -9.45 3.43
C ILE D 390 -7.38 -9.06 2.32
N LEU D 391 -6.24 -8.49 2.71
CA LEU D 391 -5.21 -8.12 1.73
C LEU D 391 -4.70 -9.35 0.99
N GLN D 392 -4.36 -10.39 1.76
CA GLN D 392 -3.86 -11.63 1.17
C GLN D 392 -4.85 -12.19 0.18
N ARG D 393 -6.15 -12.11 0.53
CA ARG D 393 -7.23 -12.60 -0.34
C ARG D 393 -7.36 -11.73 -1.58
N ASP D 394 -7.22 -10.42 -1.40
CA ASP D 394 -7.35 -9.46 -2.51
C ASP D 394 -6.27 -9.51 -3.56
N LEU D 395 -5.05 -9.87 -3.16
CA LEU D 395 -3.92 -9.90 -4.09
C LEU D 395 -3.35 -11.29 -4.32
N MET D 396 -3.87 -12.28 -3.62
CA MET D 396 -3.37 -13.66 -3.72
C MET D 396 -1.88 -13.61 -3.37
N VAL D 397 -1.58 -13.19 -2.13
CA VAL D 397 -0.20 -13.02 -1.68
C VAL D 397 0.43 -13.88 -0.57
N ASP D 398 -0.34 -14.42 0.35
CA ASP D 398 0.25 -15.21 1.43
C ASP D 398 1.15 -14.37 2.31
N GLY D 399 0.53 -13.73 3.30
CA GLY D 399 1.25 -12.87 4.22
C GLY D 399 1.70 -13.60 5.47
N GLY D 400 1.51 -14.91 5.50
CA GLY D 400 1.94 -15.69 6.64
C GLY D 400 1.03 -15.69 7.85
N LEU D 401 -0.24 -15.39 7.65
CA LEU D 401 -1.22 -15.38 8.73
C LEU D 401 -2.58 -15.89 8.21
N ARG D 402 -3.28 -16.62 9.07
CA ARG D 402 -4.58 -17.18 8.71
C ARG D 402 -5.66 -16.67 9.63
N PRO D 403 -6.93 -16.78 9.18
CA PRO D 403 -8.07 -16.33 10.00
C PRO D 403 -8.31 -17.33 11.13
N VAL D 404 -9.03 -16.89 12.16
CA VAL D 404 -9.33 -17.76 13.30
C VAL D 404 -10.67 -17.38 13.91
N THR D 405 -11.45 -18.40 14.27
CA THR D 405 -12.76 -18.17 14.85
C THR D 405 -12.63 -17.71 16.30
N GLU D 406 -13.69 -17.06 16.80
CA GLU D 406 -13.73 -16.55 18.16
C GLU D 406 -13.66 -17.74 19.12
N ALA D 407 -14.32 -18.83 18.75
CA ALA D 407 -14.33 -20.03 19.58
C ALA D 407 -12.93 -20.61 19.71
N GLU D 408 -12.26 -20.82 18.56
CA GLU D 408 -10.90 -21.36 18.53
C GLU D 408 -9.93 -20.60 19.44
N THR D 409 -10.01 -19.27 19.42
CA THR D 409 -9.09 -18.49 20.23
C THR D 409 -9.48 -18.39 21.71
N ILE D 410 -10.78 -18.27 22.01
CA ILE D 410 -11.18 -18.19 23.40
C ILE D 410 -10.74 -19.47 24.10
N ALA D 411 -10.82 -20.58 23.37
CA ALA D 411 -10.43 -21.88 23.92
C ALA D 411 -8.92 -22.01 24.10
N ILE D 412 -8.17 -21.51 23.12
CA ILE D 412 -6.72 -21.58 23.18
C ILE D 412 -6.22 -20.61 24.25
N ARG D 413 -6.91 -19.48 24.38
CA ARG D 413 -6.59 -18.47 25.36
C ARG D 413 -6.68 -19.06 26.76
N GLN D 414 -7.81 -19.72 27.00
CA GLN D 414 -8.09 -20.36 28.28
C GLN D 414 -7.06 -21.43 28.61
N LYS D 415 -6.81 -22.35 27.68
CA LYS D 415 -5.85 -23.41 27.94
C LYS D 415 -4.52 -22.82 28.37
N ALA D 416 -4.06 -21.81 27.65
CA ALA D 416 -2.79 -21.18 27.99
C ALA D 416 -2.87 -20.43 29.32
N ALA D 417 -3.98 -19.74 29.55
CA ALA D 417 -4.17 -18.98 30.78
C ALA D 417 -4.16 -19.88 31.99
N ARG D 418 -4.71 -21.08 31.84
CA ARG D 418 -4.73 -22.04 32.96
C ARG D 418 -3.42 -22.80 33.04
N ALA D 419 -2.79 -23.03 31.91
CA ALA D 419 -1.52 -23.74 31.88
C ALA D 419 -0.47 -22.96 32.65
N ILE D 420 -0.48 -21.64 32.48
CA ILE D 420 0.48 -20.78 33.17
C ILE D 420 0.09 -20.65 34.64
N GLN D 421 -1.21 -20.69 34.91
CA GLN D 421 -1.68 -20.59 36.28
C GLN D 421 -1.15 -21.79 37.06
N ALA D 422 -1.25 -22.95 36.44
CA ALA D 422 -0.79 -24.17 37.08
C ALA D 422 0.72 -24.16 37.29
N VAL D 423 1.45 -23.58 36.34
CA VAL D 423 2.90 -23.53 36.48
C VAL D 423 3.31 -22.67 37.66
N PHE D 424 2.55 -21.61 37.92
CA PHE D 424 2.85 -20.74 39.05
C PHE D 424 2.55 -21.43 40.39
N ARG D 425 1.53 -22.28 40.39
CA ARG D 425 1.16 -22.98 41.61
C ARG D 425 2.28 -23.94 41.97
N GLU D 426 2.65 -24.77 41.01
CA GLU D 426 3.71 -25.73 41.17
C GLU D 426 5.01 -25.10 41.61
N LEU D 427 5.46 -24.07 40.89
CA LEU D 427 6.73 -23.42 41.25
C LEU D 427 6.64 -22.49 42.44
N GLY D 428 5.46 -22.40 43.05
CA GLY D 428 5.28 -21.55 44.21
C GLY D 428 5.52 -20.07 43.96
N LEU D 429 5.00 -19.56 42.85
CA LEU D 429 5.13 -18.15 42.51
C LEU D 429 3.83 -17.48 42.95
N PRO D 430 3.79 -16.14 42.95
CA PRO D 430 2.55 -15.49 43.38
C PRO D 430 1.39 -16.10 42.62
N PRO D 431 0.36 -16.54 43.34
CA PRO D 431 -0.82 -17.16 42.72
C PRO D 431 -1.42 -16.36 41.57
N ILE D 432 -2.06 -17.09 40.65
CA ILE D 432 -2.76 -16.50 39.52
C ILE D 432 -4.23 -16.85 39.75
N ALA D 433 -4.98 -15.93 40.33
CA ALA D 433 -6.40 -16.16 40.64
C ALA D 433 -7.15 -16.62 39.40
N ASP D 434 -8.30 -17.26 39.60
CA ASP D 434 -9.07 -17.71 38.45
C ASP D 434 -9.76 -16.52 37.78
N GLU D 435 -9.89 -15.42 38.50
CA GLU D 435 -10.50 -14.22 37.94
C GLU D 435 -9.53 -13.72 36.87
N GLU D 436 -8.25 -14.01 37.06
CA GLU D 436 -7.23 -13.59 36.12
C GLU D 436 -7.26 -14.46 34.88
N VAL D 437 -7.32 -15.77 35.09
CA VAL D 437 -7.39 -16.70 33.96
C VAL D 437 -8.66 -16.35 33.20
N GLU D 438 -9.65 -15.87 33.94
CA GLU D 438 -10.94 -15.50 33.37
C GLU D 438 -10.76 -14.33 32.41
N ALA D 439 -10.33 -13.20 32.96
CA ALA D 439 -10.11 -11.97 32.21
C ALA D 439 -9.24 -12.11 30.97
N ALA D 440 -8.12 -12.80 31.12
CA ALA D 440 -7.17 -13.01 30.02
C ALA D 440 -7.78 -13.76 28.86
N THR D 441 -8.84 -14.53 29.13
CA THR D 441 -9.50 -15.33 28.10
C THR D 441 -10.32 -14.50 27.11
N TYR D 442 -11.10 -13.58 27.63
CA TYR D 442 -11.98 -12.73 26.81
C TYR D 442 -11.44 -11.32 26.66
N ALA D 443 -10.23 -11.10 27.15
CA ALA D 443 -9.62 -9.77 27.08
C ALA D 443 -9.01 -9.43 25.73
N HIS D 444 -8.91 -8.14 25.47
CA HIS D 444 -8.31 -7.65 24.25
C HIS D 444 -6.92 -7.09 24.57
N GLY D 445 -6.84 -6.37 25.69
CA GLY D 445 -5.59 -5.78 26.13
C GLY D 445 -5.50 -5.75 27.65
N SER D 446 -4.45 -5.16 28.20
CA SER D 446 -4.31 -5.13 29.64
C SER D 446 -5.39 -4.30 30.35
N ASN D 447 -6.28 -3.70 29.58
CA ASN D 447 -7.36 -2.89 30.15
C ASN D 447 -8.41 -3.77 30.82
N GLU D 448 -8.40 -5.06 30.47
CA GLU D 448 -9.33 -6.03 31.03
C GLU D 448 -8.67 -6.91 32.11
N MET D 449 -7.37 -6.70 32.32
CA MET D 449 -6.64 -7.49 33.30
C MET D 449 -6.59 -6.84 34.67
N PRO D 450 -6.99 -7.58 35.72
CA PRO D 450 -6.95 -7.01 37.07
C PRO D 450 -5.48 -6.84 37.46
N PRO D 451 -5.18 -5.87 38.33
CA PRO D 451 -3.80 -5.64 38.76
C PRO D 451 -3.17 -6.74 39.59
N ARG D 452 -1.84 -6.79 39.62
CA ARG D 452 -1.11 -7.78 40.41
C ARG D 452 -0.18 -7.02 41.35
N ASN D 453 0.34 -7.71 42.35
CA ASN D 453 1.26 -7.08 43.27
C ASN D 453 2.65 -7.18 42.65
N VAL D 454 3.06 -6.11 41.99
CA VAL D 454 4.35 -6.05 41.33
C VAL D 454 5.49 -6.32 42.31
N VAL D 455 5.43 -5.69 43.48
CA VAL D 455 6.46 -5.89 44.49
C VAL D 455 6.60 -7.38 44.75
N GLU D 456 5.47 -8.02 44.97
CA GLU D 456 5.42 -9.46 45.25
C GLU D 456 6.00 -10.29 44.12
N ASP D 457 5.63 -9.95 42.88
CA ASP D 457 6.13 -10.68 41.72
C ASP D 457 7.64 -10.50 41.54
N LEU D 458 8.10 -9.24 41.58
CA LEU D 458 9.52 -8.95 41.44
C LEU D 458 10.33 -9.73 42.45
N SER D 459 9.89 -9.68 43.70
CA SER D 459 10.56 -10.42 44.78
C SER D 459 10.58 -11.91 44.41
N ALA D 460 9.45 -12.39 43.92
CA ALA D 460 9.33 -13.78 43.56
C ALA D 460 10.33 -14.10 42.45
N VAL D 461 10.39 -13.26 41.43
CA VAL D 461 11.31 -13.48 40.32
C VAL D 461 12.72 -13.69 40.85
N GLU D 462 13.19 -12.76 41.67
CA GLU D 462 14.52 -12.87 42.22
C GLU D 462 14.67 -14.19 42.95
N GLU D 463 13.63 -14.61 43.66
CA GLU D 463 13.65 -15.88 44.37
C GLU D 463 13.98 -16.95 43.32
N MET D 464 13.15 -16.98 42.29
CA MET D 464 13.26 -17.93 41.20
C MET D 464 14.64 -18.04 40.58
N MET D 465 15.25 -16.90 40.25
CA MET D 465 16.58 -16.91 39.65
C MET D 465 17.63 -17.45 40.61
N LYS D 466 17.35 -17.40 41.90
CA LYS D 466 18.30 -17.91 42.88
C LYS D 466 18.16 -19.41 42.97
N ARG D 467 16.93 -19.90 42.92
CA ARG D 467 16.70 -21.32 42.98
C ARG D 467 17.16 -21.96 41.69
N ASN D 468 17.58 -21.12 40.75
CA ASN D 468 18.07 -21.56 39.44
C ASN D 468 17.07 -22.37 38.65
N ILE D 469 15.89 -21.80 38.41
CA ILE D 469 14.87 -22.49 37.63
C ILE D 469 15.24 -22.56 36.15
N THR D 470 14.98 -23.71 35.54
CA THR D 470 15.28 -23.89 34.13
C THR D 470 14.02 -24.31 33.39
N GLY D 471 14.13 -24.43 32.08
CA GLY D 471 12.99 -24.85 31.29
C GLY D 471 12.58 -26.26 31.69
N LEU D 472 13.55 -27.06 32.09
CA LEU D 472 13.26 -28.41 32.51
C LEU D 472 12.35 -28.38 33.72
N ASP D 473 12.52 -27.36 34.56
CA ASP D 473 11.70 -27.21 35.74
C ASP D 473 10.27 -26.86 35.34
N ILE D 474 10.11 -26.17 34.20
CA ILE D 474 8.79 -25.80 33.71
C ILE D 474 8.13 -27.00 33.00
N VAL D 475 8.95 -27.85 32.38
CA VAL D 475 8.41 -29.04 31.75
C VAL D 475 7.68 -29.81 32.84
N GLY D 476 8.40 -30.10 33.92
CA GLY D 476 7.83 -30.83 35.04
C GLY D 476 6.54 -30.20 35.56
N ALA D 477 6.65 -28.98 36.09
CA ALA D 477 5.49 -28.28 36.61
C ALA D 477 4.26 -28.50 35.74
N LEU D 478 4.48 -28.67 34.44
CA LEU D 478 3.37 -28.89 33.51
C LEU D 478 2.85 -30.33 33.56
N SER D 479 3.75 -31.30 33.66
CA SER D 479 3.33 -32.70 33.76
C SER D 479 2.48 -32.87 35.02
N ARG D 480 3.07 -32.55 36.16
CA ARG D 480 2.39 -32.67 37.44
C ARG D 480 1.11 -31.88 37.52
N SER D 481 0.90 -30.97 36.58
CA SER D 481 -0.30 -30.15 36.60
C SER D 481 -1.35 -30.64 35.58
N GLY D 482 -1.02 -31.69 34.85
CA GLY D 482 -1.98 -32.23 33.91
C GLY D 482 -1.79 -31.83 32.46
N PHE D 483 -0.88 -30.89 32.23
CA PHE D 483 -0.60 -30.43 30.88
C PHE D 483 0.62 -31.17 30.31
N GLU D 484 0.51 -32.49 30.15
CA GLU D 484 1.63 -33.26 29.62
C GLU D 484 1.91 -32.87 28.18
N ASP D 485 0.87 -32.40 27.51
CA ASP D 485 0.96 -31.97 26.13
C ASP D 485 1.95 -30.80 25.96
N ILE D 486 1.74 -29.73 26.71
CA ILE D 486 2.58 -28.54 26.64
C ILE D 486 3.99 -28.82 27.14
N ALA D 487 4.10 -29.63 28.19
CA ALA D 487 5.41 -29.96 28.76
C ALA D 487 6.28 -30.66 27.73
N SER D 488 5.67 -31.54 26.97
CA SER D 488 6.37 -32.29 25.95
C SER D 488 6.80 -31.34 24.85
N ASN D 489 5.96 -30.35 24.56
CA ASN D 489 6.27 -29.37 23.51
C ASN D 489 7.47 -28.50 23.90
N ILE D 490 7.46 -28.02 25.13
CA ILE D 490 8.56 -27.21 25.60
C ILE D 490 9.84 -28.03 25.54
N LEU D 491 9.73 -29.31 25.91
CA LEU D 491 10.88 -30.20 25.90
C LEU D 491 11.44 -30.34 24.49
N ASN D 492 10.55 -30.44 23.51
CA ASN D 492 10.99 -30.57 22.13
C ASN D 492 11.65 -29.29 21.62
N MET D 493 11.37 -28.15 22.26
CA MET D 493 11.98 -26.86 21.90
C MET D 493 13.42 -26.88 22.40
N LEU D 494 13.60 -27.28 23.64
CA LEU D 494 14.92 -27.38 24.22
C LEU D 494 15.75 -28.40 23.47
N ARG D 495 15.10 -29.45 22.99
CA ARG D 495 15.79 -30.50 22.26
C ARG D 495 16.48 -29.97 21.01
N GLN D 496 15.93 -28.89 20.45
CA GLN D 496 16.48 -28.29 19.22
C GLN D 496 17.96 -27.94 19.40
N ARG D 497 18.34 -27.72 20.64
CA ARG D 497 19.71 -27.36 20.94
C ARG D 497 20.65 -28.54 20.73
N VAL D 498 20.11 -29.76 20.81
CA VAL D 498 20.91 -30.96 20.64
C VAL D 498 21.25 -31.23 19.16
N THR D 499 20.23 -31.24 18.32
CA THR D 499 20.44 -31.51 16.90
C THR D 499 21.14 -30.36 16.18
N GLY D 500 20.84 -29.14 16.61
CA GLY D 500 21.45 -27.97 16.00
C GLY D 500 20.92 -27.69 14.61
N ASP D 501 19.81 -28.32 14.24
CA ASP D 501 19.27 -28.11 12.92
C ASP D 501 18.72 -26.71 12.68
N TYR D 502 18.10 -26.11 13.70
CA TYR D 502 17.51 -24.79 13.53
C TYR D 502 18.52 -23.67 13.70
N LEU D 503 19.77 -24.01 13.43
CA LEU D 503 20.87 -23.07 13.50
C LEU D 503 21.15 -22.57 12.09
N GLN D 504 20.70 -23.33 11.10
CA GLN D 504 20.93 -22.97 9.71
C GLN D 504 20.10 -21.76 9.29
N THR D 505 20.57 -21.09 8.25
CA THR D 505 19.92 -19.90 7.69
C THR D 505 18.40 -19.99 7.57
N SER D 506 17.69 -18.99 8.11
CA SER D 506 16.23 -18.95 8.01
C SER D 506 15.46 -20.08 8.69
N ALA D 507 16.07 -20.76 9.65
CA ALA D 507 15.38 -21.89 10.27
C ALA D 507 14.20 -21.63 11.20
N ILE D 508 13.12 -22.38 11.00
CA ILE D 508 11.93 -22.29 11.87
C ILE D 508 11.43 -23.71 12.09
N LEU D 509 10.37 -23.89 12.88
CA LEU D 509 9.86 -25.24 13.15
C LEU D 509 8.41 -25.46 12.79
N ASP D 510 8.04 -26.71 12.54
CA ASP D 510 6.67 -27.07 12.18
C ASP D 510 5.96 -27.72 13.36
N ARG D 511 4.73 -28.16 13.14
CA ARG D 511 3.90 -28.81 14.16
C ARG D 511 4.66 -29.93 14.87
N GLN D 512 5.35 -30.75 14.09
CA GLN D 512 6.09 -31.88 14.64
C GLN D 512 7.53 -31.52 14.97
N PHE D 513 7.76 -30.27 15.34
CA PHE D 513 9.09 -29.78 15.68
C PHE D 513 10.17 -30.19 14.70
N GLU D 514 9.86 -30.12 13.42
CA GLU D 514 10.82 -30.46 12.37
C GLU D 514 11.26 -29.14 11.75
N VAL D 515 12.56 -29.02 11.52
CA VAL D 515 13.16 -27.82 10.95
C VAL D 515 12.74 -27.56 9.50
N VAL D 516 12.66 -26.28 9.16
CA VAL D 516 12.32 -25.84 7.81
C VAL D 516 13.13 -24.58 7.64
N SER D 517 14.26 -24.71 6.96
CA SER D 517 15.16 -23.59 6.75
C SER D 517 15.59 -23.49 5.31
N ALA D 518 16.44 -22.50 5.05
CA ALA D 518 16.95 -22.26 3.71
C ALA D 518 17.67 -23.49 3.16
N VAL D 519 18.02 -24.42 4.04
CA VAL D 519 18.74 -25.62 3.62
C VAL D 519 17.89 -26.74 3.02
N ASN D 520 16.75 -27.02 3.63
CA ASN D 520 15.86 -28.08 3.14
C ASN D 520 14.61 -27.52 2.46
N ASP D 521 14.59 -26.20 2.30
CA ASP D 521 13.48 -25.50 1.65
C ASP D 521 14.08 -24.32 0.92
N ILE D 522 14.97 -24.63 -0.02
CA ILE D 522 15.67 -23.64 -0.80
C ILE D 522 14.75 -22.81 -1.69
N ASN D 523 14.93 -21.49 -1.68
CA ASN D 523 14.15 -20.60 -2.54
C ASN D 523 14.78 -20.76 -3.91
N ASP D 524 13.97 -20.90 -4.95
CA ASP D 524 14.50 -21.09 -6.30
C ASP D 524 13.76 -20.26 -7.33
N TYR D 525 13.44 -19.02 -7.00
CA TYR D 525 12.70 -18.19 -7.94
C TYR D 525 13.53 -17.82 -9.16
N GLN D 526 12.95 -18.02 -10.33
CA GLN D 526 13.60 -17.71 -11.60
C GLN D 526 12.60 -17.13 -12.64
N GLY D 527 11.63 -16.36 -12.16
CA GLY D 527 10.65 -15.76 -13.04
C GLY D 527 9.39 -16.62 -13.09
N PRO D 528 8.31 -16.13 -13.71
CA PRO D 528 7.09 -16.94 -13.78
C PRO D 528 7.32 -18.40 -14.18
N GLY D 529 6.58 -19.29 -13.54
CA GLY D 529 6.73 -20.71 -13.81
C GLY D 529 7.70 -21.34 -12.82
N THR D 530 8.17 -20.54 -11.85
CA THR D 530 9.12 -21.03 -10.86
C THR D 530 8.90 -20.44 -9.47
N GLY D 531 9.76 -20.83 -8.54
CA GLY D 531 9.70 -20.35 -7.18
C GLY D 531 8.41 -20.66 -6.44
N TYR D 532 8.25 -20.01 -5.28
CA TYR D 532 7.09 -20.19 -4.44
C TYR D 532 5.81 -19.70 -5.08
N ARG D 533 4.75 -20.47 -4.89
CA ARG D 533 3.44 -20.15 -5.39
C ARG D 533 2.54 -20.86 -4.39
N ILE D 534 1.71 -20.08 -3.71
CA ILE D 534 0.83 -20.63 -2.69
C ILE D 534 0.22 -21.95 -3.12
N SER D 535 0.13 -22.88 -2.18
CA SER D 535 -0.45 -24.19 -2.48
C SER D 535 -1.98 -24.12 -2.40
N ALA D 536 -2.64 -25.03 -3.08
CA ALA D 536 -4.09 -25.07 -3.07
C ALA D 536 -4.66 -24.99 -1.66
N GLU D 537 -4.08 -25.78 -0.75
CA GLU D 537 -4.56 -25.79 0.62
C GLU D 537 -4.46 -24.41 1.25
N ARG D 538 -3.32 -23.75 1.08
CA ARG D 538 -3.09 -22.42 1.67
C ARG D 538 -3.97 -21.34 1.02
N TRP D 539 -4.21 -21.48 -0.28
CA TRP D 539 -5.05 -20.51 -0.99
C TRP D 539 -6.50 -20.63 -0.52
N ALA D 540 -6.94 -21.87 -0.23
CA ALA D 540 -8.29 -22.08 0.24
C ALA D 540 -8.45 -21.42 1.62
N GLU D 541 -7.45 -21.62 2.48
CA GLU D 541 -7.47 -21.05 3.82
C GLU D 541 -7.48 -19.52 3.77
N ILE D 542 -6.66 -18.96 2.89
CA ILE D 542 -6.58 -17.52 2.73
C ILE D 542 -7.91 -16.91 2.31
N LYS D 543 -8.55 -17.49 1.30
CA LYS D 543 -9.81 -16.93 0.83
C LYS D 543 -11.09 -17.31 1.58
N ASN D 544 -10.99 -18.31 2.45
CA ASN D 544 -12.13 -18.74 3.23
C ASN D 544 -12.15 -18.04 4.58
N ILE D 545 -12.45 -16.76 4.51
CA ILE D 545 -12.50 -15.92 5.68
C ILE D 545 -13.88 -15.98 6.32
N PRO D 546 -13.93 -16.11 7.65
CA PRO D 546 -15.23 -16.15 8.32
C PRO D 546 -16.06 -14.95 7.95
N GLY D 547 -17.33 -15.17 7.66
CA GLY D 547 -18.21 -14.08 7.30
C GLY D 547 -18.49 -13.93 5.82
N VAL D 548 -17.56 -14.38 4.99
CA VAL D 548 -17.76 -14.27 3.55
C VAL D 548 -19.05 -14.99 3.17
N VAL D 549 -19.99 -14.24 2.63
CA VAL D 549 -21.28 -14.79 2.24
C VAL D 549 -21.24 -15.55 0.93
N GLN D 550 -21.90 -16.69 0.92
CA GLN D 550 -21.99 -17.54 -0.26
C GLN D 550 -23.06 -16.84 -1.12
N PRO D 551 -22.73 -16.47 -2.36
CA PRO D 551 -23.58 -15.78 -3.33
C PRO D 551 -25.08 -16.08 -3.49
N ASP D 552 -25.45 -17.27 -3.93
CA ASP D 552 -26.86 -17.60 -4.17
C ASP D 552 -27.79 -17.57 -2.96
N THR D 553 -27.17 -17.62 -1.79
CA THR D 553 -27.89 -17.61 -0.55
C THR D 553 -28.12 -16.17 -0.11
N ILE D 554 -28.64 -15.36 -1.02
CA ILE D 554 -28.91 -13.95 -0.71
C ILE D 554 -30.19 -13.42 -1.36
N GLU D 555 -31.05 -12.84 -0.54
CA GLU D 555 -32.32 -12.29 -0.98
C GLU D 555 -32.76 -11.09 -0.13
N SER E 10 7.36 32.13 44.69
CA SER E 10 7.83 30.98 43.84
C SER E 10 9.23 31.18 43.27
N PHE E 11 10.05 30.15 43.39
CA PHE E 11 11.42 30.17 42.89
C PHE E 11 11.62 29.05 41.88
N THR E 12 12.88 28.77 41.56
CA THR E 12 13.21 27.70 40.62
C THR E 12 14.71 27.47 40.61
N LEU E 13 15.11 26.23 40.36
CA LEU E 13 16.52 25.87 40.37
C LEU E 13 17.31 26.42 39.21
N LYS E 14 18.51 26.88 39.52
CA LYS E 14 19.40 27.41 38.51
C LYS E 14 20.70 26.70 38.82
N THR E 15 21.03 25.72 37.98
CA THR E 15 22.25 24.94 38.13
C THR E 15 23.50 25.80 38.12
N ARG E 16 24.39 25.58 39.10
CA ARG E 16 25.64 26.31 39.15
C ARG E 16 26.81 25.33 39.21
N GLU E 17 27.56 25.31 38.11
CA GLU E 17 28.72 24.45 37.89
C GLU E 17 29.87 24.84 38.81
N GLY E 18 30.42 23.87 39.54
CA GLY E 18 31.51 24.22 40.43
C GLY E 18 32.46 23.16 40.97
N GLY E 19 33.36 22.70 40.12
CA GLY E 19 34.33 21.72 40.58
C GLY E 19 33.99 20.25 40.45
N VAL E 20 35.06 19.47 40.23
CA VAL E 20 34.96 18.03 40.05
C VAL E 20 34.20 17.34 41.17
N ALA E 21 33.30 16.45 40.79
CA ALA E 21 32.50 15.69 41.76
C ALA E 21 33.25 14.38 42.03
N SER E 22 33.36 14.02 43.30
CA SER E 22 34.07 12.80 43.65
C SER E 22 33.14 11.74 44.21
N ALA E 23 33.43 10.49 43.90
CA ALA E 23 32.60 9.41 44.42
C ALA E 23 32.59 9.62 45.93
N ASP E 24 31.54 9.17 46.58
CA ASP E 24 31.46 9.33 48.02
C ASP E 24 31.02 8.01 48.62
N GLU E 25 30.84 8.01 49.94
CA GLU E 25 30.36 6.82 50.62
C GLU E 25 29.42 7.30 51.74
N ARG E 26 28.77 8.43 51.48
CA ARG E 26 27.81 9.01 52.41
C ARG E 26 26.48 8.29 52.17
N ALA E 27 26.28 7.23 52.94
CA ALA E 27 25.10 6.39 52.86
C ALA E 27 23.78 7.06 52.46
N ASP E 28 23.41 8.15 53.13
CA ASP E 28 22.13 8.81 52.85
C ASP E 28 22.09 9.84 51.72
N GLU E 29 22.57 9.44 50.54
CA GLU E 29 22.55 10.32 49.39
C GLU E 29 22.18 9.58 48.10
N VAL E 30 21.60 10.31 47.15
CA VAL E 30 21.23 9.77 45.85
C VAL E 30 21.73 10.79 44.85
N VAL E 31 22.65 10.37 43.99
CA VAL E 31 23.23 11.25 42.98
C VAL E 31 22.32 11.37 41.77
N ILE E 32 22.24 12.57 41.20
CA ILE E 32 21.44 12.77 40.00
C ILE E 32 22.33 13.41 38.94
N GLY E 33 22.76 12.60 37.98
CA GLY E 33 23.62 13.12 36.93
C GLY E 33 22.81 13.60 35.75
N VAL E 34 23.05 14.85 35.35
CA VAL E 34 22.36 15.44 34.22
C VAL E 34 23.28 15.44 33.01
N GLY E 35 22.68 15.53 31.83
CA GLY E 35 23.46 15.52 30.59
C GLY E 35 24.37 16.71 30.42
N PRO E 36 25.36 16.62 29.51
CA PRO E 36 26.31 17.70 29.26
C PRO E 36 25.65 19.07 29.12
N ALA E 37 24.49 19.12 28.47
CA ALA E 37 23.81 20.39 28.27
C ALA E 37 22.60 20.65 29.15
N PHE E 38 22.31 19.74 30.08
CA PHE E 38 21.17 19.95 30.93
C PHE E 38 21.28 21.27 31.67
N ASP E 39 20.23 22.10 31.58
CA ASP E 39 20.16 23.40 32.25
C ASP E 39 21.42 24.26 32.11
N LYS E 40 21.89 24.40 30.88
CA LYS E 40 23.09 25.16 30.60
C LYS E 40 23.09 25.54 29.12
N HIS E 41 23.21 24.53 28.26
CA HIS E 41 23.20 24.76 26.82
C HIS E 41 21.80 24.54 26.26
N GLN E 42 20.97 23.84 27.03
CA GLN E 42 19.57 23.58 26.67
C GLN E 42 18.79 23.85 27.95
N HIS E 43 17.50 24.15 27.83
CA HIS E 43 16.73 24.47 29.04
C HIS E 43 15.36 23.83 29.18
N HIS E 44 14.83 23.33 28.07
CA HIS E 44 13.54 22.66 28.07
C HIS E 44 13.68 21.29 27.40
N THR E 45 12.72 20.40 27.67
CA THR E 45 12.73 19.06 27.07
C THR E 45 11.88 19.07 25.82
N LEU E 46 11.83 17.93 25.13
CA LEU E 46 11.08 17.77 23.89
C LEU E 46 9.70 18.39 23.94
N ILE E 47 9.08 18.39 25.11
CA ILE E 47 7.74 18.97 25.25
C ILE E 47 7.80 20.31 25.97
N ASP E 48 8.89 21.04 25.80
CA ASP E 48 9.05 22.35 26.42
C ASP E 48 8.81 22.36 27.94
N MET E 49 9.57 21.57 28.67
CA MET E 49 9.41 21.56 30.13
C MET E 49 10.73 22.10 30.67
N PRO E 50 10.67 23.13 31.52
CA PRO E 50 11.88 23.71 32.09
C PRO E 50 12.71 22.73 32.93
N HIS E 51 14.00 22.65 32.64
CA HIS E 51 14.90 21.76 33.37
C HIS E 51 14.92 22.03 34.87
N GLY E 52 14.69 23.27 35.26
CA GLY E 52 14.68 23.61 36.67
C GLY E 52 13.54 22.95 37.43
N ALA E 53 12.32 23.10 36.92
CA ALA E 53 11.13 22.53 37.57
C ALA E 53 11.25 21.03 37.74
N ILE E 54 11.90 20.38 36.78
CA ILE E 54 12.12 18.94 36.79
C ILE E 54 13.16 18.64 37.86
N LEU E 55 14.29 19.30 37.73
CA LEU E 55 15.39 19.13 38.65
C LEU E 55 14.94 19.44 40.07
N LYS E 56 13.88 20.22 40.19
CA LYS E 56 13.33 20.61 41.48
C LYS E 56 12.45 19.48 42.00
N GLU E 57 11.72 18.84 41.10
CA GLU E 57 10.86 17.73 41.48
C GLU E 57 11.65 16.48 41.86
N LEU E 58 12.75 16.21 41.16
CA LEU E 58 13.60 15.05 41.46
C LEU E 58 14.17 15.14 42.87
N ILE E 59 14.78 16.29 43.16
CA ILE E 59 15.36 16.58 44.46
C ILE E 59 14.30 16.47 45.56
N ALA E 60 13.17 17.12 45.34
CA ALA E 60 12.07 17.09 46.30
C ALA E 60 11.69 15.65 46.62
N GLY E 61 11.62 14.81 45.57
CA GLY E 61 11.25 13.42 45.76
C GLY E 61 12.18 12.72 46.72
N VAL E 62 13.48 12.93 46.53
CA VAL E 62 14.50 12.33 47.38
C VAL E 62 14.35 12.84 48.81
N GLU E 63 14.37 14.15 48.98
CA GLU E 63 14.22 14.79 50.28
C GLU E 63 13.05 14.17 51.04
N GLU E 64 11.90 14.11 50.37
CA GLU E 64 10.69 13.56 50.96
C GLU E 64 10.90 12.26 51.70
N GLU E 65 11.91 11.48 51.27
CA GLU E 65 12.17 10.21 51.90
C GLU E 65 13.25 10.32 52.97
N GLY E 66 13.75 11.53 53.16
CA GLY E 66 14.77 11.76 54.17
C GLY E 66 16.20 11.85 53.66
N LEU E 67 16.48 11.27 52.51
CA LEU E 67 17.84 11.30 51.98
C LEU E 67 18.23 12.63 51.37
N HIS E 68 19.52 12.77 51.08
CA HIS E 68 20.04 14.00 50.49
C HIS E 68 20.36 13.79 49.03
N ALA E 69 19.98 14.76 48.21
CA ALA E 69 20.19 14.70 46.78
C ALA E 69 21.40 15.52 46.36
N ARG E 70 22.30 14.91 45.60
CA ARG E 70 23.50 15.57 45.15
C ARG E 70 23.53 15.65 43.62
N VAL E 71 23.30 16.83 43.07
CA VAL E 71 23.28 17.00 41.62
C VAL E 71 24.69 17.14 41.04
N VAL E 72 24.91 16.46 39.93
CA VAL E 72 26.19 16.47 39.25
C VAL E 72 25.91 16.60 37.76
N ARG E 73 26.94 16.76 36.95
CA ARG E 73 26.77 16.87 35.51
C ARG E 73 27.73 15.92 34.80
N ILE E 74 27.17 14.90 34.15
CA ILE E 74 28.02 13.96 33.45
C ILE E 74 28.44 14.57 32.13
N LEU E 75 29.74 14.69 31.91
CA LEU E 75 30.27 15.26 30.67
C LEU E 75 30.93 14.22 29.78
N ARG E 76 31.22 13.06 30.35
CA ARG E 76 31.87 11.97 29.63
C ARG E 76 30.97 11.37 28.55
N THR E 77 29.66 11.45 28.73
CA THR E 77 28.77 10.81 27.76
C THR E 77 27.39 11.48 27.70
N SER E 78 26.64 11.19 26.64
CA SER E 78 25.31 11.72 26.45
C SER E 78 24.28 10.60 26.39
N ASP E 79 24.69 9.41 26.84
CA ASP E 79 23.82 8.23 26.86
C ASP E 79 23.27 8.22 28.28
N VAL E 80 21.95 8.31 28.42
CA VAL E 80 21.37 8.35 29.74
C VAL E 80 21.67 7.11 30.57
N SER E 81 21.94 6.01 29.90
CA SER E 81 22.27 4.78 30.60
C SER E 81 23.57 4.94 31.35
N PHE E 82 24.63 5.27 30.62
CA PHE E 82 25.94 5.47 31.24
C PHE E 82 25.91 6.65 32.20
N MET E 83 25.10 7.65 31.87
CA MET E 83 24.97 8.82 32.73
C MET E 83 24.45 8.36 34.09
N ALA E 84 23.32 7.65 34.09
CA ALA E 84 22.71 7.16 35.32
C ALA E 84 23.64 6.17 36.03
N TRP E 85 24.44 5.46 35.24
CA TRP E 85 25.37 4.49 35.79
C TRP E 85 26.47 5.26 36.53
N ASP E 86 26.92 6.36 35.94
CA ASP E 86 27.94 7.16 36.58
C ASP E 86 27.42 7.75 37.88
N ALA E 87 26.14 8.12 37.91
CA ALA E 87 25.55 8.68 39.11
C ALA E 87 25.53 7.64 40.22
N ALA E 88 25.21 6.41 39.85
CA ALA E 88 25.14 5.32 40.83
C ALA E 88 26.52 4.91 41.37
N ASN E 89 27.54 4.94 40.51
CA ASN E 89 28.90 4.58 40.93
C ASN E 89 29.58 5.79 41.56
N LEU E 90 28.78 6.74 41.98
CA LEU E 90 29.27 7.98 42.56
C LEU E 90 28.45 8.20 43.84
N SER E 91 27.29 7.54 43.89
CA SER E 91 26.40 7.65 45.02
C SER E 91 26.81 6.74 46.17
N GLY E 92 27.04 7.32 47.33
CA GLY E 92 27.42 6.55 48.50
C GLY E 92 26.33 5.57 48.86
N SER E 93 25.18 5.67 48.20
CA SER E 93 24.09 4.76 48.46
C SER E 93 23.97 3.79 47.30
N GLY E 94 24.87 3.92 46.33
CA GLY E 94 24.86 3.05 45.18
C GLY E 94 23.70 3.25 44.23
N ILE E 95 22.77 4.13 44.59
CA ILE E 95 21.62 4.41 43.72
C ILE E 95 21.77 5.79 43.10
N GLY E 96 21.59 5.86 41.79
CA GLY E 96 21.72 7.14 41.10
C GLY E 96 20.63 7.38 40.06
N ILE E 97 20.65 8.56 39.46
CA ILE E 97 19.65 8.89 38.45
C ILE E 97 20.32 9.65 37.30
N GLY E 98 19.97 9.28 36.07
CA GLY E 98 20.55 9.96 34.93
C GLY E 98 19.43 10.56 34.10
N ILE E 99 19.61 11.78 33.61
CA ILE E 99 18.57 12.41 32.80
C ILE E 99 19.14 13.28 31.67
N GLN E 100 18.64 13.06 30.46
CA GLN E 100 19.10 13.83 29.32
C GLN E 100 18.34 15.15 29.29
N SER E 101 18.76 16.10 28.46
CA SER E 101 18.05 17.38 28.39
C SER E 101 16.67 17.19 27.76
N LYS E 102 16.53 16.22 26.86
CA LYS E 102 15.25 15.98 26.21
C LYS E 102 14.25 15.33 27.16
N GLY E 103 14.73 14.86 28.31
CA GLY E 103 13.83 14.27 29.28
C GLY E 103 14.02 12.82 29.70
N THR E 104 14.61 12.02 28.83
CA THR E 104 14.82 10.60 29.11
C THR E 104 15.48 10.41 30.47
N THR E 105 14.85 9.59 31.30
CA THR E 105 15.35 9.37 32.66
C THR E 105 15.52 7.90 33.02
N VAL E 106 16.45 7.64 33.93
CA VAL E 106 16.77 6.30 34.36
C VAL E 106 17.16 6.28 35.83
N ILE E 107 16.83 5.19 36.51
CA ILE E 107 17.20 5.00 37.92
C ILE E 107 18.12 3.78 37.84
N HIS E 108 19.37 3.96 38.24
CA HIS E 108 20.31 2.88 38.15
C HIS E 108 20.87 2.46 39.50
N GLN E 109 21.68 1.41 39.48
CA GLN E 109 22.31 0.89 40.68
C GLN E 109 23.74 0.54 40.25
N ARG E 110 24.71 0.65 41.13
CA ARG E 110 26.11 0.50 40.72
C ARG E 110 26.58 -0.91 40.27
N ASP E 111 25.95 -2.00 40.68
CA ASP E 111 26.48 -3.32 40.33
C ASP E 111 25.69 -3.94 39.18
N LEU E 112 24.68 -3.22 38.70
CA LEU E 112 24.01 -3.62 37.48
C LEU E 112 24.96 -3.30 36.32
N LEU E 113 24.69 -3.86 35.15
CA LEU E 113 25.50 -3.58 33.96
C LEU E 113 25.01 -2.26 33.40
N PRO E 114 25.86 -1.52 32.69
CA PRO E 114 25.50 -0.22 32.11
C PRO E 114 24.14 -0.12 31.41
N LEU E 115 23.93 -1.00 30.42
CA LEU E 115 22.69 -0.99 29.65
C LEU E 115 21.47 -1.63 30.33
N SER E 116 21.60 -1.94 31.62
CA SER E 116 20.48 -2.49 32.37
C SER E 116 20.10 -1.40 33.38
N ASN E 117 19.11 -1.62 34.23
CA ASN E 117 18.69 -0.60 35.20
C ASN E 117 17.68 -1.13 36.21
N LEU E 118 17.19 -0.22 37.04
CA LEU E 118 16.20 -0.54 38.06
C LEU E 118 14.85 -0.11 37.52
N GLU E 119 14.85 1.07 36.89
CA GLU E 119 13.65 1.66 36.28
C GLU E 119 14.07 2.52 35.10
N LEU E 120 13.21 2.60 34.09
CA LEU E 120 13.49 3.37 32.89
C LEU E 120 12.27 4.13 32.40
N PHE E 121 12.50 5.31 31.85
CA PHE E 121 11.40 6.14 31.35
C PHE E 121 11.81 6.54 29.95
N SER E 122 11.71 5.56 29.07
CA SER E 122 12.10 5.63 27.67
C SER E 122 11.25 6.43 26.69
N GLN E 123 10.19 7.07 27.18
CA GLN E 123 9.34 7.87 26.29
C GLN E 123 9.16 9.23 26.94
N ALA E 124 10.24 10.00 26.92
CA ALA E 124 10.28 11.32 27.54
C ALA E 124 9.01 12.18 27.45
N PRO E 125 8.49 12.39 26.23
CA PRO E 125 7.29 13.21 26.01
C PRO E 125 6.10 12.93 26.93
N LEU E 126 6.13 11.80 27.62
CA LEU E 126 5.01 11.43 28.49
C LEU E 126 5.24 11.80 29.95
N LEU E 127 6.48 12.09 30.31
CA LEU E 127 6.78 12.42 31.69
C LEU E 127 6.21 13.74 32.18
N THR E 128 5.65 13.72 33.39
CA THR E 128 5.06 14.88 34.04
C THR E 128 5.81 15.14 35.36
N LEU E 129 5.77 16.37 35.85
CA LEU E 129 6.47 16.74 37.09
C LEU E 129 6.09 15.82 38.23
N GLU E 130 4.87 15.32 38.16
CA GLU E 130 4.35 14.40 39.15
C GLU E 130 5.19 13.11 39.09
N THR E 131 5.45 12.65 37.87
CA THR E 131 6.25 11.45 37.63
C THR E 131 7.70 11.64 38.10
N TYR E 132 8.27 12.79 37.77
CA TYR E 132 9.64 13.10 38.17
C TYR E 132 9.76 13.08 39.68
N ARG E 133 8.71 13.52 40.34
CA ARG E 133 8.64 13.54 41.79
C ARG E 133 8.70 12.11 42.30
N GLN E 134 7.83 11.29 41.74
CA GLN E 134 7.73 9.88 42.09
C GLN E 134 9.03 9.14 41.78
N ILE E 135 9.77 9.63 40.79
CA ILE E 135 11.02 9.00 40.45
C ILE E 135 12.03 9.28 41.54
N GLY E 136 11.92 10.47 42.14
CA GLY E 136 12.83 10.84 43.21
C GLY E 136 12.56 10.05 44.47
N LYS E 137 11.29 9.77 44.74
CA LYS E 137 10.89 9.01 45.92
C LYS E 137 11.43 7.59 45.84
N ASN E 138 11.10 6.93 44.72
CA ASN E 138 11.55 5.56 44.47
C ASN E 138 13.06 5.44 44.57
N ALA E 139 13.77 6.37 43.93
CA ALA E 139 15.24 6.35 43.95
C ALA E 139 15.77 6.32 45.37
N ALA E 140 15.15 7.10 46.25
CA ALA E 140 15.60 7.16 47.63
C ALA E 140 15.19 5.89 48.35
N ARG E 141 14.01 5.39 48.02
CA ARG E 141 13.54 4.17 48.66
C ARG E 141 14.50 3.03 48.31
N TYR E 142 15.12 3.11 47.13
CA TYR E 142 16.07 2.10 46.70
C TYR E 142 17.36 2.27 47.51
N ALA E 143 17.74 3.52 47.74
CA ALA E 143 18.95 3.85 48.49
C ALA E 143 18.88 3.36 49.93
N ARG E 144 17.66 3.21 50.44
CA ARG E 144 17.45 2.72 51.79
C ARG E 144 17.25 1.20 51.74
N LYS E 145 17.67 0.60 50.65
CA LYS E 145 17.55 -0.84 50.43
C LYS E 145 16.12 -1.37 50.56
N GLU E 146 15.16 -0.61 50.05
CA GLU E 146 13.75 -1.01 50.08
C GLU E 146 13.33 -1.49 48.71
N SER E 147 12.12 -2.02 48.63
CA SER E 147 11.56 -2.52 47.36
C SER E 147 10.27 -1.79 47.02
N PRO E 148 10.39 -0.54 46.55
CA PRO E 148 9.22 0.27 46.19
C PRO E 148 8.61 -0.20 44.88
N SER E 149 7.28 -0.23 44.82
CA SER E 149 6.61 -0.62 43.60
C SER E 149 7.08 0.37 42.55
N PRO E 150 7.68 -0.11 41.45
CA PRO E 150 8.16 0.75 40.37
C PRO E 150 7.11 1.74 39.91
N VAL E 151 7.55 2.86 39.35
CA VAL E 151 6.59 3.83 38.85
C VAL E 151 5.86 3.15 37.71
N PRO E 152 4.53 3.28 37.66
CA PRO E 152 3.79 2.63 36.57
C PRO E 152 4.28 3.10 35.20
N VAL E 153 4.79 2.17 34.41
CA VAL E 153 5.30 2.50 33.08
C VAL E 153 4.15 2.97 32.20
N VAL E 154 4.41 3.93 31.34
CA VAL E 154 3.39 4.46 30.42
C VAL E 154 3.89 4.30 29.00
N ASN E 155 2.97 4.22 28.04
CA ASN E 155 3.37 4.02 26.65
C ASN E 155 2.35 4.49 25.62
N ASP E 156 2.81 5.27 24.65
CA ASP E 156 1.96 5.79 23.58
C ASP E 156 2.59 5.42 22.23
N GLN E 157 1.87 4.66 21.41
CA GLN E 157 2.42 4.24 20.14
C GLN E 157 2.58 5.30 19.05
N MET E 158 2.30 6.56 19.38
CA MET E 158 2.46 7.63 18.40
C MET E 158 3.56 8.61 18.81
N VAL E 159 4.14 8.41 19.99
CA VAL E 159 5.20 9.31 20.43
C VAL E 159 6.40 9.24 19.49
N ARG E 160 6.79 8.02 19.10
CA ARG E 160 7.91 7.86 18.19
C ARG E 160 7.62 8.65 16.92
N PRO E 161 6.47 8.38 16.26
CA PRO E 161 6.12 9.09 15.03
C PRO E 161 6.17 10.62 15.22
N LYS E 162 5.65 11.09 16.36
CA LYS E 162 5.63 12.51 16.68
C LYS E 162 6.99 13.10 17.07
N PHE E 163 7.69 12.43 17.97
CA PHE E 163 8.95 12.94 18.48
C PHE E 163 10.29 12.30 18.17
N MET E 164 10.34 11.12 17.56
CA MET E 164 11.65 10.53 17.32
C MET E 164 12.62 11.38 16.49
N ALA E 165 12.12 12.03 15.45
CA ALA E 165 12.96 12.88 14.62
C ALA E 165 13.45 14.07 15.47
N LYS E 166 12.57 14.61 16.30
CA LYS E 166 12.93 15.73 17.16
C LYS E 166 13.94 15.28 18.22
N ALA E 167 13.61 14.20 18.94
CA ALA E 167 14.49 13.68 19.98
C ALA E 167 15.90 13.57 19.45
N ALA E 168 16.05 13.14 18.20
CA ALA E 168 17.36 13.00 17.58
C ALA E 168 18.10 14.33 17.56
N LEU E 169 17.43 15.39 17.12
CA LEU E 169 18.06 16.70 17.07
C LEU E 169 18.53 17.12 18.46
N PHE E 170 17.65 17.03 19.45
CA PHE E 170 17.99 17.38 20.83
C PHE E 170 19.23 16.65 21.30
N HIS E 171 19.32 15.38 20.93
CA HIS E 171 20.45 14.54 21.33
C HIS E 171 21.70 14.97 20.57
N ILE E 172 21.51 15.52 19.37
CA ILE E 172 22.64 15.97 18.58
C ILE E 172 23.24 17.20 19.25
N LYS E 173 22.39 18.10 19.74
CA LYS E 173 22.87 19.29 20.41
C LYS E 173 23.52 18.96 21.73
N GLU E 174 22.87 18.12 22.53
CA GLU E 174 23.45 17.75 23.81
C GLU E 174 24.78 17.02 23.61
N THR E 175 24.83 16.11 22.65
CA THR E 175 26.03 15.34 22.37
C THR E 175 27.21 16.18 21.91
N LYS E 176 26.95 17.41 21.45
CA LYS E 176 28.05 18.24 21.01
C LYS E 176 28.86 18.73 22.21
N HIS E 177 28.23 18.72 23.39
CA HIS E 177 28.88 19.17 24.62
C HIS E 177 29.53 18.07 25.45
N VAL E 178 29.75 16.92 24.84
CA VAL E 178 30.39 15.82 25.56
C VAL E 178 31.88 16.06 25.49
N VAL E 179 32.57 15.75 26.58
CA VAL E 179 34.00 15.92 26.64
C VAL E 179 34.76 14.64 26.98
N GLN E 180 35.43 14.11 25.95
CA GLN E 180 36.25 12.92 26.00
C GLN E 180 36.14 12.05 27.23
N ASP E 181 37.09 12.17 28.14
CA ASP E 181 37.11 11.39 29.38
C ASP E 181 37.04 12.34 30.55
N ALA E 182 36.26 13.39 30.37
CA ALA E 182 36.09 14.43 31.36
C ALA E 182 35.39 13.94 32.62
N GLU E 183 35.90 14.36 33.77
CA GLU E 183 35.31 13.96 35.04
C GLU E 183 34.00 14.70 35.26
N PRO E 184 33.05 14.07 35.96
CA PRO E 184 31.77 14.73 36.21
C PRO E 184 31.98 16.02 36.99
N VAL E 185 31.08 16.96 36.83
CA VAL E 185 31.19 18.22 37.53
C VAL E 185 30.07 18.38 38.55
N THR E 186 30.43 18.76 39.78
CA THR E 186 29.44 18.96 40.83
C THR E 186 28.58 20.19 40.51
N LEU E 187 27.29 20.08 40.77
CA LEU E 187 26.38 21.18 40.49
C LEU E 187 25.75 21.69 41.78
N HIS E 188 25.82 23.01 41.96
CA HIS E 188 25.24 23.63 43.15
C HIS E 188 23.82 24.06 42.81
N ILE E 189 22.92 23.90 43.77
CA ILE E 189 21.53 24.25 43.53
C ILE E 189 21.15 25.62 44.06
N ASP E 190 21.08 26.59 43.14
CA ASP E 190 20.71 27.97 43.44
C ASP E 190 19.21 28.15 43.29
N LEU E 191 18.58 28.71 44.31
CA LEU E 191 17.14 28.95 44.30
C LEU E 191 16.95 30.40 43.90
N VAL E 192 16.36 30.64 42.74
CA VAL E 192 16.14 32.00 42.24
C VAL E 192 14.69 32.27 41.85
N ARG E 193 14.46 33.41 41.22
CA ARG E 193 13.10 33.80 40.79
C ARG E 193 12.91 33.71 39.27
N TYR F 11 18.31 -32.49 5.06
CA TYR F 11 19.55 -32.44 5.88
C TYR F 11 19.27 -32.62 7.37
N PRO F 12 18.05 -32.32 7.84
CA PRO F 12 17.81 -32.50 9.27
C PRO F 12 18.51 -33.73 9.84
N LEU F 13 19.43 -33.49 10.78
CA LEU F 13 20.18 -34.56 11.41
C LEU F 13 19.25 -35.29 12.36
N ALA F 14 18.20 -34.61 12.81
CA ALA F 14 17.25 -35.22 13.72
C ALA F 14 16.63 -36.44 13.02
N THR F 15 16.39 -36.30 11.72
CA THR F 15 15.80 -37.37 10.92
C THR F 15 16.88 -38.18 10.16
N ARG F 16 17.91 -38.63 10.88
CA ARG F 16 18.99 -39.42 10.28
C ARG F 16 19.76 -40.15 11.39
N CYS F 17 19.25 -41.32 11.77
CA CYS F 17 19.83 -42.14 12.83
C CYS F 17 20.12 -41.30 14.08
N PRO F 18 19.06 -40.85 14.77
CA PRO F 18 19.06 -40.05 15.99
C PRO F 18 19.83 -40.75 17.11
N GLU F 19 20.25 -41.98 16.84
CA GLU F 19 21.02 -42.77 17.79
C GLU F 19 22.41 -42.18 17.91
N HIS F 20 22.87 -41.58 16.82
CA HIS F 20 24.20 -40.98 16.74
C HIS F 20 24.35 -39.62 17.42
N ILE F 21 23.33 -38.77 17.31
CA ILE F 21 23.42 -37.43 17.89
C ILE F 21 23.51 -37.51 19.40
N LEU F 22 24.57 -36.92 19.92
CA LEU F 22 24.83 -36.95 21.35
C LEU F 22 24.90 -35.56 22.01
N THR F 23 24.59 -35.54 23.30
CA THR F 23 24.67 -34.33 24.10
C THR F 23 26.14 -34.32 24.52
N PRO F 24 26.66 -33.19 25.01
CA PRO F 24 28.07 -33.18 25.40
C PRO F 24 28.33 -34.25 26.47
N THR F 25 27.32 -34.50 27.29
CA THR F 25 27.41 -35.48 28.38
C THR F 25 27.45 -36.93 27.90
N GLY F 26 27.31 -37.16 26.60
CA GLY F 26 27.35 -38.52 26.07
C GLY F 26 25.99 -39.20 25.89
N LYS F 27 24.94 -38.64 26.49
CA LYS F 27 23.61 -39.21 26.38
C LYS F 27 23.10 -39.03 24.95
N PRO F 28 22.40 -40.04 24.41
CA PRO F 28 21.88 -39.92 23.05
C PRO F 28 20.63 -39.05 22.98
N LEU F 29 20.41 -38.40 21.84
CA LEU F 29 19.24 -37.56 21.67
C LEU F 29 17.98 -38.34 22.02
N THR F 30 18.02 -39.64 21.74
CA THR F 30 16.88 -40.49 22.01
C THR F 30 16.61 -40.70 23.49
N ASP F 31 17.48 -40.19 24.34
CA ASP F 31 17.30 -40.32 25.78
C ASP F 31 16.64 -39.10 26.39
N ILE F 32 16.60 -38.01 25.64
CA ILE F 32 15.97 -36.79 26.14
C ILE F 32 14.45 -36.95 26.06
N THR F 33 13.91 -37.84 26.88
CA THR F 33 12.47 -38.10 26.89
C THR F 33 11.82 -37.38 28.04
N LEU F 34 10.51 -37.19 27.92
CA LEU F 34 9.77 -36.50 28.95
C LEU F 34 9.86 -37.20 30.30
N GLU F 35 9.82 -38.53 30.29
CA GLU F 35 9.89 -39.27 31.55
C GLU F 35 11.26 -39.35 32.20
N LYS F 36 12.32 -39.23 31.39
CA LYS F 36 13.67 -39.27 31.98
C LYS F 36 14.05 -37.90 32.52
N VAL F 37 13.27 -36.89 32.17
CA VAL F 37 13.50 -35.55 32.69
C VAL F 37 12.76 -35.55 34.01
N LEU F 38 11.61 -36.22 34.03
CA LEU F 38 10.79 -36.35 35.24
C LEU F 38 11.49 -37.23 36.26
N SER F 39 12.04 -38.35 35.79
CA SER F 39 12.74 -39.29 36.65
C SER F 39 14.08 -38.71 37.10
N GLY F 40 14.28 -37.42 36.84
CA GLY F 40 15.50 -36.77 37.24
C GLY F 40 16.76 -37.22 36.53
N GLU F 41 16.65 -38.24 35.69
CA GLU F 41 17.80 -38.74 34.95
C GLU F 41 18.44 -37.61 34.14
N VAL F 42 17.76 -37.17 33.08
CA VAL F 42 18.27 -36.09 32.23
C VAL F 42 18.22 -34.75 32.98
N GLY F 43 19.31 -33.99 32.89
CA GLY F 43 19.37 -32.72 33.56
C GLY F 43 19.76 -31.55 32.68
N PRO F 44 19.75 -30.33 33.22
CA PRO F 44 20.11 -29.09 32.52
C PRO F 44 21.42 -29.12 31.76
N GLN F 45 22.40 -29.87 32.24
CA GLN F 45 23.69 -29.93 31.56
C GLN F 45 23.63 -30.82 30.32
N ASP F 46 22.51 -31.52 30.15
CA ASP F 46 22.36 -32.44 29.03
C ASP F 46 21.76 -31.86 27.77
N VAL F 47 20.76 -31.00 27.92
CA VAL F 47 20.12 -30.41 26.75
C VAL F 47 21.02 -29.34 26.16
N ARG F 48 22.09 -29.79 25.51
CA ARG F 48 23.06 -28.91 24.89
C ARG F 48 23.58 -29.55 23.61
N ILE F 49 24.46 -28.84 22.91
CA ILE F 49 24.99 -29.36 21.67
C ILE F 49 26.45 -29.78 21.81
N SER F 50 26.81 -30.84 21.11
CA SER F 50 28.18 -31.36 21.15
C SER F 50 29.00 -30.80 20.00
N ARG F 51 30.32 -30.78 20.17
CA ARG F 51 31.19 -30.27 19.12
C ARG F 51 31.09 -31.11 17.86
N GLN F 52 30.60 -32.33 18.00
CA GLN F 52 30.44 -33.22 16.86
C GLN F 52 29.28 -32.70 16.02
N THR F 53 28.18 -32.37 16.68
CA THR F 53 27.01 -31.85 16.00
C THR F 53 27.30 -30.50 15.33
N LEU F 54 28.00 -29.62 16.04
CA LEU F 54 28.32 -28.34 15.44
C LEU F 54 29.21 -28.52 14.21
N GLU F 55 30.09 -29.49 14.25
CA GLU F 55 30.98 -29.74 13.13
C GLU F 55 30.17 -30.21 11.92
N TYR F 56 29.08 -30.92 12.18
CA TYR F 56 28.23 -31.39 11.09
C TYR F 56 27.48 -30.23 10.43
N GLN F 57 26.96 -29.30 11.23
CA GLN F 57 26.24 -28.14 10.70
C GLN F 57 27.25 -27.24 9.98
N ALA F 58 28.48 -27.26 10.47
CA ALA F 58 29.56 -26.48 9.88
C ALA F 58 29.76 -26.94 8.43
N GLN F 59 29.75 -28.25 8.25
CA GLN F 59 29.90 -28.89 6.95
C GLN F 59 28.71 -28.56 6.06
N ILE F 60 27.51 -28.70 6.63
CA ILE F 60 26.27 -28.37 5.94
C ILE F 60 26.37 -26.95 5.36
N ALA F 61 26.65 -25.99 6.22
CA ALA F 61 26.76 -24.60 5.80
C ALA F 61 27.78 -24.36 4.68
N GLU F 62 29.00 -24.86 4.85
CA GLU F 62 30.05 -24.69 3.84
C GLU F 62 29.61 -25.18 2.47
N GLN F 63 28.85 -26.28 2.45
CA GLN F 63 28.39 -26.85 1.20
C GLN F 63 27.31 -25.97 0.59
N MET F 64 26.83 -25.03 1.40
CA MET F 64 25.80 -24.09 0.99
C MET F 64 26.48 -22.77 0.66
N GLN F 65 27.81 -22.81 0.58
CA GLN F 65 28.64 -21.66 0.26
C GLN F 65 28.60 -20.59 1.34
N ARG F 66 28.06 -20.94 2.49
CA ARG F 66 27.97 -20.03 3.62
C ARG F 66 29.04 -20.41 4.64
N HIS F 67 30.30 -20.26 4.19
CA HIS F 67 31.49 -20.55 4.97
C HIS F 67 31.64 -19.73 6.24
N ALA F 68 31.30 -18.45 6.16
CA ALA F 68 31.40 -17.56 7.32
C ALA F 68 30.59 -18.14 8.48
N VAL F 69 29.44 -18.71 8.16
CA VAL F 69 28.60 -19.30 9.20
C VAL F 69 29.30 -20.53 9.75
N ALA F 70 29.87 -21.33 8.85
CA ALA F 70 30.57 -22.54 9.25
C ALA F 70 31.72 -22.22 10.19
N ARG F 71 32.40 -21.12 9.91
CA ARG F 71 33.52 -20.68 10.75
C ARG F 71 33.00 -20.41 12.16
N ASN F 72 31.85 -19.74 12.24
CA ASN F 72 31.25 -19.40 13.52
C ASN F 72 30.89 -20.66 14.32
N PHE F 73 30.36 -21.66 13.62
CA PHE F 73 29.97 -22.91 14.27
C PHE F 73 31.16 -23.66 14.86
N ARG F 74 32.30 -23.62 14.18
CA ARG F 74 33.45 -24.32 14.73
C ARG F 74 34.17 -23.49 15.78
N ARG F 75 33.88 -22.19 15.79
CA ARG F 75 34.47 -21.31 16.79
C ARG F 75 33.63 -21.52 18.06
N ALA F 76 32.36 -21.84 17.86
CA ALA F 76 31.42 -22.09 18.95
C ALA F 76 31.68 -23.47 19.55
N ALA F 77 32.14 -24.38 18.71
CA ALA F 77 32.45 -25.74 19.16
C ALA F 77 33.50 -25.74 20.25
N GLU F 78 34.53 -24.91 20.08
CA GLU F 78 35.60 -24.84 21.06
C GLU F 78 35.16 -24.32 22.41
N LEU F 79 33.97 -23.73 22.48
CA LEU F 79 33.49 -23.15 23.73
C LEU F 79 32.55 -24.02 24.53
N ILE F 80 32.11 -25.14 23.98
CA ILE F 80 31.15 -26.00 24.67
C ILE F 80 31.51 -26.45 26.09
N ALA F 81 32.78 -26.73 26.33
CA ALA F 81 33.20 -27.20 27.64
C ALA F 81 33.39 -26.11 28.69
N ILE F 82 33.56 -24.89 28.24
CA ILE F 82 33.73 -23.77 29.16
C ILE F 82 32.40 -23.54 29.89
N PRO F 83 32.46 -23.35 31.20
CA PRO F 83 31.25 -23.12 32.00
C PRO F 83 30.48 -21.87 31.58
N ASP F 84 29.17 -21.88 31.81
CA ASP F 84 28.28 -20.74 31.46
C ASP F 84 28.78 -19.41 32.05
N GLU F 85 29.11 -19.48 33.34
CA GLU F 85 29.58 -18.33 34.11
C GLU F 85 30.85 -17.76 33.52
N ARG F 86 31.67 -18.64 32.93
CA ARG F 86 32.93 -18.19 32.35
C ARG F 86 32.72 -17.64 30.94
N ILE F 87 31.64 -18.05 30.29
CA ILE F 87 31.34 -17.53 28.96
C ILE F 87 30.90 -16.09 29.20
N LEU F 88 29.98 -15.91 30.13
CA LEU F 88 29.51 -14.57 30.47
C LEU F 88 30.67 -13.65 30.83
N ALA F 89 31.65 -14.16 31.58
CA ALA F 89 32.79 -13.35 32.00
C ALA F 89 33.66 -12.93 30.82
N ILE F 90 34.00 -13.88 29.95
CA ILE F 90 34.82 -13.55 28.79
C ILE F 90 34.08 -12.60 27.88
N TYR F 91 32.77 -12.78 27.73
CA TYR F 91 32.04 -11.86 26.88
C TYR F 91 32.10 -10.47 27.48
N ASN F 92 31.69 -10.36 28.74
CA ASN F 92 31.70 -9.06 29.40
C ASN F 92 33.10 -8.45 29.43
N ALA F 93 34.14 -9.28 29.33
CA ALA F 93 35.52 -8.80 29.36
C ALA F 93 35.97 -8.25 28.01
N LEU F 94 35.25 -8.63 26.95
CA LEU F 94 35.55 -8.16 25.60
C LEU F 94 34.79 -6.88 25.33
N ARG F 95 33.86 -6.54 26.22
CA ARG F 95 33.08 -5.32 26.07
C ARG F 95 33.96 -4.10 26.28
N PRO F 96 33.61 -2.98 25.61
CA PRO F 96 34.35 -1.73 25.69
C PRO F 96 34.87 -1.30 27.05
N PHE F 97 36.18 -1.08 27.14
CA PHE F 97 36.82 -0.58 28.36
C PHE F 97 36.85 -1.46 29.60
N ARG F 98 36.40 -2.70 29.48
CA ARG F 98 36.41 -3.57 30.65
C ARG F 98 37.80 -4.14 30.95
N SER F 99 38.59 -4.39 29.91
CA SER F 99 39.90 -5.01 30.10
C SER F 99 41.15 -4.28 29.63
N SER F 100 42.28 -4.74 30.17
CA SER F 100 43.60 -4.23 29.85
C SER F 100 44.14 -5.25 28.83
N GLN F 101 45.16 -4.88 28.08
CA GLN F 101 45.71 -5.81 27.09
C GLN F 101 46.24 -7.08 27.76
N ALA F 102 46.85 -6.94 28.92
CA ALA F 102 47.40 -8.08 29.63
C ALA F 102 46.29 -9.05 30.02
N GLU F 103 45.16 -8.49 30.43
CA GLU F 103 44.02 -9.30 30.82
C GLU F 103 43.44 -10.09 29.65
N LEU F 104 43.27 -9.44 28.51
CA LEU F 104 42.73 -10.14 27.36
C LEU F 104 43.71 -11.25 26.99
N LEU F 105 45.00 -10.90 26.93
CA LEU F 105 46.02 -11.87 26.58
C LEU F 105 46.02 -13.06 27.53
N ALA F 106 45.73 -12.82 28.80
CA ALA F 106 45.69 -13.91 29.78
C ALA F 106 44.52 -14.83 29.48
N ILE F 107 43.44 -14.24 28.97
CA ILE F 107 42.26 -14.99 28.61
C ILE F 107 42.62 -15.83 27.39
N ALA F 108 43.39 -15.24 26.49
CA ALA F 108 43.85 -15.93 25.29
C ALA F 108 44.59 -17.17 25.77
N ASP F 109 45.47 -16.97 26.75
CA ASP F 109 46.26 -18.08 27.30
C ASP F 109 45.37 -19.17 27.84
N GLU F 110 44.38 -18.79 28.64
CA GLU F 110 43.46 -19.75 29.22
C GLU F 110 42.69 -20.52 28.15
N LEU F 111 42.25 -19.81 27.12
CA LEU F 111 41.51 -20.45 26.04
C LEU F 111 42.34 -21.45 25.25
N GLU F 112 43.59 -21.07 24.95
CA GLU F 112 44.45 -21.93 24.18
C GLU F 112 44.94 -23.19 24.87
N HIS F 113 45.48 -23.03 26.07
CA HIS F 113 46.04 -24.16 26.82
C HIS F 113 45.11 -24.87 27.82
N THR F 114 44.11 -24.17 28.32
CA THR F 114 43.20 -24.79 29.27
C THR F 114 41.96 -25.38 28.59
N TRP F 115 41.53 -24.76 27.51
CA TRP F 115 40.33 -25.23 26.79
C TRP F 115 40.64 -25.75 25.40
N HIS F 116 41.84 -25.46 24.92
CA HIS F 116 42.27 -25.87 23.59
C HIS F 116 41.43 -25.21 22.49
N ALA F 117 40.83 -24.08 22.85
CA ALA F 117 40.02 -23.32 21.93
C ALA F 117 40.98 -22.50 21.07
N THR F 118 41.79 -23.20 20.28
CA THR F 118 42.77 -22.56 19.41
C THR F 118 42.28 -21.31 18.67
N VAL F 119 41.21 -21.46 17.91
CA VAL F 119 40.67 -20.35 17.15
C VAL F 119 40.16 -19.21 18.03
N ASN F 120 39.56 -19.54 19.16
CA ASN F 120 39.05 -18.49 20.04
C ASN F 120 40.19 -17.69 20.63
N ALA F 121 41.29 -18.36 20.96
CA ALA F 121 42.45 -17.68 21.52
C ALA F 121 42.96 -16.62 20.55
N ALA F 122 43.19 -17.00 19.30
CA ALA F 122 43.69 -16.05 18.31
C ALA F 122 42.70 -14.89 18.14
N PHE F 123 41.41 -15.22 18.28
CA PHE F 123 40.35 -14.23 18.16
C PHE F 123 40.55 -13.18 19.22
N VAL F 124 40.79 -13.62 20.46
CA VAL F 124 40.98 -12.66 21.53
C VAL F 124 42.30 -11.88 21.43
N ARG F 125 43.33 -12.54 20.94
CA ARG F 125 44.63 -11.89 20.78
C ARG F 125 44.43 -10.73 19.81
N GLU F 126 43.69 -11.02 18.75
CA GLU F 126 43.39 -10.02 17.75
C GLU F 126 42.57 -8.88 18.34
N SER F 127 41.61 -9.19 19.20
CA SER F 127 40.83 -8.11 19.79
C SER F 127 41.80 -7.23 20.60
N ALA F 128 42.64 -7.86 21.41
CA ALA F 128 43.60 -7.12 22.23
C ALA F 128 44.34 -6.09 21.39
N GLU F 129 44.89 -6.56 20.26
CA GLU F 129 45.62 -5.69 19.35
C GLU F 129 44.74 -4.56 18.79
N VAL F 130 43.51 -4.89 18.43
CA VAL F 130 42.58 -3.90 17.91
C VAL F 130 42.18 -2.88 18.97
N TYR F 131 41.81 -3.36 20.15
CA TYR F 131 41.41 -2.46 21.23
C TYR F 131 42.60 -1.54 21.55
N GLN F 132 43.80 -2.05 21.35
CA GLN F 132 45.00 -1.26 21.62
C GLN F 132 45.01 -0.11 20.64
N GLN F 133 45.10 -0.43 19.35
CA GLN F 133 45.12 0.55 18.28
C GLN F 133 43.95 1.52 18.28
N ARG F 134 42.75 1.02 18.60
CA ARG F 134 41.57 1.87 18.59
C ARG F 134 41.16 2.42 19.96
N HIS F 135 42.03 2.28 20.95
CA HIS F 135 41.78 2.79 22.29
C HIS F 135 40.47 2.33 22.95
N LYS F 136 40.34 1.02 23.10
CA LYS F 136 39.16 0.43 23.70
C LYS F 136 39.44 -0.30 25.00
N LEU F 137 40.71 -0.40 25.35
CA LEU F 137 41.12 -1.07 26.58
C LEU F 137 40.69 -0.27 27.80
N ARG F 138 40.63 -0.93 28.96
CA ARG F 138 40.22 -0.29 30.20
C ARG F 138 40.84 1.08 30.31
N LYS F 139 40.02 2.04 30.72
CA LYS F 139 40.40 3.42 30.91
C LYS F 139 41.91 3.67 30.91
N GLY F 140 42.61 3.32 31.99
CA GLY F 140 44.04 3.55 32.05
C GLY F 140 44.84 2.32 32.45
N SER F 141 44.93 2.08 33.75
CA SER F 141 45.67 0.92 34.27
C SER F 141 45.03 0.33 35.55
K K G . -12.46 8.33 -15.59
CO B12 H . -23.05 4.73 -14.97
N21 B12 H . -23.63 6.55 -14.92
N22 B12 H . -23.46 4.82 -16.97
N23 B12 H . -22.53 2.99 -15.04
N24 B12 H . -22.76 4.93 -13.24
C1 B12 H . -23.69 7.19 -13.50
C20 B12 H . -25.08 6.88 -12.94
C2 B12 H . -23.47 8.72 -13.82
C25 B12 H . -24.10 9.61 -12.70
C26 B12 H . -22.03 9.21 -13.95
C27 B12 H . -20.99 8.64 -14.91
O28 B12 H . -20.17 7.75 -14.59
N29 B12 H . -20.95 9.10 -16.16
C3 B12 H . -24.23 8.82 -15.23
C30 B12 H . -25.77 9.24 -15.30
C31 B12 H . -25.94 10.70 -15.68
C32 B12 H . -27.41 11.06 -15.74
O34 B12 H . -27.85 11.76 -14.82
N33 B12 H . -28.16 10.65 -16.68
C4 B12 H . -23.97 7.42 -15.86
C5 B12 H . -24.03 7.18 -17.30
C35 B12 H . -24.34 8.35 -18.21
C6 B12 H . -23.83 5.87 -17.77
C7 B12 H . -23.93 5.39 -19.31
C36 B12 H . -25.26 5.77 -20.04
C37 B12 H . -22.64 5.88 -20.07
C38 B12 H . -22.42 5.54 -21.59
O39 B12 H . -23.20 4.89 -22.25
N40 B12 H . -21.26 6.01 -22.14
C8 B12 H . -23.72 3.88 -19.22
C41 B12 H . -24.92 2.87 -19.63
C42 B12 H . -26.16 2.76 -18.70
C43 B12 H . -26.87 1.44 -18.63
O44 B12 H . -26.97 0.99 -17.45
N45 B12 H . -27.33 0.82 -19.68
C9 B12 H . -23.34 3.69 -17.75
C10 B12 H . -22.72 2.52 -17.40
C11 B12 H . -22.41 2.15 -16.16
C12 B12 H . -21.58 0.86 -15.83
C46 B12 H . -20.07 1.28 -16.10
C47 B12 H . -21.75 -0.34 -16.76
C13 B12 H . -21.87 0.76 -14.36
C48 B12 H . -23.07 -0.22 -14.05
C49 B12 H . -24.45 -0.16 -14.89
C50 B12 H . -25.51 -1.12 -14.60
O51 B12 H . -25.42 -2.01 -13.72
N52 B12 H . -26.59 -0.95 -15.38
C14 B12 H . -22.14 2.23 -13.90
C15 B12 H . -22.06 2.70 -12.58
C53 B12 H . -21.61 1.65 -11.53
C16 B12 H . -22.35 4.08 -12.25
C17 B12 H . -22.05 4.83 -10.89
C54 B12 H . -20.52 5.18 -10.77
C55 B12 H . -22.43 4.16 -9.54
C56 B12 H . -23.88 3.65 -9.34
C57 B12 H . -24.02 2.78 -8.09
O58 B12 H . -23.02 1.94 -8.00
N59 B12 H . -25.03 2.90 -7.27
C18 B12 H . -22.91 6.15 -11.11
C60 B12 H . -22.62 7.34 -10.25
C61 B12 H . -23.71 7.83 -9.28
O63 B12 H . -24.49 7.00 -8.81
N62 B12 H . -23.74 9.08 -8.99
C19 B12 H . -22.68 6.35 -12.66
C1P B12 H . -25.13 2.04 -6.08
C2P B12 H . -26.08 0.91 -6.18
C3P B12 H . -26.17 0.03 -5.02
O3 B12 H . -27.33 1.52 -6.52
O4 B12 H . -29.43 1.90 -7.69
O5 B12 H . -28.57 -0.40 -7.64
P B12 H . -28.22 1.01 -7.73
O2 B12 H . -27.28 1.59 -8.86
C3R B12 H . -27.62 1.39 -10.22
C2R B12 H . -27.70 2.64 -11.01
O7R B12 H . -26.78 3.59 -10.70
C1R B12 H . -27.53 2.00 -12.43
O6R B12 H . -26.52 1.01 -12.33
C4R B12 H . -26.55 0.56 -10.92
C5R B12 H . -26.82 -0.89 -11.01
O8R B12 H . -26.28 -1.51 -9.90
N1B B12 H . -27.09 2.94 -13.47
C8B B12 H . -27.77 3.76 -14.32
C2B B12 H . -25.77 3.07 -13.67
N3B B12 H . -25.53 3.93 -14.64
C9B B12 H . -26.78 4.40 -15.09
C4B B12 H . -27.06 5.36 -16.12
C5B B12 H . -28.40 5.69 -16.41
C5M B12 H . -28.65 6.70 -17.49
C6B B12 H . -29.46 5.05 -15.63
C6M B12 H . -30.96 5.32 -15.84
C7B B12 H . -29.11 4.10 -14.61
K K I . 11.84 -8.19 16.41
CO B12 J . 15.77 0.33 22.97
N21 B12 J . 14.93 -0.55 24.43
N22 B12 J . 17.47 -0.64 23.54
N23 B12 J . 16.57 1.15 21.55
N24 B12 J . 14.17 1.05 22.68
C1 B12 J . 13.47 -0.13 24.69
C20 B12 J . 13.52 1.09 25.60
C2 B12 J . 12.87 -1.42 25.40
C25 B12 J . 11.68 -1.03 26.31
C26 B12 J . 12.38 -2.48 24.43
C27 B12 J . 13.31 -3.21 23.43
O28 B12 J . 13.88 -4.28 23.70
N29 B12 J . 13.55 -2.65 22.24
C3 B12 J . 14.11 -2.02 26.19
C30 B12 J . 14.25 -2.15 27.79
C31 B12 J . 14.99 -1.13 28.58
C32 B12 J . 14.93 -1.54 30.05
O34 B12 J . 13.82 -1.86 30.51
N33 B12 J . 15.95 -1.59 30.79
C4 B12 J . 15.35 -1.52 25.29
C5 B12 J . 16.69 -2.14 25.33
C35 B12 J . 16.95 -3.31 26.28
C6 B12 J . 17.70 -1.62 24.51
C7 B12 J . 19.22 -2.12 24.44
C36 B12 J . 19.99 -2.17 25.81
C37 B12 J . 19.24 -3.46 23.64
C38 B12 J . 20.59 -4.21 23.36
O39 B12 J . 21.65 -3.81 23.75
N40 B12 J . 20.48 -5.35 22.62
C8 B12 J . 19.85 -1.14 23.44
C41 B12 J . 20.95 -0.10 23.94
C42 B12 J . 20.47 1.13 24.77
C43 B12 J . 21.16 2.43 24.54
O44 B12 J . 20.40 3.46 24.69
N45 B12 J . 22.44 2.51 24.23
C9 B12 J . 18.64 -0.41 22.88
C10 B12 J . 18.80 0.22 21.68
C11 B12 J . 17.89 0.98 21.09
C12 B12 J . 18.08 1.55 19.65
C46 B12 J . 17.68 0.34 18.69
C47 B12 J . 19.50 1.88 19.20
C13 B12 J . 17.00 2.61 19.66
C48 B12 J . 17.57 4.01 20.04
C49 B12 J . 18.47 4.18 21.35
C50 B12 J . 19.02 5.49 21.63
O51 B12 J . 18.81 6.45 20.86
N52 B12 J . 19.76 5.54 22.73
C14 B12 J . 15.94 2.09 20.68
C15 B12 J . 14.59 2.50 20.75
C53 B12 J . 14.16 3.54 19.69
C16 B12 J . 13.69 1.96 21.75
C17 B12 J . 12.13 2.08 21.75
C54 B12 J . 11.53 1.15 20.62
C55 B12 J . 11.45 3.49 21.58
C56 B12 J . 11.85 4.62 22.54
C57 B12 J . 11.07 5.91 22.34
O58 B12 J . 9.91 5.85 22.89
N59 B12 J . 11.57 6.91 21.69
C18 B12 J . 11.83 1.50 23.22
C60 B12 J . 10.44 1.04 23.52
C61 B12 J . 9.67 1.82 24.60
O63 B12 J . 10.13 2.89 24.96
N62 B12 J . 8.58 1.30 25.06
C19 B12 J . 12.94 0.39 23.31
C1P B12 J . 10.81 8.15 21.49
C2P B12 J . 11.40 9.40 22.03
C3P B12 J . 10.64 10.62 21.78
O3 B12 J . 11.55 9.20 23.46
O4 B12 J . 12.66 9.09 25.64
O5 B12 J . 13.63 10.55 23.96
P B12 J . 12.95 9.30 24.19
O2 B12 J . 13.50 7.90 23.69
C3R B12 J . 14.79 7.53 24.08
C2R B12 J . 14.84 6.33 24.99
O7R B12 J . 13.83 5.43 24.83
C1R B12 J . 16.25 5.80 24.61
O6R B12 J . 16.40 5.94 23.20
C4R B12 J . 15.65 7.16 22.84
C5R B12 J . 16.71 8.14 22.46
O8R B12 J . 16.18 9.12 21.65
N1B B12 J . 16.47 4.35 24.93
C8B B12 J . 16.96 3.73 26.03
C2B B12 J . 16.15 3.45 23.98
N3B B12 J . 16.40 2.22 24.41
C9B B12 J . 16.92 2.36 25.72
C4B B12 J . 17.36 1.32 26.62
C5B B12 J . 17.85 1.70 27.88
C5M B12 J . 18.30 0.60 28.81
C6B B12 J . 17.90 3.12 28.23
C6M B12 J . 18.42 3.66 29.56
C7B B12 J . 17.45 4.08 27.28
#